data_9AYI
#
_entry.id   9AYI
#
_cell.length_a   74.325
_cell.length_b   98.166
_cell.length_c   107.739
_cell.angle_alpha   65.32
_cell.angle_beta   70.75
_cell.angle_gamma   74.89
#
_symmetry.space_group_name_H-M   'P 1'
#
loop_
_entity.id
_entity.type
_entity.pdbx_description
1 polymer 'NAD-dependent malic enzyme, mitochondrial'
2 non-polymer NICOTINAMIDE-ADENINE-DINUCLEOTIDE
3 non-polymer 1,2-ETHANEDIOL
4 non-polymer 'CHLORIDE ION'
5 non-polymer 'MAGNESIUM ION'
6 non-polymer 'L(+)-TARTARIC ACID'
7 water water
#
_entity_poly.entity_id   1
_entity_poly.type   'polypeptide(L)'
_entity_poly.pdbx_seq_one_letter_code
;MLHIKEKGKPLMLNPRTNKGMAFTLQERQMLGLQGLLPPKIETQDIQALRFHRNLKKMTSPLEKYIYIMGIQERNEKLFY
RILQDDIESLMPIVYTPTVGLA(CSX)SQYGHIFRRPKGLFISISDRGHVRSIVDNWPENHVKAVVVTDGERILGLGDLG
VYGMGIPVGKLCLYTACAGIRPDRCLPVCIDVGTDNIALLKDPFYMGLYQKRDRTQQYDDLIDEFMKAITDRYGRNTLIQ
FEDFGNHNAFRFLRKYREKYCTFNDDIQGTAAVALAGLLAAQKVISKPISEHKILFLGAGEAALGIANLIVMSMVENGLS
EQEAQKKIWMFDKYGLLVKGRKAKIDSYQEPFTHSAPESIPDTFEDAVNILKPSTIIGVAGAGRLFTPDVIRAMASINER
PVIFALSNPTAQAECTAEEAYTLTEGRCLFASGSPFGPVKLTDGRVFTPGQGNNVYIFPGVALAVILCNTRHISDSVFLE
AAKALTSQLTDEELAQGRLYPPLANIQEVSINIAIKVTEYLYANKMAFRYPEPEDKAKYVKERTWRSEYDSLLPDVYEWP
ESASSPPVITELEHHHHHH
;
_entity_poly.pdbx_strand_id   A,B,C,D
#
loop_
_chem_comp.id
_chem_comp.type
_chem_comp.name
_chem_comp.formula
CL non-polymer 'CHLORIDE ION' 'Cl -1'
EDO non-polymer 1,2-ETHANEDIOL 'C2 H6 O2'
MG non-polymer 'MAGNESIUM ION' 'Mg 2'
NAD non-polymer NICOTINAMIDE-ADENINE-DINUCLEOTIDE 'C21 H27 N7 O14 P2'
TLA non-polymer 'L(+)-TARTARIC ACID' 'C4 H6 O6'
#
# COMPACT_ATOMS: atom_id res chain seq x y z
N LYS A 5 4.45 0.77 6.54
CA LYS A 5 4.09 0.03 5.30
C LYS A 5 4.82 -1.31 5.28
N GLU A 6 4.10 -2.40 5.55
CA GLU A 6 4.68 -3.73 5.58
C GLU A 6 5.15 -4.09 4.17
N LYS A 7 6.48 -4.20 4.01
CA LYS A 7 7.09 -4.41 2.70
C LYS A 7 6.86 -5.85 2.27
N GLY A 8 6.47 -6.04 1.01
CA GLY A 8 6.16 -7.34 0.46
C GLY A 8 4.94 -7.30 -0.44
N LYS A 9 4.47 -8.49 -0.85
CA LYS A 9 3.33 -8.61 -1.74
C LYS A 9 2.05 -8.70 -0.90
N PRO A 10 1.13 -7.72 -1.01
CA PRO A 10 -0.10 -7.70 -0.19
C PRO A 10 -0.93 -8.99 -0.18
N LEU A 11 -0.99 -9.69 -1.32
CA LEU A 11 -1.79 -10.90 -1.43
C LEU A 11 -1.27 -11.98 -0.49
N MET A 12 0.04 -11.97 -0.22
CA MET A 12 0.69 -12.94 0.64
C MET A 12 0.55 -12.52 2.11
N LEU A 13 0.65 -11.20 2.36
CA LEU A 13 0.70 -10.67 3.70
C LEU A 13 -0.70 -10.57 4.32
N ASN A 14 -1.71 -10.42 3.47
CA ASN A 14 -3.09 -10.26 3.92
C ASN A 14 -3.69 -11.64 4.16
N PRO A 15 -4.04 -12.00 5.42
CA PRO A 15 -4.60 -13.33 5.70
C PRO A 15 -5.89 -13.63 4.96
N ARG A 16 -6.59 -12.59 4.48
CA ARG A 16 -7.83 -12.77 3.77
C ARG A 16 -7.60 -13.38 2.38
N THR A 17 -6.46 -13.03 1.75
CA THR A 17 -6.17 -13.48 0.39
C THR A 17 -5.08 -14.55 0.38
N ASN A 18 -4.25 -14.61 1.43
CA ASN A 18 -3.08 -15.49 1.48
C ASN A 18 -3.46 -16.96 1.37
N LYS A 19 -2.76 -17.68 0.49
CA LYS A 19 -2.96 -19.11 0.28
C LYS A 19 -1.75 -19.91 0.74
N GLY A 20 -0.66 -19.21 1.12
CA GLY A 20 0.55 -19.89 1.56
C GLY A 20 1.07 -20.82 0.48
N MET A 21 1.36 -22.08 0.85
CA MET A 21 1.94 -23.03 -0.10
C MET A 21 0.92 -23.50 -1.14
N ALA A 22 -0.34 -23.06 -1.05
CA ALA A 22 -1.34 -23.39 -2.06
C ALA A 22 -1.34 -22.40 -3.23
N PHE A 23 -0.59 -21.31 -3.13
CA PHE A 23 -0.32 -20.50 -4.32
C PHE A 23 0.29 -21.41 -5.39
N THR A 24 -0.26 -21.39 -6.60
CA THR A 24 0.22 -22.25 -7.67
C THR A 24 1.54 -21.68 -8.19
N LEU A 25 2.29 -22.49 -8.95
CA LEU A 25 3.54 -22.04 -9.53
C LEU A 25 3.32 -20.78 -10.35
N GLN A 26 2.28 -20.79 -11.21
CA GLN A 26 2.01 -19.65 -12.08
C GLN A 26 1.59 -18.43 -11.26
N GLU A 27 0.79 -18.63 -10.21
CA GLU A 27 0.38 -17.54 -9.35
C GLU A 27 1.61 -16.90 -8.71
N ARG A 28 2.51 -17.74 -8.19
CA ARG A 28 3.71 -17.26 -7.53
C ARG A 28 4.56 -16.43 -8.49
N GLN A 29 4.73 -16.91 -9.72
CA GLN A 29 5.60 -16.22 -10.67
C GLN A 29 4.99 -14.89 -11.08
N MET A 30 3.69 -14.90 -11.40
CA MET A 30 3.06 -13.72 -11.97
C MET A 30 2.86 -12.64 -10.90
N LEU A 31 2.70 -13.05 -9.64
CA LEU A 31 2.41 -12.12 -8.55
C LEU A 31 3.67 -11.73 -7.79
N GLY A 32 4.84 -12.23 -8.21
CA GLY A 32 6.11 -11.86 -7.60
C GLY A 32 6.35 -12.53 -6.25
N LEU A 33 5.86 -13.77 -6.08
CA LEU A 33 6.01 -14.52 -4.85
C LEU A 33 7.06 -15.62 -5.00
N GLN A 34 7.56 -15.84 -6.22
CA GLN A 34 8.47 -16.94 -6.48
C GLN A 34 9.72 -16.77 -5.62
N GLY A 35 10.03 -17.81 -4.83
CA GLY A 35 11.19 -17.80 -3.96
C GLY A 35 10.85 -17.37 -2.53
N LEU A 36 9.64 -16.83 -2.31
CA LEU A 36 9.22 -16.39 -0.99
C LEU A 36 8.50 -17.52 -0.27
N LEU A 37 8.28 -18.64 -0.98
CA LEU A 37 7.65 -19.83 -0.43
C LEU A 37 8.53 -21.03 -0.77
N PRO A 38 8.49 -22.11 0.04
CA PRO A 38 9.24 -23.34 -0.26
C PRO A 38 8.84 -23.90 -1.62
N PRO A 39 9.72 -24.64 -2.31
CA PRO A 39 9.45 -25.11 -3.67
C PRO A 39 8.55 -26.33 -3.75
N LYS A 40 7.39 -26.23 -3.11
CA LYS A 40 6.37 -27.27 -3.16
C LYS A 40 5.00 -26.59 -3.20
N ILE A 41 4.15 -27.07 -4.12
CA ILE A 41 2.81 -26.56 -4.31
C ILE A 41 1.86 -27.54 -3.65
N GLU A 42 1.07 -27.07 -2.68
CA GLU A 42 0.13 -27.93 -1.97
C GLU A 42 -1.30 -27.49 -2.29
N THR A 43 -2.25 -28.40 -2.04
CA THR A 43 -3.66 -28.07 -2.06
C THR A 43 -4.08 -27.71 -0.64
N GLN A 44 -5.26 -27.10 -0.49
CA GLN A 44 -5.83 -26.85 0.82
C GLN A 44 -6.00 -28.16 1.60
N ASP A 45 -6.30 -29.25 0.88
CA ASP A 45 -6.41 -30.57 1.49
C ASP A 45 -5.14 -30.92 2.27
N ILE A 46 -3.96 -30.72 1.68
CA ILE A 46 -2.71 -31.11 2.31
C ILE A 46 -2.42 -30.20 3.51
N GLN A 47 -2.67 -28.89 3.36
CA GLN A 47 -2.44 -27.95 4.44
C GLN A 47 -3.28 -28.30 5.67
N ALA A 48 -4.52 -28.73 5.43
CA ALA A 48 -5.44 -29.05 6.51
C ALA A 48 -4.98 -30.30 7.25
N LEU A 49 -4.52 -31.32 6.51
CA LEU A 49 -4.05 -32.56 7.09
C LEU A 49 -2.80 -32.33 7.95
N ARG A 50 -1.92 -31.42 7.52
CA ARG A 50 -0.75 -31.08 8.31
C ARG A 50 -1.19 -30.47 9.65
N PHE A 51 -2.18 -29.56 9.58
CA PHE A 51 -2.70 -28.90 10.77
C PHE A 51 -3.27 -29.94 11.73
N HIS A 52 -4.12 -30.85 11.22
CA HIS A 52 -4.82 -31.82 12.03
C HIS A 52 -3.80 -32.71 12.74
N ARG A 53 -2.75 -33.10 12.02
CA ARG A 53 -1.68 -33.92 12.58
C ARG A 53 -1.01 -33.18 13.74
N ASN A 54 -0.68 -31.91 13.53
CA ASN A 54 0.00 -31.10 14.54
C ASN A 54 -0.88 -30.92 15.77
N LEU A 55 -2.21 -30.84 15.58
CA LEU A 55 -3.12 -30.52 16.66
C LEU A 55 -3.13 -31.65 17.69
N LYS A 56 -3.09 -32.91 17.21
CA LYS A 56 -3.11 -34.08 18.07
C LYS A 56 -1.92 -34.10 19.03
N LYS A 57 -0.84 -33.39 18.70
CA LYS A 57 0.36 -33.37 19.53
C LYS A 57 0.33 -32.19 20.51
N MET A 58 -0.72 -31.37 20.44
CA MET A 58 -0.98 -30.37 21.45
C MET A 58 -1.72 -31.06 22.61
N THR A 59 -1.44 -30.65 23.85
CA THR A 59 -2.01 -31.35 25.00
C THR A 59 -3.27 -30.63 25.47
N SER A 60 -3.10 -29.43 26.04
CA SER A 60 -4.18 -28.72 26.71
C SER A 60 -5.11 -28.07 25.68
N PRO A 61 -6.40 -27.84 26.03
CA PRO A 61 -7.29 -27.05 25.18
C PRO A 61 -6.76 -25.64 24.93
N LEU A 62 -6.06 -25.08 25.93
CA LEU A 62 -5.47 -23.75 25.82
C LEU A 62 -4.40 -23.73 24.74
N GLU A 63 -3.59 -24.79 24.66
CA GLU A 63 -2.51 -24.87 23.68
C GLU A 63 -3.08 -24.98 22.27
N LYS A 64 -4.16 -25.76 22.12
CA LYS A 64 -4.84 -25.92 20.84
C LYS A 64 -5.44 -24.59 20.38
N TYR A 65 -6.00 -23.83 21.34
CA TYR A 65 -6.65 -22.55 21.05
C TYR A 65 -5.63 -21.58 20.47
N ILE A 66 -4.49 -21.44 21.14
CA ILE A 66 -3.43 -20.53 20.74
C ILE A 66 -2.97 -20.86 19.31
N TYR A 67 -2.90 -22.16 19.01
CA TYR A 67 -2.38 -22.63 17.74
C TYR A 67 -3.38 -22.37 16.60
N ILE A 68 -4.66 -22.73 16.81
N ILE A 68 -4.64 -22.76 16.82
CA ILE A 68 -5.66 -22.61 15.76
CA ILE A 68 -5.71 -22.62 15.84
C ILE A 68 -5.96 -21.13 15.49
C ILE A 68 -5.91 -21.14 15.51
N MET A 69 -6.01 -20.30 16.55
CA MET A 69 -6.31 -18.88 16.38
C MET A 69 -5.17 -18.17 15.66
N GLY A 70 -3.94 -18.65 15.83
CA GLY A 70 -2.79 -18.12 15.09
C GLY A 70 -3.01 -18.19 13.58
N ILE A 71 -3.68 -19.26 13.13
CA ILE A 71 -3.94 -19.46 11.71
C ILE A 71 -4.90 -18.40 11.19
N GLN A 72 -5.86 -17.95 12.03
CA GLN A 72 -6.78 -16.91 11.63
C GLN A 72 -6.02 -15.67 11.17
N GLU A 73 -4.90 -15.38 11.84
CA GLU A 73 -4.10 -14.19 11.54
C GLU A 73 -3.12 -14.43 10.40
N ARG A 74 -3.11 -15.63 9.80
CA ARG A 74 -2.17 -15.96 8.73
C ARG A 74 -2.88 -16.30 7.42
N ASN A 75 -3.89 -17.18 7.50
CA ASN A 75 -4.57 -17.73 6.33
C ASN A 75 -6.03 -17.99 6.70
N GLU A 76 -6.91 -17.06 6.34
CA GLU A 76 -8.28 -17.06 6.81
C GLU A 76 -9.03 -18.28 6.26
N LYS A 77 -8.86 -18.58 4.97
CA LYS A 77 -9.59 -19.67 4.37
C LYS A 77 -9.15 -21.02 4.94
N LEU A 78 -7.85 -21.20 5.16
CA LEU A 78 -7.34 -22.40 5.80
C LEU A 78 -7.94 -22.54 7.21
N PHE A 79 -7.98 -21.44 7.96
CA PHE A 79 -8.52 -21.43 9.31
C PHE A 79 -9.96 -21.96 9.30
N TYR A 80 -10.80 -21.43 8.39
CA TYR A 80 -12.21 -21.83 8.36
C TYR A 80 -12.36 -23.25 7.84
N ARG A 81 -11.51 -23.68 6.90
CA ARG A 81 -11.53 -25.05 6.41
C ARG A 81 -11.30 -26.04 7.56
N ILE A 82 -10.31 -25.70 8.40
CA ILE A 82 -9.90 -26.52 9.53
C ILE A 82 -11.03 -26.64 10.55
N LEU A 83 -11.64 -25.49 10.86
CA LEU A 83 -12.73 -25.44 11.82
C LEU A 83 -13.90 -26.27 11.29
N GLN A 84 -14.21 -26.15 9.99
CA GLN A 84 -15.30 -26.87 9.38
C GLN A 84 -15.02 -28.38 9.33
N ASP A 85 -13.75 -28.77 9.10
CA ASP A 85 -13.37 -30.17 9.03
C ASP A 85 -13.72 -30.90 10.33
N ASP A 86 -13.45 -30.26 11.47
CA ASP A 86 -13.48 -30.92 12.77
C ASP A 86 -14.35 -30.10 13.72
N ILE A 87 -15.55 -29.75 13.25
CA ILE A 87 -16.33 -28.69 13.85
C ILE A 87 -16.80 -29.09 15.26
N GLU A 88 -17.25 -30.33 15.43
CA GLU A 88 -17.80 -30.74 16.71
C GLU A 88 -16.74 -30.65 17.81
N SER A 89 -15.51 -31.06 17.46
CA SER A 89 -14.42 -31.09 18.43
C SER A 89 -13.81 -29.71 18.67
N LEU A 90 -13.93 -28.80 17.68
CA LEU A 90 -13.18 -27.56 17.74
C LEU A 90 -14.04 -26.40 18.23
N MET A 91 -15.38 -26.52 18.19
CA MET A 91 -16.25 -25.46 18.68
C MET A 91 -15.98 -25.20 20.16
N PRO A 92 -15.78 -26.22 21.01
CA PRO A 92 -15.40 -26.01 22.42
C PRO A 92 -14.01 -25.45 22.67
N ILE A 93 -13.17 -25.41 21.62
CA ILE A 93 -11.83 -24.86 21.70
C ILE A 93 -11.86 -23.38 21.35
N VAL A 94 -12.48 -23.05 20.22
CA VAL A 94 -12.51 -21.69 19.72
C VAL A 94 -13.52 -20.87 20.52
N TYR A 95 -14.52 -21.53 21.11
CA TYR A 95 -15.53 -20.82 21.89
C TYR A 95 -15.57 -21.41 23.30
N THR A 96 -16.74 -21.32 23.96
N THR A 96 -16.74 -21.33 23.95
CA THR A 96 -16.92 -21.77 25.33
CA THR A 96 -16.92 -21.76 25.32
C THR A 96 -16.74 -23.28 25.39
C THR A 96 -16.75 -23.29 25.40
N PRO A 97 -16.06 -23.84 26.42
CA PRO A 97 -15.48 -23.08 27.53
C PRO A 97 -13.99 -22.67 27.54
N THR A 98 -13.26 -22.96 26.46
CA THR A 98 -11.83 -22.71 26.45
C THR A 98 -11.54 -21.20 26.34
N VAL A 99 -12.32 -20.50 25.52
CA VAL A 99 -11.91 -19.19 25.02
C VAL A 99 -11.68 -18.21 26.18
N GLY A 100 -12.51 -18.29 27.23
CA GLY A 100 -12.43 -17.34 28.34
C GLY A 100 -11.15 -17.49 29.17
N LEU A 101 -10.52 -18.68 29.12
CA LEU A 101 -9.32 -18.95 29.90
C LEU A 101 -8.08 -18.30 29.28
N ALA A 102 -8.12 -18.03 27.97
CA ALA A 102 -6.92 -17.73 27.18
C ALA A 102 -6.25 -16.42 27.60
N CSX A 103 -7.02 -15.32 27.68
CA CSX A 103 -6.44 -14.02 28.01
CB CSX A 103 -7.45 -12.89 27.90
SG CSX A 103 -7.94 -12.57 26.18
C CSX A 103 -5.85 -14.04 29.42
O CSX A 103 -4.73 -13.57 29.64
OD CSX A 103 -6.66 -12.27 25.43
N SER A 104 -6.61 -14.59 30.37
N SER A 104 -6.61 -14.59 30.37
CA SER A 104 -6.19 -14.67 31.76
CA SER A 104 -6.19 -14.65 31.76
C SER A 104 -4.85 -15.37 31.87
C SER A 104 -4.85 -15.39 31.89
N GLN A 105 -4.69 -16.46 31.11
CA GLN A 105 -3.47 -17.26 31.16
C GLN A 105 -2.33 -16.59 30.39
N TYR A 106 -2.60 -16.06 29.19
CA TYR A 106 -1.53 -15.70 28.26
C TYR A 106 -1.48 -14.21 27.96
N GLY A 107 -2.63 -13.52 27.97
CA GLY A 107 -2.73 -12.21 27.36
C GLY A 107 -2.68 -12.34 25.84
N HIS A 108 -2.15 -11.31 25.17
CA HIS A 108 -2.03 -11.31 23.72
C HIS A 108 -0.89 -10.39 23.31
N ILE A 109 -0.20 -10.75 22.22
CA ILE A 109 0.73 -9.86 21.53
C ILE A 109 0.07 -9.43 20.22
N PHE A 110 -0.14 -8.12 20.09
CA PHE A 110 -0.95 -7.55 19.01
C PHE A 110 -0.10 -7.30 17.77
N ARG A 111 -0.68 -7.66 16.61
CA ARG A 111 -0.30 -7.09 15.32
C ARG A 111 -1.60 -6.61 14.67
N ARG A 112 -2.35 -7.56 14.09
N ARG A 112 -2.37 -7.56 14.10
CA ARG A 112 -3.64 -7.25 13.49
CA ARG A 112 -3.62 -7.22 13.46
C ARG A 112 -4.63 -6.92 14.60
C ARG A 112 -4.69 -6.98 14.53
N PRO A 113 -5.58 -5.98 14.37
CA PRO A 113 -6.68 -5.78 15.32
C PRO A 113 -7.55 -7.04 15.39
N LYS A 114 -7.95 -7.41 16.60
CA LYS A 114 -8.84 -8.53 16.85
C LYS A 114 -10.29 -8.08 16.71
N GLY A 115 -10.52 -6.80 17.02
CA GLY A 115 -11.82 -6.17 17.00
C GLY A 115 -11.70 -4.77 17.58
N LEU A 116 -12.83 -4.15 17.91
CA LEU A 116 -12.84 -2.80 18.46
C LEU A 116 -12.91 -2.89 19.98
N PHE A 117 -12.10 -2.05 20.64
CA PHE A 117 -12.20 -1.79 22.06
C PHE A 117 -12.73 -0.37 22.25
N ILE A 118 -13.87 -0.26 22.94
CA ILE A 118 -14.47 1.03 23.25
C ILE A 118 -14.50 1.15 24.77
N SER A 119 -13.77 2.12 25.32
CA SER A 119 -13.69 2.29 26.76
C SER A 119 -14.55 3.46 27.21
N ILE A 120 -14.87 3.46 28.51
CA ILE A 120 -15.63 4.55 29.12
C ILE A 120 -14.84 5.85 29.01
N SER A 121 -13.51 5.75 28.92
CA SER A 121 -12.67 6.92 28.74
C SER A 121 -12.81 7.54 27.35
N ASP A 122 -13.46 6.80 26.43
CA ASP A 122 -13.64 7.25 25.05
C ASP A 122 -15.04 7.85 24.84
N ARG A 123 -15.80 8.05 25.91
CA ARG A 123 -17.14 8.63 25.81
C ARG A 123 -17.07 9.96 25.05
N GLY A 124 -18.01 10.16 24.12
CA GLY A 124 -18.04 11.33 23.26
C GLY A 124 -17.22 11.17 21.98
N HIS A 125 -16.40 10.11 21.89
CA HIS A 125 -15.51 9.92 20.76
C HIS A 125 -15.65 8.51 20.19
N VAL A 126 -16.82 7.88 20.36
CA VAL A 126 -17.00 6.49 19.94
C VAL A 126 -17.00 6.39 18.42
N ARG A 127 -17.62 7.36 17.73
CA ARG A 127 -17.69 7.31 16.28
C ARG A 127 -16.29 7.27 15.65
N SER A 128 -15.34 8.03 16.20
CA SER A 128 -14.00 8.05 15.63
C SER A 128 -13.32 6.69 15.79
N ILE A 129 -13.67 5.94 16.85
CA ILE A 129 -13.18 4.58 17.04
C ILE A 129 -13.81 3.66 16.00
N VAL A 130 -15.13 3.76 15.81
CA VAL A 130 -15.82 2.94 14.82
C VAL A 130 -15.25 3.24 13.43
N ASP A 131 -14.85 4.49 13.19
CA ASP A 131 -14.32 4.89 11.89
C ASP A 131 -12.92 4.32 11.65
N ASN A 132 -12.23 3.88 12.72
CA ASN A 132 -10.91 3.29 12.57
C ASN A 132 -10.98 1.81 12.18
N TRP A 133 -12.15 1.18 12.26
CA TRP A 133 -12.24 -0.19 11.78
C TRP A 133 -12.04 -0.21 10.27
N PRO A 134 -11.11 -1.03 9.72
CA PRO A 134 -10.79 -0.95 8.30
C PRO A 134 -11.78 -1.53 7.29
N GLU A 135 -12.79 -2.29 7.75
CA GLU A 135 -13.78 -2.88 6.85
C GLU A 135 -14.99 -1.97 6.75
N ASN A 136 -15.55 -1.83 5.53
CA ASN A 136 -16.57 -0.83 5.25
C ASN A 136 -17.98 -1.41 5.17
N HIS A 137 -18.13 -2.74 5.18
CA HIS A 137 -19.43 -3.36 4.93
C HIS A 137 -19.82 -4.37 6.01
N VAL A 138 -19.67 -3.98 7.27
CA VAL A 138 -20.00 -4.83 8.40
C VAL A 138 -21.50 -5.14 8.41
N LYS A 139 -21.82 -6.44 8.56
CA LYS A 139 -23.20 -6.91 8.63
C LYS A 139 -23.53 -7.51 10.00
N ALA A 140 -22.51 -7.95 10.76
CA ALA A 140 -22.70 -8.69 12.00
C ALA A 140 -21.72 -8.23 13.06
N VAL A 141 -22.27 -7.68 14.16
CA VAL A 141 -21.52 -7.23 15.31
C VAL A 141 -21.87 -8.10 16.50
N VAL A 142 -20.87 -8.61 17.21
CA VAL A 142 -21.07 -9.23 18.52
C VAL A 142 -20.32 -8.40 19.56
N VAL A 143 -21.02 -7.98 20.62
CA VAL A 143 -20.48 -7.08 21.62
C VAL A 143 -20.65 -7.68 23.02
N THR A 144 -19.61 -7.49 23.86
CA THR A 144 -19.65 -7.84 25.28
C THR A 144 -19.02 -6.70 26.08
N ASP A 145 -19.36 -6.65 27.38
CA ASP A 145 -18.65 -5.82 28.35
C ASP A 145 -17.84 -6.68 29.32
N GLY A 146 -17.88 -8.00 29.12
CA GLY A 146 -17.00 -8.92 29.86
C GLY A 146 -17.46 -9.17 31.30
N GLU A 147 -18.68 -8.72 31.66
CA GLU A 147 -19.11 -8.78 33.05
C GLU A 147 -19.51 -10.20 33.44
N ARG A 148 -20.10 -10.96 32.52
CA ARG A 148 -20.63 -12.29 32.85
C ARG A 148 -20.26 -13.28 31.76
N ILE A 149 -18.96 -13.60 31.68
CA ILE A 149 -18.48 -14.61 30.76
C ILE A 149 -19.02 -15.95 31.23
N LEU A 150 -19.74 -16.65 30.35
CA LEU A 150 -20.46 -17.85 30.74
C LEU A 150 -19.48 -18.78 31.45
N GLY A 151 -19.75 -19.04 32.73
CA GLY A 151 -19.01 -20.03 33.50
C GLY A 151 -17.78 -19.46 34.21
N LEU A 152 -17.46 -18.18 33.99
CA LEU A 152 -16.20 -17.63 34.49
C LEU A 152 -16.39 -16.33 35.26
N GLY A 153 -17.46 -15.57 35.01
CA GLY A 153 -17.70 -14.33 35.73
C GLY A 153 -17.06 -13.13 35.04
N ASP A 154 -16.66 -12.13 35.84
CA ASP A 154 -16.22 -10.85 35.35
C ASP A 154 -14.74 -10.93 34.97
N LEU A 155 -14.43 -10.88 33.67
CA LEU A 155 -13.07 -10.97 33.19
C LEU A 155 -12.63 -9.65 32.55
N GLY A 156 -13.47 -8.62 32.60
CA GLY A 156 -13.14 -7.33 32.01
C GLY A 156 -12.78 -7.48 30.53
N VAL A 157 -11.67 -6.84 30.12
CA VAL A 157 -11.23 -6.86 28.73
C VAL A 157 -10.65 -8.22 28.37
N TYR A 158 -10.38 -9.08 29.37
CA TYR A 158 -9.96 -10.44 29.09
C TYR A 158 -11.09 -11.31 28.51
N GLY A 159 -12.25 -10.70 28.25
N GLY A 159 -12.25 -10.69 28.23
N GLY A 159 -12.25 -10.70 28.25
N GLY A 159 -12.24 -10.69 28.20
CA GLY A 159 -13.36 -11.35 27.55
CA GLY A 159 -13.36 -11.37 27.56
CA GLY A 159 -13.34 -11.35 27.53
CA GLY A 159 -13.37 -11.39 27.60
C GLY A 159 -13.41 -10.94 26.08
C GLY A 159 -13.53 -10.89 26.13
C GLY A 159 -13.39 -10.90 26.07
C GLY A 159 -13.57 -11.05 26.13
N MET A 160 -12.39 -10.19 25.64
N MET A 160 -12.52 -10.21 25.59
N MET A 160 -12.33 -10.21 25.62
N MET A 160 -12.66 -10.23 25.56
CA MET A 160 -12.26 -9.79 24.24
CA MET A 160 -12.53 -9.81 24.18
CA MET A 160 -12.21 -9.78 24.23
CA MET A 160 -12.77 -9.86 24.15
C MET A 160 -12.46 -11.01 23.33
C MET A 160 -12.53 -11.05 23.29
C MET A 160 -12.41 -10.99 23.31
C MET A 160 -12.57 -11.08 23.27
N GLY A 161 -11.97 -12.17 23.78
CA GLY A 161 -11.96 -13.41 23.02
C GLY A 161 -13.36 -13.96 22.72
N ILE A 162 -14.36 -13.62 23.53
CA ILE A 162 -15.69 -14.20 23.39
C ILE A 162 -16.36 -13.73 22.09
N PRO A 163 -16.49 -12.42 21.80
CA PRO A 163 -17.02 -11.97 20.51
C PRO A 163 -16.27 -12.51 19.28
N VAL A 164 -14.94 -12.59 19.39
CA VAL A 164 -14.09 -13.15 18.34
C VAL A 164 -14.53 -14.59 18.06
N GLY A 165 -14.60 -15.42 19.11
CA GLY A 165 -14.95 -16.82 18.99
C GLY A 165 -16.38 -17.02 18.46
N LYS A 166 -17.32 -16.20 18.93
CA LYS A 166 -18.70 -16.30 18.49
C LYS A 166 -18.78 -16.05 16.99
N LEU A 167 -18.10 -15.00 16.51
CA LEU A 167 -18.18 -14.65 15.10
C LEU A 167 -17.48 -15.70 14.24
N CYS A 168 -16.46 -16.38 14.77
CA CYS A 168 -15.85 -17.52 14.09
C CYS A 168 -16.93 -18.56 13.78
N LEU A 169 -17.89 -18.75 14.68
CA LEU A 169 -18.95 -19.72 14.50
C LEU A 169 -20.03 -19.20 13.56
N TYR A 170 -20.26 -17.88 13.53
CA TYR A 170 -21.12 -17.28 12.50
C TYR A 170 -20.62 -17.70 11.12
N THR A 171 -19.31 -17.57 10.89
CA THR A 171 -18.73 -17.85 9.59
C THR A 171 -18.72 -19.36 9.33
N ALA A 172 -18.16 -20.13 10.26
CA ALA A 172 -17.91 -21.55 10.03
C ALA A 172 -19.23 -22.31 9.84
N CYS A 173 -20.27 -21.93 10.60
CA CYS A 173 -21.51 -22.69 10.64
C CYS A 173 -22.50 -22.20 9.58
N ALA A 174 -22.57 -20.89 9.30
CA ALA A 174 -23.63 -20.35 8.45
C ALA A 174 -23.10 -19.64 7.20
N GLY A 175 -21.79 -19.52 7.06
CA GLY A 175 -21.21 -18.91 5.87
C GLY A 175 -21.44 -17.40 5.82
N ILE A 176 -21.50 -16.75 6.99
CA ILE A 176 -21.48 -15.30 7.05
C ILE A 176 -20.06 -14.86 6.76
N ARG A 177 -19.92 -13.93 5.81
CA ARG A 177 -18.61 -13.51 5.33
C ARG A 177 -17.80 -12.92 6.48
N PRO A 178 -16.56 -13.42 6.72
CA PRO A 178 -15.73 -12.93 7.82
C PRO A 178 -15.36 -11.45 7.75
N ASP A 179 -15.22 -10.88 6.54
CA ASP A 179 -14.87 -9.47 6.44
C ASP A 179 -16.05 -8.58 6.82
N ARG A 180 -17.24 -9.16 7.01
CA ARG A 180 -18.42 -8.40 7.41
C ARG A 180 -18.77 -8.64 8.88
N CYS A 181 -17.84 -9.25 9.63
CA CYS A 181 -18.02 -9.53 11.06
C CYS A 181 -17.16 -8.58 11.88
N LEU A 182 -17.73 -8.04 12.98
CA LEU A 182 -17.04 -7.06 13.81
C LEU A 182 -17.20 -7.40 15.29
N PRO A 183 -16.16 -7.97 15.94
CA PRO A 183 -16.18 -8.20 17.39
C PRO A 183 -15.89 -6.90 18.15
N VAL A 184 -16.61 -6.68 19.25
CA VAL A 184 -16.50 -5.44 20.01
C VAL A 184 -16.47 -5.77 21.49
N CYS A 185 -15.51 -5.15 22.19
CA CYS A 185 -15.41 -5.23 23.64
C CYS A 185 -15.58 -3.84 24.25
N ILE A 186 -16.56 -3.71 25.13
CA ILE A 186 -16.83 -2.48 25.87
C ILE A 186 -16.09 -2.55 27.22
N ASP A 187 -15.16 -1.62 27.47
CA ASP A 187 -14.41 -1.63 28.72
C ASP A 187 -14.84 -0.45 29.60
N VAL A 188 -15.60 -0.74 30.66
CA VAL A 188 -16.02 0.28 31.59
C VAL A 188 -15.42 0.02 32.97
N GLY A 189 -14.41 -0.86 33.02
CA GLY A 189 -13.80 -1.30 34.27
C GLY A 189 -14.12 -2.76 34.55
N THR A 190 -13.65 -3.24 35.71
CA THR A 190 -13.91 -4.61 36.16
C THR A 190 -14.00 -4.62 37.68
N ASP A 191 -14.89 -5.47 38.20
CA ASP A 191 -15.03 -5.65 39.64
C ASP A 191 -14.15 -6.81 40.13
N ASN A 192 -13.46 -7.47 39.19
CA ASN A 192 -12.55 -8.56 39.51
C ASN A 192 -11.32 -7.99 40.20
N ILE A 193 -11.18 -8.27 41.50
CA ILE A 193 -10.13 -7.70 42.34
C ILE A 193 -8.77 -8.22 41.89
N ALA A 194 -8.72 -9.49 41.46
CA ALA A 194 -7.49 -10.09 40.96
C ALA A 194 -6.95 -9.31 39.76
N LEU A 195 -7.84 -8.87 38.85
CA LEU A 195 -7.43 -8.18 37.65
C LEU A 195 -6.95 -6.77 37.99
N LEU A 196 -7.59 -6.14 38.98
CA LEU A 196 -7.26 -4.78 39.36
C LEU A 196 -5.85 -4.70 39.93
N LYS A 197 -5.33 -5.83 40.45
CA LYS A 197 -4.01 -5.88 41.05
C LYS A 197 -2.99 -6.51 40.10
N ASP A 198 -3.41 -6.82 38.86
CA ASP A 198 -2.59 -7.54 37.91
C ASP A 198 -1.83 -6.54 37.03
N PRO A 199 -0.49 -6.48 37.09
CA PRO A 199 0.27 -5.55 36.25
C PRO A 199 0.16 -5.87 34.75
N PHE A 200 -0.33 -7.08 34.43
CA PHE A 200 -0.45 -7.51 33.05
C PHE A 200 -1.88 -7.40 32.54
N TYR A 201 -2.82 -6.92 33.37
CA TYR A 201 -4.19 -6.72 32.94
C TYR A 201 -4.19 -5.67 31.82
N MET A 202 -5.00 -5.89 30.79
CA MET A 202 -4.93 -5.12 29.56
C MET A 202 -6.08 -4.12 29.44
N GLY A 203 -6.81 -3.88 30.54
CA GLY A 203 -7.95 -2.98 30.53
C GLY A 203 -7.77 -1.80 31.49
N LEU A 204 -8.83 -1.01 31.67
CA LEU A 204 -8.80 0.12 32.58
C LEU A 204 -8.76 -0.39 34.02
N TYR A 205 -7.90 0.23 34.84
CA TYR A 205 -7.79 -0.11 36.25
C TYR A 205 -8.80 0.72 37.03
N GLN A 206 -10.06 0.31 36.98
CA GLN A 206 -11.12 0.90 37.78
C GLN A 206 -12.22 -0.14 37.95
N LYS A 207 -13.01 0.03 39.01
CA LYS A 207 -14.26 -0.72 39.18
C LYS A 207 -15.20 -0.35 38.03
N ARG A 208 -16.18 -1.22 37.78
CA ARG A 208 -17.14 -0.99 36.71
C ARG A 208 -17.92 0.29 36.97
N ASP A 209 -18.07 1.09 35.90
CA ASP A 209 -18.92 2.26 35.94
C ASP A 209 -20.37 1.81 35.86
N ARG A 210 -21.15 2.16 36.90
CA ARG A 210 -22.56 1.81 36.98
C ARG A 210 -23.40 3.08 37.10
N THR A 211 -22.92 4.17 36.48
CA THR A 211 -23.64 5.43 36.45
C THR A 211 -24.32 5.56 35.10
N GLN A 212 -24.93 6.74 34.88
CA GLN A 212 -25.54 7.10 33.61
C GLN A 212 -24.51 7.06 32.48
N GLN A 213 -23.23 7.26 32.80
CA GLN A 213 -22.17 7.22 31.79
C GLN A 213 -22.15 5.87 31.09
N TYR A 214 -22.39 4.78 31.84
CA TYR A 214 -22.42 3.43 31.29
C TYR A 214 -23.51 3.32 30.24
N ASP A 215 -24.75 3.69 30.61
CA ASP A 215 -25.89 3.65 29.70
C ASP A 215 -25.66 4.53 28.48
N ASP A 216 -25.07 5.72 28.70
CA ASP A 216 -24.82 6.67 27.62
C ASP A 216 -23.80 6.11 26.63
N LEU A 217 -22.81 5.37 27.14
CA LEU A 217 -21.78 4.78 26.29
C LEU A 217 -22.39 3.72 25.39
N ILE A 218 -23.27 2.88 25.94
CA ILE A 218 -23.90 1.83 25.15
C ILE A 218 -24.74 2.48 24.05
N ASP A 219 -25.49 3.54 24.38
CA ASP A 219 -26.29 4.26 23.40
C ASP A 219 -25.40 4.82 22.30
N GLU A 220 -24.25 5.40 22.68
CA GLU A 220 -23.35 6.03 21.73
C GLU A 220 -22.80 4.99 20.76
N PHE A 221 -22.50 3.79 21.28
CA PHE A 221 -22.04 2.67 20.49
C PHE A 221 -23.08 2.26 19.45
N MET A 222 -24.33 2.05 19.88
CA MET A 222 -25.38 1.60 18.99
C MET A 222 -25.54 2.60 17.84
N LYS A 223 -25.54 3.90 18.18
CA LYS A 223 -25.73 4.95 17.19
C LYS A 223 -24.54 5.00 16.24
N ALA A 224 -23.31 4.84 16.75
CA ALA A 224 -22.10 4.96 15.95
C ALA A 224 -22.03 3.83 14.93
N ILE A 225 -22.30 2.59 15.37
CA ILE A 225 -22.29 1.43 14.50
C ILE A 225 -23.29 1.61 13.36
N THR A 226 -24.53 2.00 13.68
CA THR A 226 -25.59 2.07 12.69
C THR A 226 -25.40 3.30 11.80
N ASP A 227 -24.80 4.37 12.35
CA ASP A 227 -24.47 5.54 11.56
C ASP A 227 -23.49 5.19 10.45
N ARG A 228 -22.48 4.36 10.77
CA ARG A 228 -21.48 3.98 9.79
C ARG A 228 -22.02 2.93 8.82
N TYR A 229 -22.68 1.89 9.33
CA TYR A 229 -22.89 0.67 8.58
C TYR A 229 -24.36 0.48 8.16
N GLY A 230 -25.27 1.24 8.78
CA GLY A 230 -26.68 1.17 8.42
C GLY A 230 -27.53 0.66 9.59
N ARG A 231 -28.80 1.06 9.59
CA ARG A 231 -29.72 0.72 10.67
C ARG A 231 -30.06 -0.77 10.69
N ASN A 232 -29.82 -1.50 9.60
CA ASN A 232 -30.16 -2.91 9.58
C ASN A 232 -29.00 -3.78 10.06
N THR A 233 -27.88 -3.16 10.48
CA THR A 233 -26.70 -3.89 10.93
C THR A 233 -27.08 -4.73 12.16
N LEU A 234 -26.82 -6.04 12.08
CA LEU A 234 -27.15 -6.97 13.16
C LEU A 234 -26.16 -6.77 14.30
N ILE A 235 -26.71 -6.48 15.50
CA ILE A 235 -25.90 -6.28 16.69
C ILE A 235 -26.37 -7.26 17.77
N GLN A 236 -25.49 -8.21 18.11
CA GLN A 236 -25.82 -9.26 19.08
C GLN A 236 -25.03 -9.04 20.36
N PHE A 237 -25.76 -8.98 21.48
CA PHE A 237 -25.17 -8.79 22.80
C PHE A 237 -24.85 -10.16 23.40
N GLU A 238 -23.68 -10.21 24.02
CA GLU A 238 -23.19 -11.50 24.57
C GLU A 238 -22.46 -11.32 25.90
N ASP A 239 -22.84 -12.09 26.91
CA ASP A 239 -22.13 -12.18 28.18
C ASP A 239 -22.15 -10.86 28.95
N PHE A 240 -23.22 -10.07 28.78
CA PHE A 240 -23.54 -8.99 29.70
C PHE A 240 -24.05 -9.60 31.01
N GLY A 241 -24.03 -8.81 32.08
CA GLY A 241 -24.77 -9.19 33.28
C GLY A 241 -26.24 -9.37 32.96
N ASN A 242 -26.90 -10.27 33.72
CA ASN A 242 -28.25 -10.72 33.41
C ASN A 242 -29.22 -9.55 33.24
N HIS A 243 -29.21 -8.61 34.20
CA HIS A 243 -30.18 -7.55 34.21
C HIS A 243 -29.89 -6.54 33.10
N ASN A 244 -28.60 -6.24 32.88
CA ASN A 244 -28.20 -5.38 31.78
C ASN A 244 -28.65 -6.00 30.45
N ALA A 245 -28.39 -7.30 30.28
CA ALA A 245 -28.77 -7.99 29.05
C ALA A 245 -30.26 -7.83 28.78
N PHE A 246 -31.09 -8.07 29.81
CA PHE A 246 -32.54 -8.02 29.66
C PHE A 246 -32.99 -6.61 29.30
N ARG A 247 -32.49 -5.60 30.03
CA ARG A 247 -33.00 -4.24 29.87
C ARG A 247 -32.54 -3.66 28.53
N PHE A 248 -31.34 -4.02 28.07
CA PHE A 248 -30.86 -3.52 26.79
C PHE A 248 -31.63 -4.14 25.63
N LEU A 249 -31.97 -5.43 25.75
CA LEU A 249 -32.77 -6.09 24.73
C LEU A 249 -34.11 -5.35 24.61
N ARG A 250 -34.73 -5.05 25.75
CA ARG A 250 -35.99 -4.34 25.77
C ARG A 250 -35.83 -2.95 25.15
N LYS A 251 -34.74 -2.26 25.50
CA LYS A 251 -34.55 -0.88 25.07
C LYS A 251 -34.34 -0.80 23.56
N TYR A 252 -33.57 -1.73 22.97
CA TYR A 252 -33.07 -1.56 21.61
C TYR A 252 -33.78 -2.41 20.56
N ARG A 253 -34.57 -3.42 20.95
CA ARG A 253 -35.03 -4.40 19.96
C ARG A 253 -35.97 -3.81 18.91
N GLU A 254 -36.69 -2.73 19.23
CA GLU A 254 -37.61 -2.11 18.28
C GLU A 254 -36.97 -0.90 17.60
N LYS A 255 -35.75 -0.53 18.03
CA LYS A 255 -35.05 0.62 17.47
C LYS A 255 -33.92 0.16 16.55
N TYR A 256 -33.29 -0.98 16.88
CA TYR A 256 -32.19 -1.49 16.10
C TYR A 256 -32.44 -2.95 15.75
N CYS A 257 -31.54 -3.53 14.95
CA CYS A 257 -31.59 -4.94 14.61
C CYS A 257 -30.73 -5.71 15.60
N THR A 258 -31.34 -6.19 16.69
CA THR A 258 -30.57 -6.70 17.81
C THR A 258 -31.27 -7.89 18.45
N PHE A 259 -30.44 -8.80 18.98
CA PHE A 259 -30.93 -9.91 19.77
C PHE A 259 -29.86 -10.21 20.81
N ASN A 260 -30.24 -11.01 21.80
CA ASN A 260 -29.33 -11.47 22.82
C ASN A 260 -29.36 -12.99 22.82
N ASP A 261 -28.22 -13.62 22.49
CA ASP A 261 -28.18 -15.06 22.33
C ASP A 261 -28.39 -15.77 23.67
N ASP A 262 -27.86 -15.19 24.74
CA ASP A 262 -27.96 -15.76 26.08
C ASP A 262 -29.42 -15.88 26.51
N ILE A 263 -30.26 -14.91 26.10
CA ILE A 263 -31.68 -14.95 26.43
C ILE A 263 -32.42 -15.76 25.37
N GLN A 264 -32.31 -15.32 24.11
CA GLN A 264 -33.24 -15.77 23.07
C GLN A 264 -32.78 -17.07 22.41
N GLY A 265 -31.48 -17.18 22.16
CA GLY A 265 -30.91 -18.41 21.62
C GLY A 265 -31.18 -19.59 22.57
N THR A 266 -30.93 -19.35 23.86
CA THR A 266 -31.14 -20.33 24.91
C THR A 266 -32.58 -20.83 24.88
N ALA A 267 -33.53 -19.89 24.84
CA ALA A 267 -34.94 -20.25 24.88
C ALA A 267 -35.30 -21.10 23.66
N ALA A 268 -34.76 -20.74 22.49
CA ALA A 268 -35.09 -21.42 21.25
C ALA A 268 -34.55 -22.85 21.26
N VAL A 269 -33.31 -23.05 21.73
CA VAL A 269 -32.70 -24.37 21.68
C VAL A 269 -33.37 -25.29 22.70
N ALA A 270 -33.73 -24.74 23.88
CA ALA A 270 -34.45 -25.51 24.88
C ALA A 270 -35.80 -25.95 24.33
N LEU A 271 -36.53 -25.03 23.70
CA LEU A 271 -37.85 -25.31 23.17
C LEU A 271 -37.76 -26.38 22.09
N ALA A 272 -36.74 -26.29 21.23
CA ALA A 272 -36.56 -27.26 20.16
C ALA A 272 -36.49 -28.66 20.74
N GLY A 273 -35.71 -28.82 21.82
CA GLY A 273 -35.55 -30.11 22.48
C GLY A 273 -36.88 -30.65 23.02
N LEU A 274 -37.67 -29.76 23.60
CA LEU A 274 -38.99 -30.10 24.14
C LEU A 274 -39.95 -30.48 23.02
N LEU A 275 -39.87 -29.77 21.88
CA LEU A 275 -40.71 -30.10 20.73
C LEU A 275 -40.34 -31.48 20.21
N ALA A 276 -39.05 -31.82 20.23
CA ALA A 276 -38.60 -33.14 19.81
C ALA A 276 -39.16 -34.21 20.76
N ALA A 277 -39.14 -33.91 22.07
CA ALA A 277 -39.64 -34.84 23.07
C ALA A 277 -41.13 -35.11 22.87
N GLN A 278 -41.86 -34.06 22.48
N GLN A 278 -41.87 -34.06 22.49
CA GLN A 278 -43.29 -34.15 22.27
CA GLN A 278 -43.31 -34.14 22.26
C GLN A 278 -43.64 -35.03 21.08
C GLN A 278 -43.64 -35.04 21.07
N LYS A 279 -42.72 -35.12 20.09
CA LYS A 279 -42.92 -36.00 18.95
C LYS A 279 -42.85 -37.45 19.40
N VAL A 280 -42.04 -37.73 20.43
CA VAL A 280 -41.93 -39.07 20.99
C VAL A 280 -43.11 -39.32 21.92
N ILE A 281 -43.43 -38.32 22.77
CA ILE A 281 -44.54 -38.43 23.71
C ILE A 281 -45.76 -37.68 23.16
N SER A 282 -46.57 -38.40 22.39
CA SER A 282 -47.67 -37.84 21.61
C SER A 282 -48.68 -37.08 22.45
N LYS A 283 -48.59 -37.18 23.78
CA LYS A 283 -49.49 -36.51 24.71
C LYS A 283 -49.86 -35.11 24.23
N PRO A 284 -51.16 -34.74 24.19
CA PRO A 284 -51.58 -33.36 23.90
C PRO A 284 -51.02 -32.33 24.88
N ILE A 285 -50.67 -31.15 24.34
CA ILE A 285 -49.98 -30.11 25.07
C ILE A 285 -50.70 -29.78 26.38
N SER A 286 -52.05 -29.82 26.36
CA SER A 286 -52.86 -29.44 27.50
C SER A 286 -52.63 -30.37 28.70
N GLU A 287 -52.00 -31.53 28.47
CA GLU A 287 -51.75 -32.50 29.54
C GLU A 287 -50.30 -32.47 30.02
N HIS A 288 -49.44 -31.66 29.39
CA HIS A 288 -48.07 -31.51 29.85
C HIS A 288 -48.04 -30.62 31.10
N LYS A 289 -47.09 -30.91 32.00
CA LYS A 289 -46.82 -30.07 33.14
C LYS A 289 -45.31 -29.98 33.32
N ILE A 290 -44.79 -28.75 33.35
CA ILE A 290 -43.37 -28.47 33.32
C ILE A 290 -42.96 -27.84 34.65
N LEU A 291 -41.92 -28.38 35.28
CA LEU A 291 -41.43 -27.85 36.56
C LEU A 291 -39.97 -27.43 36.39
N PHE A 292 -39.71 -26.15 36.63
CA PHE A 292 -38.35 -25.61 36.57
C PHE A 292 -37.71 -25.70 37.95
N LEU A 293 -36.43 -26.10 37.96
CA LEU A 293 -35.54 -25.86 39.07
C LEU A 293 -34.78 -24.57 38.77
N GLY A 294 -35.12 -23.51 39.52
CA GLY A 294 -34.68 -22.16 39.20
C GLY A 294 -35.84 -21.32 38.67
N ALA A 295 -35.76 -20.01 38.90
CA ALA A 295 -36.78 -19.07 38.44
C ALA A 295 -36.11 -17.77 38.02
N GLY A 296 -34.90 -17.88 37.45
CA GLY A 296 -34.12 -16.73 37.04
C GLY A 296 -34.26 -16.46 35.54
N GLU A 297 -33.22 -15.88 34.93
CA GLU A 297 -33.30 -15.40 33.57
C GLU A 297 -33.53 -16.55 32.59
N ALA A 298 -32.79 -17.66 32.76
CA ALA A 298 -32.94 -18.80 31.86
C ALA A 298 -34.32 -19.42 32.00
N ALA A 299 -34.79 -19.63 33.24
CA ALA A 299 -36.11 -20.21 33.46
C ALA A 299 -37.18 -19.37 32.77
N LEU A 300 -37.11 -18.04 32.95
CA LEU A 300 -38.15 -17.15 32.48
C LEU A 300 -38.11 -17.04 30.95
N GLY A 301 -36.92 -17.00 30.36
CA GLY A 301 -36.78 -16.95 28.92
C GLY A 301 -37.39 -18.19 28.25
N ILE A 302 -37.01 -19.37 28.75
CA ILE A 302 -37.50 -20.64 28.21
C ILE A 302 -39.01 -20.72 28.40
N ALA A 303 -39.49 -20.42 29.61
CA ALA A 303 -40.91 -20.53 29.92
C ALA A 303 -41.74 -19.64 28.99
N ASN A 304 -41.27 -18.40 28.76
CA ASN A 304 -42.01 -17.46 27.93
C ASN A 304 -42.10 -17.97 26.49
N LEU A 305 -41.07 -18.67 26.01
CA LEU A 305 -41.09 -19.18 24.65
C LEU A 305 -41.97 -20.45 24.57
N ILE A 306 -41.97 -21.26 25.63
CA ILE A 306 -42.86 -22.41 25.70
C ILE A 306 -44.30 -21.93 25.55
N VAL A 307 -44.65 -20.86 26.27
CA VAL A 307 -46.00 -20.31 26.27
C VAL A 307 -46.39 -19.85 24.87
N MET A 308 -45.47 -19.20 24.15
CA MET A 308 -45.76 -18.77 22.80
C MET A 308 -46.07 -19.97 21.92
N SER A 309 -45.32 -21.06 22.10
CA SER A 309 -45.55 -22.29 21.36
C SER A 309 -46.92 -22.87 21.67
N MET A 310 -47.31 -22.86 22.96
CA MET A 310 -48.55 -23.46 23.41
C MET A 310 -49.74 -22.68 22.91
N VAL A 311 -49.61 -21.35 22.86
CA VAL A 311 -50.66 -20.46 22.39
C VAL A 311 -50.90 -20.70 20.90
N GLU A 312 -49.83 -20.98 20.16
CA GLU A 312 -49.92 -21.27 18.74
C GLU A 312 -50.63 -22.60 18.49
N ASN A 313 -50.71 -23.46 19.52
CA ASN A 313 -51.29 -24.79 19.39
C ASN A 313 -52.61 -24.90 20.17
N GLY A 314 -53.25 -23.76 20.46
CA GLY A 314 -54.65 -23.75 20.82
C GLY A 314 -54.93 -23.30 22.26
N LEU A 315 -53.89 -23.22 23.10
CA LEU A 315 -54.11 -22.82 24.48
C LEU A 315 -54.19 -21.29 24.55
N SER A 316 -54.95 -20.78 25.51
CA SER A 316 -54.87 -19.38 25.90
C SER A 316 -53.54 -19.15 26.63
N GLU A 317 -53.09 -17.90 26.67
CA GLU A 317 -51.87 -17.55 27.36
C GLU A 317 -51.96 -17.95 28.83
N GLN A 318 -53.09 -17.61 29.47
CA GLN A 318 -53.29 -17.88 30.89
C GLN A 318 -53.24 -19.37 31.16
N GLU A 319 -53.82 -20.18 30.27
CA GLU A 319 -53.86 -21.63 30.46
C GLU A 319 -52.48 -22.23 30.22
N ALA A 320 -51.74 -21.69 29.25
CA ALA A 320 -50.37 -22.12 28.98
C ALA A 320 -49.49 -21.87 30.21
N GLN A 321 -49.59 -20.67 30.78
CA GLN A 321 -48.82 -20.29 31.94
C GLN A 321 -49.12 -21.21 33.13
N LYS A 322 -50.37 -21.66 33.26
CA LYS A 322 -50.78 -22.55 34.34
C LYS A 322 -50.11 -23.93 34.24
N LYS A 323 -49.54 -24.28 33.09
CA LYS A 323 -48.90 -25.57 32.93
C LYS A 323 -47.45 -25.55 33.44
N ILE A 324 -46.96 -24.38 33.86
CA ILE A 324 -45.56 -24.19 34.20
C ILE A 324 -45.43 -23.77 35.68
N TRP A 325 -44.60 -24.51 36.42
CA TRP A 325 -44.28 -24.23 37.81
C TRP A 325 -42.79 -23.99 37.96
N MET A 326 -42.40 -23.27 39.02
CA MET A 326 -40.99 -22.96 39.25
C MET A 326 -40.66 -23.11 40.74
N PHE A 327 -39.45 -23.62 41.00
CA PHE A 327 -38.94 -23.86 42.34
C PHE A 327 -37.55 -23.26 42.45
N ASP A 328 -37.42 -22.18 43.24
CA ASP A 328 -36.17 -21.44 43.34
C ASP A 328 -35.48 -21.79 44.66
N LYS A 329 -34.46 -21.00 45.05
CA LYS A 329 -33.65 -21.36 46.20
C LYS A 329 -34.47 -21.30 47.50
N TYR A 330 -35.63 -20.64 47.48
CA TYR A 330 -36.49 -20.53 48.66
C TYR A 330 -37.62 -21.56 48.63
N GLY A 331 -37.81 -22.23 47.48
CA GLY A 331 -38.86 -23.24 47.36
C GLY A 331 -39.81 -22.92 46.20
N LEU A 332 -40.99 -23.57 46.22
CA LEU A 332 -41.95 -23.48 45.14
C LEU A 332 -42.52 -22.06 45.08
N LEU A 333 -42.69 -21.54 43.86
CA LEU A 333 -43.28 -20.22 43.65
C LEU A 333 -44.80 -20.33 43.75
N VAL A 334 -45.33 -19.99 44.92
CA VAL A 334 -46.76 -20.03 45.18
C VAL A 334 -47.21 -18.66 45.70
N LYS A 335 -48.47 -18.32 45.40
CA LYS A 335 -49.05 -17.06 45.84
C LYS A 335 -49.04 -17.00 47.36
N GLY A 336 -48.46 -15.92 47.90
CA GLY A 336 -48.54 -15.63 49.32
C GLY A 336 -47.37 -16.23 50.11
N ARG A 337 -46.34 -16.73 49.41
CA ARG A 337 -45.17 -17.25 50.10
C ARG A 337 -44.36 -16.08 50.67
N LYS A 338 -43.50 -16.39 51.63
CA LYS A 338 -42.73 -15.38 52.35
C LYS A 338 -41.71 -14.71 51.43
N ALA A 339 -40.93 -15.51 50.69
CA ALA A 339 -39.85 -15.01 49.87
C ALA A 339 -40.41 -14.23 48.68
N LYS A 340 -39.75 -13.12 48.34
CA LYS A 340 -40.20 -12.24 47.29
C LYS A 340 -40.41 -13.01 45.99
N ILE A 341 -41.49 -12.65 45.28
CA ILE A 341 -41.72 -13.02 43.90
C ILE A 341 -41.83 -11.74 43.10
N ASP A 342 -40.98 -11.57 42.09
CA ASP A 342 -40.95 -10.33 41.32
C ASP A 342 -42.00 -10.41 40.22
N SER A 343 -42.20 -9.27 39.54
CA SER A 343 -43.31 -9.10 38.60
C SER A 343 -43.16 -10.03 37.40
N TYR A 344 -41.92 -10.39 37.05
CA TYR A 344 -41.67 -11.26 35.90
C TYR A 344 -41.95 -12.72 36.25
N GLN A 345 -41.87 -13.08 37.53
CA GLN A 345 -42.09 -14.44 37.99
C GLN A 345 -43.58 -14.69 38.24
N GLU A 346 -44.36 -13.62 38.38
CA GLU A 346 -45.76 -13.69 38.80
C GLU A 346 -46.61 -14.54 37.85
N PRO A 347 -46.40 -14.51 36.52
CA PRO A 347 -47.19 -15.36 35.62
C PRO A 347 -47.06 -16.86 35.85
N PHE A 348 -45.97 -17.29 36.50
CA PHE A 348 -45.71 -18.70 36.73
C PHE A 348 -45.84 -19.02 38.21
N THR A 349 -46.45 -18.11 38.99
CA THR A 349 -46.70 -18.29 40.40
C THR A 349 -48.18 -18.66 40.59
N HIS A 350 -48.44 -19.77 41.28
CA HIS A 350 -49.78 -20.33 41.30
C HIS A 350 -50.28 -20.45 42.74
N SER A 351 -51.60 -20.65 42.87
CA SER A 351 -52.18 -21.01 44.15
C SER A 351 -51.51 -22.28 44.64
N ALA A 352 -51.16 -22.30 45.93
CA ALA A 352 -50.46 -23.42 46.54
C ALA A 352 -51.27 -24.69 46.34
N PRO A 353 -50.63 -25.85 46.06
CA PRO A 353 -51.33 -27.13 46.02
C PRO A 353 -51.63 -27.64 47.43
N GLU A 354 -52.27 -28.82 47.51
CA GLU A 354 -52.71 -29.43 48.76
C GLU A 354 -51.58 -29.40 49.78
N SER A 355 -50.37 -29.82 49.36
CA SER A 355 -49.18 -29.79 50.19
C SER A 355 -48.11 -28.92 49.52
N ILE A 356 -47.42 -28.10 50.33
CA ILE A 356 -46.33 -27.28 49.83
C ILE A 356 -45.02 -28.04 50.07
N PRO A 357 -44.23 -28.34 49.01
CA PRO A 357 -42.98 -29.10 49.15
C PRO A 357 -41.82 -28.30 49.76
N ASP A 358 -40.95 -29.02 50.49
CA ASP A 358 -39.75 -28.43 51.06
C ASP A 358 -38.54 -28.63 50.12
N THR A 359 -38.56 -29.74 49.37
CA THR A 359 -37.46 -30.11 48.50
C THR A 359 -37.99 -30.28 47.07
N PHE A 360 -37.08 -30.31 46.09
CA PHE A 360 -37.49 -30.45 44.71
C PHE A 360 -38.13 -31.83 44.49
N GLU A 361 -37.58 -32.86 45.17
CA GLU A 361 -38.14 -34.21 45.11
C GLU A 361 -39.61 -34.19 45.53
N ASP A 362 -39.93 -33.48 46.62
CA ASP A 362 -41.28 -33.37 47.10
C ASP A 362 -42.16 -32.66 46.08
N ALA A 363 -41.60 -31.62 45.43
CA ALA A 363 -42.33 -30.89 44.40
C ALA A 363 -42.68 -31.80 43.23
N VAL A 364 -41.74 -32.67 42.84
CA VAL A 364 -41.97 -33.64 41.77
C VAL A 364 -43.12 -34.57 42.15
N ASN A 365 -43.09 -35.11 43.38
CA ASN A 365 -44.07 -36.09 43.81
C ASN A 365 -45.46 -35.44 43.95
N ILE A 366 -45.50 -34.17 44.38
CA ILE A 366 -46.76 -33.48 44.61
C ILE A 366 -47.36 -32.98 43.29
N LEU A 367 -46.54 -32.41 42.40
CA LEU A 367 -47.04 -31.79 41.18
C LEU A 367 -47.14 -32.81 40.05
N LYS A 368 -46.30 -33.85 40.10
CA LYS A 368 -46.25 -34.89 39.08
C LYS A 368 -46.06 -34.26 37.70
N PRO A 369 -44.93 -33.56 37.45
CA PRO A 369 -44.67 -32.98 36.13
C PRO A 369 -44.28 -34.07 35.14
N SER A 370 -44.52 -33.80 33.85
CA SER A 370 -44.00 -34.63 32.78
C SER A 370 -42.56 -34.24 32.45
N THR A 371 -42.15 -33.03 32.83
CA THR A 371 -40.89 -32.44 32.39
C THR A 371 -40.28 -31.66 33.55
N ILE A 372 -38.97 -31.84 33.80
CA ILE A 372 -38.22 -30.98 34.70
C ILE A 372 -37.06 -30.34 33.96
N ILE A 373 -36.82 -29.06 34.22
CA ILE A 373 -35.78 -28.29 33.56
C ILE A 373 -34.93 -27.63 34.64
N GLY A 374 -33.64 -27.98 34.65
CA GLY A 374 -32.69 -27.48 35.62
C GLY A 374 -31.91 -26.27 35.10
N VAL A 375 -32.13 -25.12 35.74
CA VAL A 375 -31.48 -23.87 35.41
C VAL A 375 -31.20 -23.08 36.70
N ALA A 376 -30.62 -23.75 37.70
CA ALA A 376 -30.39 -23.16 39.01
C ALA A 376 -28.92 -22.76 39.19
N GLY A 377 -28.03 -23.40 38.42
CA GLY A 377 -26.60 -23.14 38.52
C GLY A 377 -26.04 -23.47 39.91
N ALA A 378 -26.56 -24.54 40.53
CA ALA A 378 -26.29 -24.80 41.94
C ALA A 378 -25.85 -26.25 42.18
N GLY A 379 -25.47 -26.98 41.12
CA GLY A 379 -24.94 -28.33 41.28
C GLY A 379 -26.03 -29.40 41.13
N ARG A 380 -25.73 -30.60 41.66
CA ARG A 380 -26.39 -31.84 41.28
C ARG A 380 -27.70 -32.02 42.05
N LEU A 381 -28.67 -31.15 41.79
CA LEU A 381 -29.91 -31.12 42.54
C LEU A 381 -30.97 -32.03 41.93
N PHE A 382 -30.73 -32.59 40.73
CA PHE A 382 -31.54 -33.69 40.25
C PHE A 382 -30.93 -34.98 40.81
N THR A 383 -31.25 -35.24 42.08
CA THR A 383 -30.70 -36.37 42.83
C THR A 383 -31.25 -37.66 42.22
N PRO A 384 -30.62 -38.82 42.52
CA PRO A 384 -31.18 -40.12 42.10
C PRO A 384 -32.63 -40.32 42.53
N ASP A 385 -33.02 -39.76 43.69
CA ASP A 385 -34.40 -39.83 44.15
C ASP A 385 -35.31 -38.97 43.27
N VAL A 386 -34.82 -37.81 42.81
CA VAL A 386 -35.58 -36.98 41.88
C VAL A 386 -35.80 -37.75 40.58
N ILE A 387 -34.72 -38.35 40.05
CA ILE A 387 -34.76 -39.03 38.77
C ILE A 387 -35.71 -40.23 38.83
N ARG A 388 -35.61 -41.02 39.91
CA ARG A 388 -36.45 -42.21 40.07
C ARG A 388 -37.91 -41.82 40.20
N ALA A 389 -38.19 -40.72 40.90
CA ALA A 389 -39.56 -40.24 41.05
C ALA A 389 -40.12 -39.87 39.67
N MET A 390 -39.34 -39.18 38.86
CA MET A 390 -39.77 -38.80 37.52
C MET A 390 -40.13 -40.05 36.70
N ALA A 391 -39.33 -41.12 36.82
CA ALA A 391 -39.53 -42.33 36.03
C ALA A 391 -40.65 -43.22 36.58
N SER A 392 -41.07 -43.01 37.83
CA SER A 392 -42.21 -43.74 38.38
C SER A 392 -43.51 -43.00 38.05
N ILE A 393 -43.45 -41.68 37.93
CA ILE A 393 -44.60 -40.86 37.55
C ILE A 393 -44.85 -40.95 36.05
N ASN A 394 -43.78 -40.93 35.24
CA ASN A 394 -43.90 -40.87 33.80
C ASN A 394 -43.23 -42.09 33.16
N GLU A 395 -43.86 -42.62 32.12
CA GLU A 395 -43.27 -43.69 31.32
C GLU A 395 -42.01 -43.19 30.62
N ARG A 396 -42.07 -41.96 30.08
CA ARG A 396 -40.94 -41.37 29.38
C ARG A 396 -40.67 -39.98 29.95
N PRO A 397 -39.98 -39.86 31.11
CA PRO A 397 -39.80 -38.55 31.74
C PRO A 397 -38.83 -37.70 30.94
N VAL A 398 -39.12 -36.40 30.84
CA VAL A 398 -38.27 -35.46 30.16
C VAL A 398 -37.42 -34.75 31.21
N ILE A 399 -36.10 -34.88 31.10
CA ILE A 399 -35.18 -34.35 32.09
C ILE A 399 -34.13 -33.52 31.37
N PHE A 400 -34.17 -32.20 31.58
CA PHE A 400 -33.20 -31.29 31.00
C PHE A 400 -32.34 -30.69 32.11
N ALA A 401 -31.03 -30.95 32.06
CA ALA A 401 -30.08 -30.44 33.05
C ALA A 401 -29.18 -29.40 32.38
N LEU A 402 -29.57 -28.12 32.48
CA LEU A 402 -29.04 -27.10 31.58
C LEU A 402 -28.01 -26.20 32.28
N SER A 403 -27.72 -26.42 33.56
CA SER A 403 -26.86 -25.51 34.28
C SER A 403 -25.41 -25.67 33.80
N ASN A 404 -24.65 -24.57 33.88
CA ASN A 404 -23.26 -24.50 33.46
C ASN A 404 -22.42 -23.88 34.58
N PRO A 405 -21.11 -24.18 34.69
CA PRO A 405 -20.46 -25.25 33.92
C PRO A 405 -20.85 -26.66 34.39
N THR A 406 -20.16 -27.69 33.86
CA THR A 406 -20.54 -29.08 34.05
C THR A 406 -20.69 -29.43 35.54
N ALA A 407 -19.83 -28.87 36.39
CA ALA A 407 -19.90 -29.12 37.82
C ALA A 407 -21.25 -28.67 38.40
N GLN A 408 -21.86 -27.65 37.78
CA GLN A 408 -23.10 -27.08 38.29
C GLN A 408 -24.33 -27.76 37.70
N ALA A 409 -24.14 -28.71 36.78
CA ALA A 409 -25.26 -29.40 36.13
C ALA A 409 -26.06 -30.21 37.14
N GLU A 410 -27.38 -30.31 36.91
CA GLU A 410 -28.30 -30.88 37.86
C GLU A 410 -28.15 -32.40 37.97
N CYS A 411 -27.71 -33.05 36.88
CA CYS A 411 -27.33 -34.46 36.88
C CYS A 411 -26.52 -34.76 35.63
N THR A 412 -25.95 -35.98 35.56
CA THR A 412 -25.23 -36.44 34.40
C THR A 412 -26.14 -37.28 33.51
N ALA A 413 -25.71 -37.50 32.27
CA ALA A 413 -26.41 -38.39 31.35
C ALA A 413 -26.41 -39.82 31.91
N GLU A 414 -25.26 -40.25 32.44
CA GLU A 414 -25.14 -41.58 33.03
CA GLU A 414 -25.16 -41.59 33.00
C GLU A 414 -26.24 -41.78 34.06
N GLU A 415 -26.36 -40.80 34.98
CA GLU A 415 -27.34 -40.87 36.05
C GLU A 415 -28.76 -40.96 35.47
N ALA A 416 -29.05 -40.17 34.44
CA ALA A 416 -30.40 -40.05 33.91
C ALA A 416 -30.85 -41.33 33.23
N TYR A 417 -29.99 -41.92 32.38
CA TYR A 417 -30.39 -43.09 31.62
C TYR A 417 -30.42 -44.34 32.52
N THR A 418 -29.43 -44.50 33.40
CA THR A 418 -29.34 -45.70 34.22
C THR A 418 -30.51 -45.78 35.20
N LEU A 419 -30.83 -44.65 35.87
CA LEU A 419 -31.81 -44.65 36.94
C LEU A 419 -33.24 -44.62 36.40
N THR A 420 -33.42 -44.34 35.10
CA THR A 420 -34.74 -44.43 34.49
C THR A 420 -34.83 -45.69 33.61
N GLU A 421 -33.82 -46.56 33.67
CA GLU A 421 -33.80 -47.79 32.89
C GLU A 421 -33.98 -47.49 31.40
N GLY A 422 -33.35 -46.38 30.96
CA GLY A 422 -33.30 -46.01 29.55
C GLY A 422 -34.58 -45.35 29.04
N ARG A 423 -35.48 -44.92 29.95
CA ARG A 423 -36.78 -44.42 29.55
C ARG A 423 -36.79 -42.90 29.44
N CYS A 424 -35.80 -42.20 30.00
CA CYS A 424 -35.84 -40.75 30.04
C CYS A 424 -35.48 -40.17 28.66
N LEU A 425 -36.09 -39.03 28.35
CA LEU A 425 -35.65 -38.18 27.25
C LEU A 425 -34.83 -37.06 27.85
N PHE A 426 -33.51 -37.06 27.60
CA PHE A 426 -32.57 -36.26 28.37
C PHE A 426 -31.83 -35.29 27.46
N ALA A 427 -31.54 -34.11 28.01
CA ALA A 427 -30.65 -33.15 27.37
C ALA A 427 -29.91 -32.36 28.45
N SER A 428 -28.72 -31.88 28.11
CA SER A 428 -27.96 -31.03 29.00
C SER A 428 -27.29 -29.92 28.19
N GLY A 429 -26.70 -28.95 28.91
CA GLY A 429 -25.87 -27.93 28.30
C GLY A 429 -24.39 -28.29 28.37
N SER A 430 -24.09 -29.50 28.88
CA SER A 430 -22.74 -29.97 29.08
C SER A 430 -22.41 -31.07 28.08
N PRO A 431 -21.12 -31.28 27.73
CA PRO A 431 -20.74 -32.33 26.78
C PRO A 431 -20.55 -33.70 27.44
N PHE A 432 -21.65 -34.44 27.60
CA PHE A 432 -21.60 -35.82 28.07
C PHE A 432 -21.58 -36.75 26.85
N GLY A 433 -20.75 -37.79 26.93
CA GLY A 433 -20.61 -38.76 25.85
C GLY A 433 -21.69 -39.83 25.91
N PRO A 434 -21.72 -40.77 24.94
CA PRO A 434 -22.73 -41.83 24.92
C PRO A 434 -22.76 -42.65 26.21
N VAL A 435 -23.94 -43.17 26.55
CA VAL A 435 -24.12 -43.97 27.75
C VAL A 435 -24.59 -45.36 27.32
N LYS A 436 -23.79 -46.38 27.66
CA LYS A 436 -24.12 -47.77 27.39
C LYS A 436 -24.71 -48.41 28.66
N LEU A 437 -25.86 -49.07 28.52
CA LEU A 437 -26.47 -49.79 29.63
C LEU A 437 -26.08 -51.27 29.55
N THR A 438 -26.35 -52.01 30.64
CA THR A 438 -25.86 -53.37 30.80
C THR A 438 -26.50 -54.29 29.75
N ASP A 439 -27.73 -53.96 29.32
CA ASP A 439 -28.44 -54.75 28.32
C ASP A 439 -27.93 -54.44 26.90
N GLY A 440 -26.99 -53.50 26.77
CA GLY A 440 -26.30 -53.26 25.51
C GLY A 440 -26.73 -51.96 24.84
N ARG A 441 -27.93 -51.47 25.18
CA ARG A 441 -28.48 -50.28 24.55
C ARG A 441 -27.58 -49.07 24.82
N VAL A 442 -27.24 -48.34 23.75
CA VAL A 442 -26.44 -47.12 23.86
C VAL A 442 -27.35 -45.92 23.62
N PHE A 443 -27.16 -44.87 24.45
CA PHE A 443 -27.97 -43.67 24.38
C PHE A 443 -27.05 -42.46 24.15
N THR A 444 -27.38 -41.66 23.13
CA THR A 444 -26.63 -40.45 22.84
C THR A 444 -27.40 -39.25 23.38
N PRO A 445 -26.93 -38.58 24.45
CA PRO A 445 -27.67 -37.48 25.06
C PRO A 445 -27.63 -36.22 24.20
N GLY A 446 -28.75 -35.49 24.15
CA GLY A 446 -28.81 -34.23 23.43
C GLY A 446 -28.03 -33.14 24.17
N GLN A 447 -27.37 -32.27 23.40
CA GLN A 447 -26.78 -31.07 23.97
C GLN A 447 -27.55 -29.86 23.45
N GLY A 448 -28.18 -29.11 24.37
CA GLY A 448 -28.86 -27.87 24.01
C GLY A 448 -27.85 -26.75 23.82
N ASN A 449 -27.11 -26.80 22.70
CA ASN A 449 -26.05 -25.85 22.39
C ASN A 449 -26.63 -24.72 21.55
N ASN A 450 -26.38 -23.47 21.95
CA ASN A 450 -26.95 -22.31 21.27
C ASN A 450 -26.49 -22.22 19.81
N VAL A 451 -25.39 -22.90 19.46
CA VAL A 451 -24.87 -22.86 18.09
C VAL A 451 -25.87 -23.46 17.10
N TYR A 452 -26.86 -24.22 17.60
CA TYR A 452 -27.91 -24.75 16.74
C TYR A 452 -28.78 -23.63 16.15
N ILE A 453 -28.87 -22.48 16.85
CA ILE A 453 -29.85 -21.46 16.53
C ILE A 453 -29.19 -20.20 15.94
N PHE A 454 -28.18 -19.64 16.62
CA PHE A 454 -27.77 -18.27 16.32
C PHE A 454 -27.21 -18.14 14.90
N PRO A 455 -26.38 -19.06 14.36
CA PRO A 455 -25.84 -18.89 13.01
C PRO A 455 -26.92 -18.75 11.93
N GLY A 456 -27.90 -19.67 11.96
CA GLY A 456 -28.95 -19.70 10.96
C GLY A 456 -29.89 -18.50 11.08
N VAL A 457 -30.21 -18.07 12.31
CA VAL A 457 -31.04 -16.89 12.49
C VAL A 457 -30.29 -15.67 11.98
N ALA A 458 -29.01 -15.54 12.33
CA ALA A 458 -28.20 -14.41 11.90
C ALA A 458 -28.18 -14.30 10.37
N LEU A 459 -27.95 -15.43 9.68
CA LEU A 459 -27.80 -15.41 8.24
C LEU A 459 -29.09 -14.92 7.59
N ALA A 460 -30.24 -15.48 8.02
CA ALA A 460 -31.52 -15.15 7.43
C ALA A 460 -31.82 -13.65 7.60
N VAL A 461 -31.59 -13.13 8.82
CA VAL A 461 -31.84 -11.73 9.11
C VAL A 461 -31.02 -10.84 8.17
N ILE A 462 -29.73 -11.15 8.03
CA ILE A 462 -28.82 -10.37 7.20
C ILE A 462 -29.26 -10.43 5.73
N LEU A 463 -29.50 -11.64 5.21
CA LEU A 463 -29.82 -11.85 3.81
C LEU A 463 -31.15 -11.20 3.44
N CYS A 464 -32.07 -11.06 4.41
CA CYS A 464 -33.38 -10.49 4.17
C CYS A 464 -33.41 -8.98 4.40
N ASN A 465 -32.27 -8.41 4.81
CA ASN A 465 -32.22 -7.01 5.21
C ASN A 465 -33.30 -6.73 6.25
N THR A 466 -33.48 -7.66 7.20
CA THR A 466 -34.42 -7.51 8.29
C THR A 466 -33.89 -6.44 9.24
N ARG A 467 -34.83 -5.70 9.86
CA ARG A 467 -34.50 -4.51 10.64
C ARG A 467 -34.76 -4.73 12.13
N HIS A 468 -35.68 -5.64 12.49
CA HIS A 468 -35.98 -5.96 13.87
C HIS A 468 -36.34 -7.44 13.98
N ILE A 469 -36.03 -8.05 15.13
CA ILE A 469 -36.16 -9.49 15.31
C ILE A 469 -37.17 -9.76 16.43
N SER A 470 -38.33 -10.28 16.05
CA SER A 470 -39.39 -10.60 17.00
C SER A 470 -39.06 -11.92 17.69
N ASP A 471 -39.69 -12.15 18.86
CA ASP A 471 -39.54 -13.43 19.53
C ASP A 471 -40.09 -14.57 18.66
N SER A 472 -41.04 -14.24 17.77
CA SER A 472 -41.63 -15.24 16.87
C SER A 472 -40.60 -15.80 15.89
N VAL A 473 -39.51 -15.06 15.63
CA VAL A 473 -38.43 -15.56 14.80
C VAL A 473 -37.76 -16.75 15.50
N PHE A 474 -37.57 -16.64 16.83
CA PHE A 474 -36.92 -17.69 17.60
C PHE A 474 -37.85 -18.90 17.73
N LEU A 475 -39.16 -18.68 17.75
CA LEU A 475 -40.10 -19.79 17.75
C LEU A 475 -39.98 -20.56 16.44
N GLU A 476 -39.95 -19.84 15.31
CA GLU A 476 -39.79 -20.44 14.00
C GLU A 476 -38.47 -21.21 13.92
N ALA A 477 -37.38 -20.61 14.42
CA ALA A 477 -36.08 -21.28 14.44
C ALA A 477 -36.14 -22.60 15.20
N ALA A 478 -36.82 -22.60 16.36
CA ALA A 478 -36.92 -23.80 17.18
C ALA A 478 -37.64 -24.91 16.41
N LYS A 479 -38.75 -24.58 15.74
CA LYS A 479 -39.50 -25.55 14.96
C LYS A 479 -38.67 -26.05 13.77
N ALA A 480 -37.89 -25.16 13.17
CA ALA A 480 -37.07 -25.49 12.00
C ALA A 480 -35.96 -26.45 12.40
N LEU A 481 -35.42 -26.30 13.61
CA LEU A 481 -34.39 -27.20 14.13
C LEU A 481 -34.97 -28.60 14.30
N THR A 482 -36.09 -28.70 15.04
CA THR A 482 -36.72 -29.97 15.38
C THR A 482 -37.18 -30.68 14.11
N SER A 483 -37.57 -29.92 13.08
CA SER A 483 -38.08 -30.48 11.84
C SER A 483 -37.01 -31.28 11.09
N GLN A 484 -35.73 -31.12 11.48
CA GLN A 484 -34.64 -31.79 10.78
C GLN A 484 -34.32 -33.16 11.39
N LEU A 485 -34.96 -33.51 12.51
CA LEU A 485 -34.78 -34.82 13.12
C LEU A 485 -35.47 -35.87 12.26
N THR A 486 -34.72 -36.90 11.86
CA THR A 486 -35.25 -37.99 11.04
C THR A 486 -36.04 -38.95 11.93
N ASP A 487 -36.94 -39.72 11.31
CA ASP A 487 -37.74 -40.71 12.00
C ASP A 487 -36.84 -41.69 12.77
N GLU A 488 -35.71 -42.06 12.16
N GLU A 488 -35.72 -42.09 12.15
CA GLU A 488 -34.75 -42.97 12.77
CA GLU A 488 -34.74 -42.96 12.77
C GLU A 488 -34.17 -42.34 14.03
C GLU A 488 -34.21 -42.34 14.05
N GLU A 489 -33.79 -41.06 13.95
CA GLU A 489 -33.25 -40.32 15.08
C GLU A 489 -34.31 -40.16 16.18
N LEU A 490 -35.56 -39.92 15.78
CA LEU A 490 -36.66 -39.72 16.73
C LEU A 490 -36.95 -41.00 17.50
N ALA A 491 -36.80 -42.15 16.83
CA ALA A 491 -37.00 -43.46 17.44
C ALA A 491 -35.93 -43.74 18.48
N GLN A 492 -34.69 -43.29 18.21
CA GLN A 492 -33.55 -43.51 19.09
C GLN A 492 -33.49 -42.48 20.22
N GLY A 493 -34.46 -41.55 20.26
CA GLY A 493 -34.58 -40.61 21.36
C GLY A 493 -33.52 -39.51 21.31
N ARG A 494 -33.02 -39.22 20.11
CA ARG A 494 -32.23 -38.02 19.87
C ARG A 494 -33.18 -36.83 19.87
N LEU A 495 -32.84 -35.77 20.61
CA LEU A 495 -33.69 -34.59 20.71
C LEU A 495 -33.14 -33.43 19.88
N TYR A 496 -31.92 -33.60 19.34
CA TYR A 496 -31.31 -32.60 18.47
C TYR A 496 -30.58 -33.31 17.32
N PRO A 497 -30.51 -32.69 16.13
CA PRO A 497 -29.67 -33.22 15.05
C PRO A 497 -28.21 -33.29 15.49
N PRO A 498 -27.38 -34.16 14.89
CA PRO A 498 -25.96 -34.25 15.24
C PRO A 498 -25.21 -32.92 15.05
N LEU A 499 -24.34 -32.60 16.02
CA LEU A 499 -23.53 -31.39 15.97
C LEU A 499 -22.57 -31.45 14.79
N ALA A 500 -22.15 -32.65 14.41
CA ALA A 500 -21.29 -32.83 13.24
C ALA A 500 -21.91 -32.22 11.99
N ASN A 501 -23.26 -32.14 11.96
CA ASN A 501 -23.98 -31.68 10.79
C ASN A 501 -24.39 -30.20 10.91
N ILE A 502 -23.66 -29.41 11.72
CA ILE A 502 -24.12 -28.09 12.10
C ILE A 502 -24.20 -27.15 10.90
N GLN A 503 -23.32 -27.32 9.90
CA GLN A 503 -23.36 -26.48 8.72
C GLN A 503 -24.70 -26.64 8.00
N GLU A 504 -25.04 -27.90 7.66
CA GLU A 504 -26.28 -28.20 6.95
C GLU A 504 -27.48 -27.76 7.79
N VAL A 505 -27.43 -28.02 9.10
CA VAL A 505 -28.51 -27.67 10.01
C VAL A 505 -28.72 -26.15 9.99
N SER A 506 -27.62 -25.38 10.06
CA SER A 506 -27.71 -23.93 10.12
C SER A 506 -28.33 -23.36 8.84
N ILE A 507 -27.92 -23.89 7.67
CA ILE A 507 -28.42 -23.38 6.41
C ILE A 507 -29.91 -23.67 6.30
N ASN A 508 -30.32 -24.87 6.72
CA ASN A 508 -31.73 -25.26 6.66
C ASN A 508 -32.58 -24.37 7.56
N ILE A 509 -32.04 -23.98 8.72
CA ILE A 509 -32.73 -23.04 9.60
C ILE A 509 -32.84 -21.69 8.89
N ALA A 510 -31.74 -21.23 8.27
CA ALA A 510 -31.73 -19.94 7.60
C ALA A 510 -32.77 -19.89 6.48
N ILE A 511 -32.94 -21.00 5.76
CA ILE A 511 -33.91 -21.05 4.67
C ILE A 511 -35.32 -20.93 5.23
N LYS A 512 -35.61 -21.65 6.33
CA LYS A 512 -36.93 -21.61 6.94
C LYS A 512 -37.23 -20.24 7.52
N VAL A 513 -36.23 -19.63 8.16
CA VAL A 513 -36.41 -18.32 8.78
C VAL A 513 -36.59 -17.26 7.68
N THR A 514 -35.85 -17.40 6.58
CA THR A 514 -35.99 -16.49 5.44
C THR A 514 -37.42 -16.55 4.90
N GLU A 515 -37.95 -17.76 4.71
CA GLU A 515 -39.33 -17.95 4.30
C GLU A 515 -40.28 -17.23 5.26
N TYR A 516 -40.03 -17.39 6.57
CA TYR A 516 -40.87 -16.78 7.58
C TYR A 516 -40.82 -15.25 7.47
N LEU A 517 -39.61 -14.70 7.34
CA LEU A 517 -39.44 -13.25 7.33
C LEU A 517 -40.16 -12.64 6.13
N TYR A 518 -40.09 -13.30 4.97
CA TYR A 518 -40.76 -12.80 3.77
C TYR A 518 -42.28 -12.88 3.94
N ALA A 519 -42.76 -13.97 4.55
CA ALA A 519 -44.19 -14.22 4.65
C ALA A 519 -44.84 -13.28 5.68
N ASN A 520 -44.05 -12.71 6.60
CA ASN A 520 -44.60 -11.91 7.68
C ASN A 520 -44.17 -10.44 7.55
N LYS A 521 -43.72 -10.05 6.35
CA LYS A 521 -43.44 -8.67 5.99
C LYS A 521 -42.31 -8.12 6.86
N MET A 522 -41.31 -8.96 7.18
CA MET A 522 -40.20 -8.55 8.02
C MET A 522 -38.92 -8.41 7.20
N ALA A 523 -38.98 -8.78 5.91
CA ALA A 523 -37.84 -8.67 5.01
C ALA A 523 -37.96 -7.38 4.19
N PHE A 524 -36.80 -6.81 3.81
CA PHE A 524 -36.76 -5.59 3.00
C PHE A 524 -35.91 -5.77 1.75
N ARG A 525 -35.36 -6.96 1.53
CA ARG A 525 -34.60 -7.26 0.32
C ARG A 525 -35.57 -7.67 -0.79
N TYR A 526 -35.68 -6.80 -1.81
CA TYR A 526 -36.52 -7.04 -2.97
C TYR A 526 -35.69 -6.78 -4.23
N PRO A 527 -35.91 -7.49 -5.36
CA PRO A 527 -36.97 -8.48 -5.50
C PRO A 527 -36.88 -9.69 -4.56
N GLU A 528 -38.05 -10.21 -4.17
CA GLU A 528 -38.16 -11.38 -3.34
C GLU A 528 -37.85 -12.63 -4.17
N PRO A 529 -36.93 -13.51 -3.73
CA PRO A 529 -36.61 -14.72 -4.47
C PRO A 529 -37.78 -15.69 -4.45
N GLU A 530 -38.05 -16.32 -5.61
CA GLU A 530 -39.07 -17.35 -5.70
C GLU A 530 -38.61 -18.58 -4.91
N ASP A 531 -37.30 -18.89 -4.97
CA ASP A 531 -36.75 -20.09 -4.36
C ASP A 531 -35.77 -19.69 -3.26
N LYS A 532 -36.22 -19.83 -2.00
CA LYS A 532 -35.49 -19.33 -0.85
C LYS A 532 -34.26 -20.21 -0.56
N ALA A 533 -34.37 -21.51 -0.85
CA ALA A 533 -33.27 -22.42 -0.63
C ALA A 533 -32.09 -22.03 -1.53
N LYS A 534 -32.39 -21.76 -2.81
CA LYS A 534 -31.38 -21.35 -3.78
C LYS A 534 -30.81 -20.00 -3.39
N TYR A 535 -31.69 -19.07 -2.98
CA TYR A 535 -31.30 -17.74 -2.56
C TYR A 535 -30.23 -17.81 -1.47
N VAL A 536 -30.49 -18.60 -0.42
CA VAL A 536 -29.60 -18.67 0.73
C VAL A 536 -28.30 -19.40 0.34
N LYS A 537 -28.42 -20.55 -0.33
CA LYS A 537 -27.26 -21.39 -0.62
C LYS A 537 -26.27 -20.69 -1.57
N GLU A 538 -26.76 -19.80 -2.44
CA GLU A 538 -25.89 -19.09 -3.37
C GLU A 538 -25.15 -17.95 -2.70
N ARG A 539 -25.53 -17.59 -1.46
CA ARG A 539 -24.95 -16.44 -0.80
C ARG A 539 -24.03 -16.81 0.36
N THR A 540 -23.96 -18.09 0.73
CA THR A 540 -23.09 -18.50 1.83
C THR A 540 -21.64 -18.41 1.39
N TRP A 541 -20.79 -17.89 2.28
CA TRP A 541 -19.36 -17.75 2.03
C TRP A 541 -18.70 -19.12 2.05
N ARG A 542 -17.75 -19.33 1.13
CA ARG A 542 -17.10 -20.61 0.92
C ARG A 542 -15.62 -20.50 1.28
N SER A 543 -15.08 -21.56 1.88
CA SER A 543 -13.70 -21.57 2.36
C SER A 543 -12.74 -22.08 1.29
N GLU A 544 -13.25 -22.56 0.15
CA GLU A 544 -12.40 -22.96 -0.96
C GLU A 544 -11.61 -21.75 -1.45
N TYR A 545 -10.31 -21.97 -1.71
CA TYR A 545 -9.46 -20.96 -2.33
C TYR A 545 -10.00 -20.60 -3.72
N ASP A 546 -9.87 -19.33 -4.09
CA ASP A 546 -10.13 -18.88 -5.45
C ASP A 546 -8.82 -18.81 -6.23
N SER A 547 -8.95 -18.76 -7.56
CA SER A 547 -7.81 -18.51 -8.42
C SER A 547 -7.42 -17.03 -8.31
N LEU A 548 -6.12 -16.77 -8.19
CA LEU A 548 -5.62 -15.40 -8.20
C LEU A 548 -4.73 -15.20 -9.44
N LEU A 549 -4.92 -16.06 -10.44
CA LEU A 549 -4.10 -16.04 -11.64
C LEU A 549 -4.59 -14.95 -12.58
N PRO A 550 -3.72 -13.99 -12.99
CA PRO A 550 -4.08 -13.04 -14.05
C PRO A 550 -4.51 -13.77 -15.33
N ASP A 551 -5.39 -13.11 -16.10
CA ASP A 551 -5.91 -13.68 -17.33
C ASP A 551 -5.02 -13.30 -18.52
N VAL A 552 -4.22 -14.27 -18.99
CA VAL A 552 -3.26 -14.04 -20.06
C VAL A 552 -3.72 -14.81 -21.31
N TYR A 553 -3.74 -14.11 -22.46
CA TYR A 553 -4.26 -14.68 -23.70
C TYR A 553 -3.74 -13.87 -24.89
N GLU A 554 -3.73 -14.51 -26.06
CA GLU A 554 -3.21 -13.89 -27.27
C GLU A 554 -4.29 -13.07 -27.96
N TRP A 555 -3.89 -11.96 -28.58
CA TRP A 555 -4.76 -11.18 -29.44
C TRP A 555 -4.66 -11.69 -30.87
N PRO A 556 -5.73 -11.59 -31.69
CA PRO A 556 -5.63 -11.89 -33.12
C PRO A 556 -4.66 -10.92 -33.81
N GLU A 557 -3.84 -11.46 -34.73
CA GLU A 557 -2.92 -10.67 -35.52
C GLU A 557 -3.48 -10.53 -36.96
N SER A 561 -0.19 -1.97 -39.26
CA SER A 561 0.11 -0.82 -38.36
C SER A 561 0.81 0.30 -39.15
N PRO A 562 0.15 1.47 -39.34
CA PRO A 562 0.74 2.56 -40.12
C PRO A 562 2.02 3.11 -39.50
N PRO A 563 3.09 3.38 -40.30
CA PRO A 563 4.31 3.99 -39.79
C PRO A 563 4.36 5.51 -40.01
N GLU B 6 -3.31 -5.68 2.70
CA GLU B 6 -3.92 -5.95 4.03
C GLU B 6 -4.55 -4.67 4.58
N LYS B 7 -5.88 -4.69 4.77
CA LYS B 7 -6.61 -3.52 5.19
C LYS B 7 -6.31 -3.24 6.67
N GLY B 8 -6.01 -1.97 6.97
CA GLY B 8 -5.64 -1.54 8.31
C GLY B 8 -4.62 -0.40 8.26
N LYS B 9 -4.02 -0.08 9.42
CA LYS B 9 -2.99 0.94 9.49
C LYS B 9 -1.62 0.30 9.36
N PRO B 10 -0.85 0.63 8.29
CA PRO B 10 0.46 0.02 8.06
C PRO B 10 1.40 -0.07 9.28
N LEU B 11 1.37 0.95 10.14
CA LEU B 11 2.32 1.04 11.24
C LEU B 11 2.10 -0.06 12.27
N MET B 12 0.85 -0.53 12.47
CA MET B 12 0.63 -1.62 13.42
C MET B 12 0.71 -2.98 12.72
N LEU B 13 0.49 -3.02 11.39
CA LEU B 13 0.51 -4.27 10.65
C LEU B 13 1.94 -4.72 10.35
N ASN B 14 2.86 -3.74 10.26
CA ASN B 14 4.24 -4.01 9.92
C ASN B 14 5.00 -4.36 11.20
N PRO B 15 5.51 -5.60 11.37
CA PRO B 15 6.23 -5.98 12.58
C PRO B 15 7.47 -5.13 12.85
N ARG B 16 7.98 -4.48 11.80
CA ARG B 16 9.17 -3.64 11.90
C ARG B 16 8.87 -2.36 12.69
N THR B 17 7.64 -1.82 12.54
CA THR B 17 7.27 -0.58 13.21
C THR B 17 6.32 -0.85 14.39
N ASN B 18 5.61 -1.98 14.37
CA ASN B 18 4.55 -2.26 15.34
C ASN B 18 5.09 -2.24 16.77
N LYS B 19 4.41 -1.46 17.64
CA LYS B 19 4.72 -1.38 19.06
C LYS B 19 3.65 -2.06 19.91
N GLY B 20 2.54 -2.48 19.29
CA GLY B 20 1.44 -3.12 20.02
C GLY B 20 0.90 -2.20 21.11
N MET B 21 0.76 -2.74 22.33
CA MET B 21 0.18 -1.98 23.43
C MET B 21 1.14 -0.92 23.97
N ALA B 22 2.36 -0.84 23.40
CA ALA B 22 3.29 0.24 23.75
C ALA B 22 3.08 1.49 22.90
N PHE B 23 2.20 1.45 21.90
CA PHE B 23 1.76 2.68 21.25
C PHE B 23 1.12 3.58 22.31
N THR B 24 1.58 4.83 22.38
CA THR B 24 1.08 5.75 23.40
C THR B 24 -0.32 6.20 23.01
N LEU B 25 -1.04 6.78 23.98
CA LEU B 25 -2.39 7.27 23.72
C LEU B 25 -2.38 8.23 22.53
N GLN B 26 -1.46 9.20 22.55
CA GLN B 26 -1.42 10.22 21.50
C GLN B 26 -1.06 9.60 20.15
N GLU B 27 -0.12 8.64 20.16
CA GLU B 27 0.23 7.93 18.95
C GLU B 27 -1.01 7.25 18.35
N ARG B 28 -1.76 6.54 19.19
CA ARG B 28 -2.89 5.77 18.71
C ARG B 28 -3.91 6.67 18.04
N GLN B 29 -4.17 7.83 18.67
CA GLN B 29 -5.21 8.75 18.22
C GLN B 29 -4.80 9.39 16.89
N MET B 30 -3.56 9.88 16.81
CA MET B 30 -3.10 10.60 15.63
C MET B 30 -2.91 9.65 14.45
N LEU B 31 -2.57 8.39 14.72
CA LEU B 31 -2.25 7.43 13.67
C LEU B 31 -3.49 6.61 13.28
N GLY B 32 -4.61 6.80 13.97
CA GLY B 32 -5.84 6.09 13.66
C GLY B 32 -5.84 4.65 14.16
N LEU B 33 -5.21 4.42 15.33
CA LEU B 33 -5.17 3.11 15.95
C LEU B 33 -6.11 3.06 17.15
N GLN B 34 -6.69 4.20 17.57
CA GLN B 34 -7.52 4.25 18.75
C GLN B 34 -8.70 3.30 18.55
N GLY B 35 -8.85 2.34 19.48
CA GLY B 35 -9.92 1.36 19.42
C GLY B 35 -9.48 0.02 18.82
N LEU B 36 -8.30 0.00 18.17
CA LEU B 36 -7.79 -1.22 17.56
C LEU B 36 -6.88 -1.97 18.52
N LEU B 37 -6.64 -1.36 19.69
CA LEU B 37 -5.85 -1.95 20.76
C LEU B 37 -6.64 -1.82 22.05
N PRO B 38 -6.41 -2.68 23.06
CA PRO B 38 -7.10 -2.56 24.34
C PRO B 38 -6.71 -1.29 25.09
N PRO B 39 -7.57 -0.79 26.00
CA PRO B 39 -7.43 0.55 26.56
C PRO B 39 -6.39 0.62 27.68
N LYS B 40 -5.18 0.13 27.38
CA LYS B 40 -4.08 0.15 28.32
C LYS B 40 -2.80 0.46 27.56
N ILE B 41 -2.03 1.42 28.07
CA ILE B 41 -0.75 1.82 27.50
C ILE B 41 0.35 1.14 28.31
N GLU B 42 1.14 0.29 27.64
CA GLU B 42 2.25 -0.39 28.31
C GLU B 42 3.58 0.16 27.81
N THR B 43 4.66 -0.31 28.45
CA THR B 43 6.01 -0.06 27.98
C THR B 43 6.58 -1.37 27.47
N GLN B 44 7.73 -1.32 26.79
CA GLN B 44 8.41 -2.51 26.32
C GLN B 44 8.78 -3.40 27.52
N ASP B 45 9.14 -2.77 28.65
CA ASP B 45 9.46 -3.49 29.88
C ASP B 45 8.32 -4.44 30.28
N ILE B 46 7.08 -3.96 30.21
CA ILE B 46 5.94 -4.75 30.64
C ILE B 46 5.64 -5.87 29.65
N GLN B 47 5.67 -5.56 28.35
CA GLN B 47 5.45 -6.57 27.32
C GLN B 47 6.46 -7.70 27.45
N ALA B 48 7.71 -7.35 27.76
CA ALA B 48 8.77 -8.34 27.90
C ALA B 48 8.48 -9.25 29.09
N LEU B 49 8.08 -8.64 30.21
CA LEU B 49 7.80 -9.39 31.44
C LEU B 49 6.64 -10.35 31.21
N ARG B 50 5.61 -9.92 30.47
CA ARG B 50 4.49 -10.79 30.15
C ARG B 50 5.00 -12.02 29.40
N PHE B 51 5.88 -11.80 28.42
CA PHE B 51 6.44 -12.87 27.63
C PHE B 51 7.20 -13.85 28.53
N HIS B 52 8.09 -13.31 29.37
CA HIS B 52 8.95 -14.14 30.21
C HIS B 52 8.10 -15.01 31.14
N ARG B 53 6.98 -14.46 31.62
CA ARG B 53 6.04 -15.18 32.48
C ARG B 53 5.39 -16.32 31.70
N ASN B 54 4.97 -16.03 30.47
CA ASN B 54 4.31 -17.02 29.63
C ASN B 54 5.27 -18.15 29.25
N LEU B 55 6.55 -17.81 29.07
CA LEU B 55 7.55 -18.79 28.66
C LEU B 55 7.93 -19.68 29.83
N LYS B 56 8.06 -19.08 31.03
CA LYS B 56 8.47 -19.81 32.22
C LYS B 56 7.45 -20.91 32.57
N LYS B 57 6.20 -20.73 32.14
CA LYS B 57 5.16 -21.72 32.34
C LYS B 57 5.46 -22.98 31.52
N MET B 58 5.98 -22.79 30.31
CA MET B 58 6.22 -23.88 29.37
C MET B 58 7.45 -24.70 29.78
N THR B 59 7.59 -25.89 29.18
CA THR B 59 8.68 -26.81 29.47
C THR B 59 9.34 -27.32 28.19
N SER B 60 8.55 -27.56 27.13
CA SER B 60 9.04 -28.10 25.88
C SER B 60 9.82 -27.05 25.09
N PRO B 61 11.12 -27.29 24.75
CA PRO B 61 11.87 -26.39 23.87
C PRO B 61 11.17 -26.06 22.55
N LEU B 62 10.48 -27.04 21.96
CA LEU B 62 9.80 -26.87 20.68
C LEU B 62 8.63 -25.90 20.83
N GLU B 63 7.85 -26.03 21.91
CA GLU B 63 6.72 -25.14 22.14
C GLU B 63 7.22 -23.71 22.39
N LYS B 64 8.35 -23.58 23.10
CA LYS B 64 8.97 -22.29 23.34
C LYS B 64 9.46 -21.69 22.03
N TYR B 65 9.99 -22.54 21.14
CA TYR B 65 10.48 -22.11 19.84
C TYR B 65 9.33 -21.47 19.05
N ILE B 66 8.20 -22.20 18.95
CA ILE B 66 7.06 -21.78 18.16
C ILE B 66 6.53 -20.45 18.69
N TYR B 67 6.52 -20.31 20.02
CA TYR B 67 6.00 -19.13 20.69
C TYR B 67 6.89 -17.92 20.39
N ILE B 68 8.19 -18.05 20.65
CA ILE B 68 9.10 -16.90 20.53
C ILE B 68 9.19 -16.47 19.06
N MET B 69 9.23 -17.42 18.12
CA MET B 69 9.41 -17.07 16.71
C MET B 69 8.16 -16.38 16.16
N GLY B 70 6.99 -16.69 16.75
CA GLY B 70 5.75 -16.01 16.42
C GLY B 70 5.82 -14.51 16.67
N ILE B 71 6.58 -14.11 17.70
CA ILE B 71 6.73 -12.71 18.06
C ILE B 71 7.51 -11.97 16.98
N GLN B 72 8.48 -12.65 16.35
CA GLN B 72 9.26 -12.03 15.28
C GLN B 72 8.33 -11.54 14.15
N GLU B 73 7.25 -12.29 13.89
CA GLU B 73 6.31 -11.95 12.82
C GLU B 73 5.30 -10.90 13.26
N ARG B 74 5.33 -10.47 14.53
CA ARG B 74 4.34 -9.54 15.06
C ARG B 74 4.97 -8.21 15.49
N ASN B 75 6.08 -8.28 16.23
CA ASN B 75 6.70 -7.11 16.84
C ASN B 75 8.19 -7.36 16.95
N GLU B 76 8.94 -6.83 15.98
CA GLU B 76 10.35 -7.13 15.80
C GLU B 76 11.16 -6.65 17.00
N LYS B 77 10.89 -5.44 17.48
CA LYS B 77 11.68 -4.87 18.57
C LYS B 77 11.44 -5.63 19.86
N LEU B 78 10.19 -6.03 20.12
CA LEU B 78 9.88 -6.86 21.29
C LEU B 78 10.64 -8.18 21.20
N PHE B 79 10.63 -8.81 20.02
CA PHE B 79 11.29 -10.09 19.79
C PHE B 79 12.76 -10.00 20.21
N TYR B 80 13.48 -8.96 19.74
CA TYR B 80 14.90 -8.84 20.01
C TYR B 80 15.13 -8.44 21.47
N ARG B 81 14.23 -7.64 22.04
CA ARG B 81 14.29 -7.31 23.46
C ARG B 81 14.27 -8.58 24.32
N ILE B 82 13.34 -9.48 23.99
CA ILE B 82 13.12 -10.71 24.74
C ILE B 82 14.34 -11.61 24.67
N LEU B 83 14.93 -11.70 23.48
CA LEU B 83 16.09 -12.54 23.24
C LEU B 83 17.29 -11.98 24.01
N GLN B 84 17.49 -10.65 23.93
CA GLN B 84 18.60 -10.00 24.61
C GLN B 84 18.46 -10.14 26.13
N ASP B 85 17.23 -10.04 26.65
CA ASP B 85 16.98 -10.13 28.08
C ASP B 85 17.50 -11.45 28.64
N ASP B 86 17.24 -12.55 27.91
CA ASP B 86 17.45 -13.90 28.42
C ASP B 86 18.28 -14.69 27.41
N ILE B 87 19.40 -14.09 27.00
CA ILE B 87 20.12 -14.53 25.81
C ILE B 87 20.74 -15.90 26.02
N GLU B 88 21.31 -16.16 27.20
CA GLU B 88 22.00 -17.42 27.45
C GLU B 88 21.01 -18.58 27.35
N SER B 89 19.80 -18.39 27.90
CA SER B 89 18.79 -19.44 27.91
C SER B 89 18.06 -19.59 26.59
N LEU B 90 18.00 -18.53 25.77
CA LEU B 90 17.15 -18.54 24.59
C LEU B 90 17.92 -18.82 23.31
N MET B 91 19.25 -18.62 23.31
CA MET B 91 20.08 -18.94 22.14
C MET B 91 19.88 -20.41 21.74
N PRO B 92 19.85 -21.38 22.68
CA PRO B 92 19.60 -22.79 22.33
C PRO B 92 18.17 -23.13 21.89
N ILE B 93 17.25 -22.18 22.05
CA ILE B 93 15.87 -22.35 21.60
C ILE B 93 15.74 -21.83 20.16
N VAL B 94 16.24 -20.62 19.90
CA VAL B 94 16.05 -20.01 18.59
C VAL B 94 17.06 -20.59 17.61
N TYR B 95 18.18 -21.14 18.11
CA TYR B 95 19.18 -21.75 17.25
C TYR B 95 19.42 -23.19 17.69
N THR B 96 20.63 -23.70 17.44
N THR B 96 20.63 -23.70 17.44
CA THR B 96 21.01 -25.07 17.73
CA THR B 96 20.96 -25.08 17.71
C THR B 96 21.03 -25.26 19.24
C THR B 96 21.04 -25.27 19.22
N PRO B 97 20.55 -26.41 19.79
CA PRO B 97 19.95 -27.51 19.01
C PRO B 97 18.46 -27.59 18.66
N THR B 98 17.64 -26.62 19.09
CA THR B 98 16.18 -26.76 18.98
C THR B 98 15.72 -26.53 17.53
N VAL B 99 16.27 -25.51 16.88
CA VAL B 99 15.74 -24.99 15.62
C VAL B 99 15.49 -26.12 14.62
N GLY B 100 16.44 -27.06 14.50
CA GLY B 100 16.39 -28.09 13.48
C GLY B 100 15.23 -29.08 13.68
N LEU B 101 14.74 -29.20 14.92
CA LEU B 101 13.66 -30.12 15.25
C LEU B 101 12.30 -29.57 14.80
N ALA B 102 12.19 -28.24 14.60
CA ALA B 102 10.91 -27.56 14.44
C ALA B 102 10.19 -27.98 13.15
N CSX B 103 10.85 -27.82 11.99
CA CSX B 103 10.22 -28.09 10.71
CB CSX B 103 11.15 -27.77 9.53
SG CSX B 103 11.40 -26.00 9.33
C CSX B 103 9.77 -29.54 10.61
O CSX B 103 8.67 -29.82 10.11
OD CSX B 103 10.03 -25.38 9.25
N SER B 104 10.62 -30.46 11.08
CA SER B 104 10.32 -31.88 11.04
C SER B 104 9.08 -32.19 11.87
N GLN B 105 8.94 -31.50 13.01
CA GLN B 105 7.85 -31.79 13.94
C GLN B 105 6.56 -31.13 13.47
N TYR B 106 6.65 -29.87 13.01
CA TYR B 106 5.47 -29.04 12.82
C TYR B 106 5.30 -28.59 11.37
N GLY B 107 6.41 -28.35 10.67
CA GLY B 107 6.36 -27.63 9.42
C GLY B 107 6.09 -26.15 9.68
N HIS B 108 5.40 -25.48 8.75
CA HIS B 108 5.16 -24.05 8.88
C HIS B 108 3.88 -23.68 8.13
N ILE B 109 3.15 -22.70 8.67
CA ILE B 109 2.06 -22.05 7.98
C ILE B 109 2.53 -20.64 7.61
N PHE B 110 2.57 -20.35 6.30
CA PHE B 110 3.21 -19.15 5.80
C PHE B 110 2.23 -17.97 5.78
N ARG B 111 2.74 -16.82 6.23
CA ARG B 111 2.16 -15.52 5.91
C ARG B 111 3.30 -14.68 5.31
N ARG B 112 4.12 -14.07 6.17
CA ARG B 112 5.24 -13.27 5.68
CA ARG B 112 5.25 -13.26 5.72
C ARG B 112 6.41 -14.18 5.36
N PRO B 113 7.24 -13.85 4.33
CA PRO B 113 8.40 -14.67 4.00
C PRO B 113 9.39 -14.84 5.15
N LYS B 114 9.90 -16.07 5.31
CA LYS B 114 10.97 -16.37 6.26
C LYS B 114 12.33 -16.00 5.65
N GLY B 115 12.44 -16.15 4.34
CA GLY B 115 13.67 -15.91 3.59
C GLY B 115 13.45 -16.36 2.15
N LEU B 116 14.54 -16.52 1.39
CA LEU B 116 14.47 -16.93 0.00
C LEU B 116 14.69 -18.43 -0.10
N PHE B 117 13.85 -19.07 -0.92
CA PHE B 117 14.05 -20.45 -1.33
C PHE B 117 14.45 -20.47 -2.80
N ILE B 118 15.58 -21.11 -3.10
CA ILE B 118 16.10 -21.20 -4.45
C ILE B 118 16.27 -22.68 -4.77
N SER B 119 15.45 -23.21 -5.68
CA SER B 119 15.53 -24.62 -6.01
C SER B 119 16.31 -24.84 -7.30
N ILE B 120 16.78 -26.07 -7.49
CA ILE B 120 17.45 -26.46 -8.72
C ILE B 120 16.51 -26.26 -9.92
N SER B 121 15.20 -26.36 -9.69
CA SER B 121 14.18 -26.14 -10.72
C SER B 121 14.15 -24.69 -11.19
N ASP B 122 14.75 -23.78 -10.43
CA ASP B 122 14.78 -22.36 -10.76
C ASP B 122 16.09 -21.96 -11.46
N ARG B 123 16.90 -22.94 -11.89
CA ARG B 123 18.15 -22.63 -12.53
C ARG B 123 17.92 -21.76 -13.76
N GLY B 124 18.77 -20.73 -13.93
CA GLY B 124 18.62 -19.74 -14.98
C GLY B 124 17.69 -18.59 -14.60
N HIS B 125 17.01 -18.68 -13.44
CA HIS B 125 16.04 -17.67 -13.04
C HIS B 125 16.29 -17.20 -11.60
N VAL B 126 17.53 -17.33 -11.13
CA VAL B 126 17.82 -17.06 -9.72
C VAL B 126 17.72 -15.56 -9.46
N ARG B 127 18.11 -14.74 -10.44
CA ARG B 127 18.07 -13.30 -10.28
C ARG B 127 16.64 -12.82 -10.01
N SER B 128 15.67 -13.43 -10.71
N SER B 128 15.64 -13.42 -10.68
CA SER B 128 14.26 -13.08 -10.57
CA SER B 128 14.26 -13.01 -10.53
C SER B 128 13.78 -13.37 -9.15
C SER B 128 13.73 -13.40 -9.15
N ILE B 129 14.28 -14.46 -8.55
CA ILE B 129 13.95 -14.79 -7.16
C ILE B 129 14.56 -13.77 -6.21
N VAL B 130 15.85 -13.44 -6.42
CA VAL B 130 16.52 -12.47 -5.56
C VAL B 130 15.76 -11.15 -5.61
N ASP B 131 15.25 -10.77 -6.79
CA ASP B 131 14.56 -9.50 -7.00
C ASP B 131 13.19 -9.46 -6.32
N ASN B 132 12.66 -10.62 -5.92
CA ASN B 132 11.40 -10.67 -5.19
C ASN B 132 11.58 -10.40 -3.70
N TRP B 133 12.81 -10.45 -3.17
CA TRP B 133 13.02 -10.13 -1.77
C TRP B 133 12.64 -8.67 -1.55
N PRO B 134 11.75 -8.35 -0.58
CA PRO B 134 11.27 -6.97 -0.40
C PRO B 134 12.29 -5.91 0.04
N GLU B 135 13.38 -6.30 0.71
CA GLU B 135 14.35 -5.34 1.26
C GLU B 135 15.47 -5.06 0.26
N ASN B 136 15.88 -3.80 0.14
CA ASN B 136 16.78 -3.40 -0.94
C ASN B 136 18.22 -3.17 -0.46
N HIS B 137 18.50 -3.29 0.84
CA HIS B 137 19.83 -2.98 1.38
C HIS B 137 20.38 -4.12 2.23
N VAL B 138 20.35 -5.35 1.69
CA VAL B 138 20.88 -6.50 2.39
C VAL B 138 22.40 -6.40 2.52
N LYS B 139 22.88 -6.72 3.74
CA LYS B 139 24.29 -6.68 4.08
C LYS B 139 24.80 -8.04 4.58
N ALA B 140 23.90 -8.88 5.10
CA ALA B 140 24.28 -10.16 5.67
C ALA B 140 23.36 -11.26 5.16
N VAL B 141 23.96 -12.22 4.44
CA VAL B 141 23.27 -13.39 3.91
C VAL B 141 23.80 -14.64 4.61
N VAL B 142 22.91 -15.50 5.08
CA VAL B 142 23.28 -16.81 5.56
C VAL B 142 22.53 -17.84 4.72
N VAL B 143 23.27 -18.77 4.12
CA VAL B 143 22.73 -19.72 3.15
C VAL B 143 23.08 -21.15 3.57
N THR B 144 22.11 -22.07 3.43
CA THR B 144 22.33 -23.49 3.64
C THR B 144 21.67 -24.27 2.50
N ASP B 145 22.17 -25.49 2.23
CA ASP B 145 21.47 -26.43 1.38
C ASP B 145 20.85 -27.55 2.22
N GLY B 146 21.02 -27.47 3.55
CA GLY B 146 20.36 -28.37 4.47
C GLY B 146 20.96 -29.78 4.48
N GLU B 147 22.16 -29.96 3.92
CA GLU B 147 22.74 -31.29 3.79
C GLU B 147 23.30 -31.77 5.13
N ARG B 148 23.92 -30.86 5.90
CA ARG B 148 24.54 -31.26 7.16
C ARG B 148 24.11 -30.30 8.27
N ILE B 149 22.88 -30.47 8.74
CA ILE B 149 22.38 -29.71 9.88
C ILE B 149 23.09 -30.23 11.13
N LEU B 150 23.73 -29.32 11.87
CA LEU B 150 24.54 -29.69 13.01
C LEU B 150 23.71 -30.58 13.94
N GLY B 151 24.12 -31.84 14.04
CA GLY B 151 23.55 -32.78 14.99
C GLY B 151 22.36 -33.56 14.45
N LEU B 152 21.93 -33.28 13.21
CA LEU B 152 20.70 -33.88 12.68
C LEU B 152 20.89 -34.46 11.28
N GLY B 153 21.88 -33.99 10.52
CA GLY B 153 22.15 -34.55 9.19
C GLY B 153 21.36 -33.83 8.08
N ASP B 154 20.87 -34.63 7.11
CA ASP B 154 20.25 -34.10 5.90
C ASP B 154 18.75 -33.90 6.15
N LEU B 155 18.33 -32.63 6.25
CA LEU B 155 16.94 -32.30 6.49
C LEU B 155 16.34 -31.55 5.30
N GLY B 156 17.13 -31.39 4.23
CA GLY B 156 16.69 -30.65 3.06
C GLY B 156 16.10 -29.29 3.43
N VAL B 157 14.92 -28.99 2.87
CA VAL B 157 14.26 -27.71 3.06
C VAL B 157 13.78 -27.57 4.51
N TYR B 158 13.67 -28.68 5.25
CA TYR B 158 13.34 -28.61 6.67
C TYR B 158 14.48 -27.98 7.46
N GLY B 159 15.56 -27.56 6.78
N GLY B 159 15.51 -27.46 6.77
CA GLY B 159 16.64 -26.80 7.40
CA GLY B 159 16.65 -26.84 7.41
C GLY B 159 16.48 -25.29 7.17
C GLY B 159 16.69 -25.32 7.22
N MET B 160 15.28 -24.89 6.71
N MET B 160 15.66 -24.73 6.58
CA MET B 160 15.00 -23.49 6.41
CA MET B 160 15.66 -23.29 6.41
C MET B 160 15.19 -22.62 7.65
C MET B 160 15.56 -22.58 7.76
N GLY B 161 15.12 -23.27 8.82
CA GLY B 161 15.10 -22.61 10.13
C GLY B 161 16.49 -22.17 10.59
N ILE B 162 17.54 -22.81 10.07
CA ILE B 162 18.90 -22.61 10.56
C ILE B 162 19.40 -21.21 10.18
N PRO B 163 19.35 -20.78 8.90
CA PRO B 163 19.69 -19.41 8.54
C PRO B 163 18.89 -18.34 9.28
N VAL B 164 17.61 -18.60 9.49
CA VAL B 164 16.72 -17.69 10.21
C VAL B 164 17.22 -17.51 11.64
N GLY B 165 17.51 -18.61 12.32
CA GLY B 165 17.97 -18.59 13.71
C GLY B 165 19.34 -17.92 13.83
N LYS B 166 20.21 -18.23 12.88
CA LYS B 166 21.58 -17.71 12.85
C LYS B 166 21.55 -16.19 12.77
N LEU B 167 20.75 -15.66 11.83
CA LEU B 167 20.64 -14.24 11.63
C LEU B 167 19.95 -13.55 12.81
N CYS B 168 19.05 -14.25 13.52
CA CYS B 168 18.49 -13.73 14.75
C CYS B 168 19.61 -13.40 15.74
N LEU B 169 20.66 -14.21 15.76
CA LEU B 169 21.80 -14.02 16.66
C LEU B 169 22.74 -12.94 16.13
N TYR B 170 22.87 -12.80 14.81
CA TYR B 170 23.57 -11.66 14.23
C TYR B 170 23.01 -10.36 14.81
N THR B 171 21.68 -10.26 14.87
CA THR B 171 21.03 -9.05 15.36
C THR B 171 21.12 -8.97 16.87
N ALA B 172 20.70 -10.04 17.57
CA ALA B 172 20.59 -10.01 19.02
C ALA B 172 21.96 -9.74 19.66
N CYS B 173 23.03 -10.31 19.09
CA CYS B 173 24.33 -10.32 19.73
C CYS B 173 25.19 -9.12 19.30
N ALA B 174 25.10 -8.70 18.02
CA ALA B 174 26.02 -7.70 17.50
C ALA B 174 25.31 -6.47 16.92
N GLY B 175 23.97 -6.43 16.98
CA GLY B 175 23.24 -5.26 16.51
C GLY B 175 23.31 -5.04 15.00
N ILE B 176 23.45 -6.13 14.24
CA ILE B 176 23.27 -6.06 12.81
C ILE B 176 21.78 -5.85 12.55
N ARG B 177 21.46 -4.87 11.70
CA ARG B 177 20.08 -4.48 11.47
C ARG B 177 19.30 -5.64 10.86
N PRO B 178 18.15 -6.01 11.45
CA PRO B 178 17.36 -7.15 10.94
C PRO B 178 16.89 -6.97 9.50
N ASP B 179 16.50 -5.75 9.10
CA ASP B 179 16.02 -5.50 7.75
C ASP B 179 17.15 -5.70 6.72
N ARG B 180 18.40 -5.81 7.19
CA ARG B 180 19.53 -6.01 6.29
C ARG B 180 20.04 -7.46 6.31
N CYS B 181 19.26 -8.37 6.92
CA CYS B 181 19.61 -9.78 7.01
C CYS B 181 18.75 -10.59 6.05
N LEU B 182 19.36 -11.56 5.35
CA LEU B 182 18.64 -12.37 4.37
C LEU B 182 18.98 -13.86 4.57
N PRO B 183 18.07 -14.67 5.14
CA PRO B 183 18.26 -16.12 5.20
C PRO B 183 17.88 -16.73 3.85
N VAL B 184 18.65 -17.76 3.45
CA VAL B 184 18.49 -18.38 2.15
C VAL B 184 18.60 -19.89 2.30
N CYS B 185 17.65 -20.60 1.67
CA CYS B 185 17.68 -22.05 1.60
C CYS B 185 17.73 -22.49 0.14
N ILE B 186 18.77 -23.26 -0.21
CA ILE B 186 18.92 -23.78 -1.55
C ILE B 186 18.46 -25.24 -1.54
N ASP B 187 17.49 -25.56 -2.40
CA ASP B 187 16.89 -26.89 -2.46
C ASP B 187 17.28 -27.59 -3.76
N VAL B 188 18.15 -28.60 -3.64
CA VAL B 188 18.57 -29.40 -4.78
C VAL B 188 18.11 -30.84 -4.59
N GLY B 189 17.22 -31.07 -3.63
CA GLY B 189 16.81 -32.41 -3.26
C GLY B 189 17.29 -32.78 -1.85
N THR B 190 16.96 -34.00 -1.42
CA THR B 190 17.42 -34.54 -0.15
C THR B 190 17.66 -36.04 -0.34
N ASP B 191 18.68 -36.56 0.35
CA ASP B 191 18.96 -37.99 0.36
C ASP B 191 18.25 -38.66 1.53
N ASN B 192 17.55 -37.87 2.35
CA ASN B 192 16.83 -38.38 3.51
C ASN B 192 15.59 -39.14 3.06
N ILE B 193 15.64 -40.48 3.17
CA ILE B 193 14.60 -41.36 2.67
C ILE B 193 13.27 -41.06 3.35
N ALA B 194 13.32 -40.75 4.66
CA ALA B 194 12.13 -40.48 5.44
C ALA B 194 11.37 -39.26 4.91
N LEU B 195 12.10 -38.24 4.45
CA LEU B 195 11.48 -37.02 3.93
C LEU B 195 10.87 -37.29 2.55
N LEU B 196 11.56 -38.09 1.74
CA LEU B 196 11.08 -38.41 0.40
C LEU B 196 9.77 -39.19 0.45
N LYS B 197 9.48 -39.84 1.60
CA LYS B 197 8.24 -40.57 1.78
C LYS B 197 7.26 -39.81 2.68
N ASP B 198 7.55 -38.53 2.96
CA ASP B 198 6.71 -37.72 3.83
C ASP B 198 5.83 -36.82 2.97
N PRO B 199 4.48 -36.99 3.00
CA PRO B 199 3.59 -36.16 2.19
C PRO B 199 3.53 -34.70 2.63
N PHE B 200 4.13 -34.39 3.80
CA PHE B 200 4.14 -33.04 4.32
C PHE B 200 5.51 -32.38 4.14
N TYR B 201 6.46 -33.08 3.50
CA TYR B 201 7.75 -32.49 3.20
C TYR B 201 7.55 -31.30 2.26
N MET B 202 8.32 -30.22 2.48
CA MET B 202 8.07 -28.94 1.83
C MET B 202 9.09 -28.63 0.74
N GLY B 203 9.92 -29.62 0.38
CA GLY B 203 10.93 -29.45 -0.65
C GLY B 203 10.65 -30.31 -1.88
N LEU B 204 11.62 -30.31 -2.81
CA LEU B 204 11.61 -31.16 -4.00
C LEU B 204 11.75 -32.62 -3.59
N TYR B 205 10.93 -33.48 -4.20
CA TYR B 205 11.00 -34.91 -3.95
C TYR B 205 11.96 -35.55 -4.95
N GLN B 206 13.27 -35.33 -4.73
CA GLN B 206 14.31 -35.98 -5.50
C GLN B 206 15.55 -36.10 -4.64
N LYS B 207 16.42 -37.05 -4.99
CA LYS B 207 17.73 -37.15 -4.37
CA LYS B 207 17.74 -37.16 -4.39
C LYS B 207 18.52 -35.89 -4.72
N ARG B 208 19.53 -35.58 -3.92
CA ARG B 208 20.33 -34.39 -4.14
C ARG B 208 21.01 -34.46 -5.51
N ASP B 209 20.89 -33.36 -6.26
CA ASP B 209 21.59 -33.20 -7.53
C ASP B 209 23.07 -32.98 -7.22
N ARG B 210 23.92 -33.88 -7.75
CA ARG B 210 25.35 -33.81 -7.50
C ARG B 210 26.11 -33.59 -8.80
N THR B 211 25.40 -33.19 -9.87
CA THR B 211 26.01 -32.94 -11.16
C THR B 211 26.56 -31.52 -11.18
N GLN B 212 27.11 -31.13 -12.33
CA GLN B 212 27.58 -29.79 -12.59
C GLN B 212 26.47 -28.75 -12.35
N GLN B 213 25.20 -29.16 -12.49
CA GLN B 213 24.09 -28.25 -12.29
C GLN B 213 24.06 -27.69 -10.86
N TYR B 214 24.53 -28.49 -9.89
CA TYR B 214 24.62 -28.04 -8.51
C TYR B 214 25.60 -26.86 -8.41
N ASP B 215 26.82 -27.06 -8.89
CA ASP B 215 27.85 -26.03 -8.87
C ASP B 215 27.41 -24.78 -9.65
N ASP B 216 26.73 -24.98 -10.78
CA ASP B 216 26.25 -23.89 -11.60
C ASP B 216 25.20 -23.08 -10.83
N LEU B 217 24.37 -23.77 -10.03
CA LEU B 217 23.32 -23.11 -9.27
C LEU B 217 23.94 -22.25 -8.17
N ILE B 218 24.96 -22.78 -7.48
CA ILE B 218 25.59 -22.03 -6.40
C ILE B 218 26.26 -20.79 -7.00
N ASP B 219 26.95 -20.95 -8.14
CA ASP B 219 27.58 -19.83 -8.83
C ASP B 219 26.55 -18.75 -9.20
N GLU B 220 25.39 -19.18 -9.70
CA GLU B 220 24.34 -18.27 -10.14
C GLU B 220 23.81 -17.49 -8.94
N PHE B 221 23.72 -18.16 -7.78
CA PHE B 221 23.27 -17.55 -6.54
C PHE B 221 24.26 -16.46 -6.09
N MET B 222 25.55 -16.77 -6.05
CA MET B 222 26.54 -15.79 -5.59
C MET B 222 26.50 -14.56 -6.49
N LYS B 223 26.39 -14.77 -7.81
CA LYS B 223 26.33 -13.69 -8.77
C LYS B 223 25.06 -12.87 -8.59
N ALA B 224 23.91 -13.54 -8.40
CA ALA B 224 22.63 -12.85 -8.28
C ALA B 224 22.61 -11.95 -7.04
N ILE B 225 23.09 -12.48 -5.91
CA ILE B 225 23.06 -11.74 -4.66
C ILE B 225 23.93 -10.48 -4.80
N THR B 226 25.13 -10.63 -5.35
CA THR B 226 26.07 -9.52 -5.40
C THR B 226 25.69 -8.56 -6.52
N ASP B 227 25.03 -9.04 -7.59
CA ASP B 227 24.52 -8.16 -8.63
C ASP B 227 23.49 -7.19 -8.05
N ARG B 228 22.59 -7.70 -7.21
CA ARG B 228 21.55 -6.87 -6.63
C ARG B 228 22.11 -5.99 -5.52
N TYR B 229 22.87 -6.57 -4.58
CA TYR B 229 23.15 -5.92 -3.31
C TYR B 229 24.58 -5.39 -3.22
N GLY B 230 25.46 -5.80 -4.15
CA GLY B 230 26.83 -5.29 -4.21
C GLY B 230 27.85 -6.38 -3.89
N ARG B 231 29.08 -6.20 -4.38
CA ARG B 231 30.10 -7.23 -4.29
C ARG B 231 30.58 -7.42 -2.84
N ASN B 232 30.37 -6.43 -1.95
CA ASN B 232 30.85 -6.54 -0.59
C ASN B 232 29.82 -7.17 0.34
N THR B 233 28.69 -7.64 -0.21
CA THR B 233 27.64 -8.30 0.58
C THR B 233 28.24 -9.53 1.26
N LEU B 234 28.10 -9.62 2.58
CA LEU B 234 28.60 -10.75 3.34
C LEU B 234 27.71 -11.97 3.08
N ILE B 235 28.32 -13.08 2.63
CA ILE B 235 27.59 -14.31 2.39
C ILE B 235 28.25 -15.42 3.22
N GLN B 236 27.52 -15.91 4.22
CA GLN B 236 28.03 -16.92 5.12
C GLN B 236 27.38 -18.27 4.82
N PHE B 237 28.21 -19.28 4.53
CA PHE B 237 27.73 -20.64 4.28
C PHE B 237 27.58 -21.37 5.62
N GLU B 238 26.52 -22.17 5.67
CA GLU B 238 26.19 -22.89 6.91
C GLU B 238 25.53 -24.24 6.64
N ASP B 239 26.06 -25.30 7.25
CA ASP B 239 25.45 -26.63 7.26
C ASP B 239 25.44 -27.25 5.87
N PHE B 240 26.43 -26.88 5.05
CA PHE B 240 26.75 -27.61 3.83
C PHE B 240 27.47 -28.90 4.21
N GLY B 241 27.39 -29.90 3.33
CA GLY B 241 28.13 -31.14 3.50
C GLY B 241 29.63 -30.89 3.41
N ASN B 242 30.42 -31.81 3.98
CA ASN B 242 31.86 -31.62 4.08
C ASN B 242 32.52 -31.68 2.69
N HIS B 243 31.90 -32.38 1.74
CA HIS B 243 32.40 -32.41 0.37
C HIS B 243 32.29 -31.05 -0.32
N ASN B 244 31.46 -30.14 0.23
CA ASN B 244 31.15 -28.87 -0.41
C ASN B 244 31.62 -27.67 0.44
N ALA B 245 31.67 -27.83 1.77
CA ALA B 245 31.93 -26.70 2.66
C ALA B 245 33.31 -26.10 2.41
N PHE B 246 34.36 -26.92 2.58
N PHE B 246 34.37 -26.90 2.58
CA PHE B 246 35.73 -26.47 2.36
CA PHE B 246 35.73 -26.43 2.37
C PHE B 246 35.89 -26.03 0.90
C PHE B 246 35.92 -26.04 0.90
N ARG B 247 35.31 -26.82 0.00
CA ARG B 247 35.50 -26.63 -1.44
C ARG B 247 34.98 -25.26 -1.88
N PHE B 248 33.80 -24.87 -1.36
CA PHE B 248 33.20 -23.59 -1.74
C PHE B 248 33.92 -22.45 -1.03
N LEU B 249 34.41 -22.67 0.19
CA LEU B 249 35.20 -21.66 0.88
C LEU B 249 36.42 -21.32 0.02
N ARG B 250 37.13 -22.35 -0.46
CA ARG B 250 38.32 -22.13 -1.26
C ARG B 250 37.94 -21.48 -2.60
N LYS B 251 36.81 -21.87 -3.18
CA LYS B 251 36.39 -21.37 -4.48
C LYS B 251 36.08 -19.88 -4.43
N TYR B 252 35.42 -19.42 -3.36
CA TYR B 252 34.74 -18.13 -3.41
C TYR B 252 35.43 -17.05 -2.56
N ARG B 253 36.35 -17.43 -1.66
CA ARG B 253 36.77 -16.52 -0.61
C ARG B 253 37.55 -15.32 -1.16
N GLU B 254 38.19 -15.47 -2.32
CA GLU B 254 38.93 -14.36 -2.91
C GLU B 254 38.11 -13.66 -3.99
N LYS B 255 36.91 -14.20 -4.30
CA LYS B 255 36.05 -13.63 -5.33
C LYS B 255 34.90 -12.83 -4.70
N TYR B 256 34.48 -13.24 -3.50
CA TYR B 256 33.33 -12.66 -2.82
C TYR B 256 33.66 -12.44 -1.35
N CYS B 257 32.76 -11.76 -0.64
CA CYS B 257 32.90 -11.55 0.78
C CYS B 257 32.21 -12.70 1.51
N THR B 258 32.97 -13.75 1.84
CA THR B 258 32.34 -14.99 2.27
C THR B 258 33.22 -15.71 3.30
N PHE B 259 32.54 -16.36 4.25
CA PHE B 259 33.15 -17.28 5.18
C PHE B 259 32.19 -18.43 5.44
N ASN B 260 32.73 -19.48 6.07
CA ASN B 260 31.99 -20.64 6.51
C ASN B 260 32.16 -20.75 8.02
N ASP B 261 31.07 -20.58 8.77
CA ASP B 261 31.17 -20.52 10.21
C ASP B 261 31.55 -21.87 10.80
N ASP B 262 31.09 -22.95 10.16
CA ASP B 262 31.31 -24.30 10.65
C ASP B 262 32.81 -24.59 10.69
N ILE B 263 33.56 -24.01 9.75
CA ILE B 263 34.99 -24.24 9.64
C ILE B 263 35.75 -23.16 10.41
N GLN B 264 35.53 -21.90 10.03
CA GLN B 264 36.38 -20.79 10.47
C GLN B 264 35.96 -20.31 11.85
N GLY B 265 34.65 -20.26 12.10
CA GLY B 265 34.15 -19.87 13.41
C GLY B 265 34.58 -20.88 14.48
N THR B 266 34.44 -22.16 14.15
CA THR B 266 34.84 -23.24 15.04
C THR B 266 36.33 -23.13 15.34
N ALA B 267 37.14 -22.86 14.32
CA ALA B 267 38.57 -22.78 14.49
C ALA B 267 38.92 -21.66 15.47
N ALA B 268 38.23 -20.52 15.35
CA ALA B 268 38.54 -19.36 16.16
C ALA B 268 38.14 -19.59 17.62
N VAL B 269 36.99 -20.25 17.85
CA VAL B 269 36.51 -20.44 19.20
C VAL B 269 37.38 -21.50 19.90
N ALA B 270 37.77 -22.56 19.18
CA ALA B 270 38.67 -23.57 19.74
C ALA B 270 39.99 -22.92 20.16
N LEU B 271 40.58 -22.13 19.25
CA LEU B 271 41.85 -21.48 19.49
C LEU B 271 41.75 -20.57 20.72
N ALA B 272 40.69 -19.77 20.81
CA ALA B 272 40.52 -18.84 21.93
C ALA B 272 40.60 -19.59 23.26
N GLY B 273 39.90 -20.72 23.34
CA GLY B 273 39.94 -21.59 24.50
C GLY B 273 41.37 -22.04 24.84
N LEU B 274 42.14 -22.42 23.82
CA LEU B 274 43.51 -22.91 23.99
C LEU B 274 44.42 -21.78 24.47
N LEU B 275 44.20 -20.58 23.94
CA LEU B 275 44.99 -19.42 24.31
C LEU B 275 44.73 -19.08 25.78
N ALA B 276 43.49 -19.28 26.23
CA ALA B 276 43.11 -19.03 27.60
C ALA B 276 43.77 -20.05 28.54
N ALA B 277 43.81 -21.32 28.09
CA ALA B 277 44.43 -22.38 28.88
C ALA B 277 45.91 -22.09 29.06
N GLN B 278 46.54 -21.56 28.02
CA GLN B 278 47.97 -21.23 28.03
C GLN B 278 48.24 -20.06 28.96
N LYS B 279 47.27 -19.14 29.12
CA LYS B 279 47.44 -18.04 30.06
C LYS B 279 47.48 -18.57 31.49
N VAL B 280 46.71 -19.61 31.79
CA VAL B 280 46.71 -20.23 33.09
C VAL B 280 47.97 -21.07 33.29
N ILE B 281 48.37 -21.80 32.24
CA ILE B 281 49.36 -22.86 32.37
C ILE B 281 50.78 -22.30 32.18
N SER B 282 50.95 -21.41 31.19
CA SER B 282 52.23 -20.78 30.91
C SER B 282 53.28 -21.84 30.59
N LYS B 283 52.94 -22.78 29.69
CA LYS B 283 53.89 -23.78 29.23
C LYS B 283 54.64 -23.23 28.02
N PRO B 284 55.99 -23.32 27.98
CA PRO B 284 56.76 -22.89 26.81
C PRO B 284 56.14 -23.42 25.52
N ILE B 285 55.93 -22.52 24.55
CA ILE B 285 55.17 -22.82 23.34
C ILE B 285 55.83 -23.99 22.59
N SER B 286 57.13 -24.19 22.79
CA SER B 286 57.86 -25.27 22.14
C SER B 286 57.60 -26.62 22.81
N GLU B 287 57.04 -26.63 24.02
CA GLU B 287 56.74 -27.86 24.73
C GLU B 287 55.33 -28.36 24.43
N HIS B 288 54.51 -27.55 23.74
CA HIS B 288 53.15 -27.95 23.40
C HIS B 288 53.19 -29.12 22.43
N LYS B 289 52.33 -30.12 22.67
CA LYS B 289 52.07 -31.17 21.69
C LYS B 289 50.59 -31.48 21.71
N ILE B 290 49.94 -31.32 20.54
CA ILE B 290 48.49 -31.40 20.44
C ILE B 290 48.13 -32.65 19.64
N LEU B 291 47.20 -33.45 20.17
CA LEU B 291 46.75 -34.67 19.53
C LEU B 291 45.24 -34.61 19.31
N PHE B 292 44.83 -34.66 18.04
CA PHE B 292 43.44 -34.65 17.66
C PHE B 292 42.91 -36.08 17.57
N LEU B 293 41.72 -36.30 18.14
CA LEU B 293 40.89 -37.44 17.80
C LEU B 293 39.95 -37.00 16.67
N GLY B 294 40.21 -37.47 15.45
CA GLY B 294 39.58 -36.94 14.26
C GLY B 294 40.60 -36.23 13.37
N ALA B 295 40.40 -36.34 12.05
CA ALA B 295 41.24 -35.69 11.07
C ALA B 295 40.40 -35.11 9.94
N GLY B 296 39.18 -34.68 10.29
CA GLY B 296 38.22 -34.22 9.31
C GLY B 296 38.21 -32.70 9.21
N GLU B 297 37.04 -32.17 8.83
CA GLU B 297 36.86 -30.75 8.58
C GLU B 297 37.22 -29.92 9.82
N ALA B 298 36.68 -30.31 10.98
CA ALA B 298 36.90 -29.55 12.21
C ALA B 298 38.37 -29.60 12.61
N ALA B 299 38.96 -30.80 12.58
CA ALA B 299 40.35 -30.97 12.96
C ALA B 299 41.26 -30.08 12.11
N LEU B 300 41.07 -30.11 10.79
CA LEU B 300 41.91 -29.35 9.88
C LEU B 300 41.70 -27.86 10.05
N GLY B 301 40.46 -27.43 10.26
CA GLY B 301 40.17 -26.03 10.48
C GLY B 301 40.88 -25.50 11.72
N ILE B 302 40.75 -26.23 12.84
CA ILE B 302 41.33 -25.83 14.11
C ILE B 302 42.85 -25.86 14.00
N ALA B 303 43.39 -26.95 13.42
CA ALA B 303 44.83 -27.15 13.37
C ALA B 303 45.49 -26.01 12.58
N ASN B 304 44.89 -25.62 11.47
CA ASN B 304 45.47 -24.59 10.61
C ASN B 304 45.55 -23.25 11.35
N LEU B 305 44.58 -22.95 12.21
CA LEU B 305 44.59 -21.68 12.95
C LEU B 305 45.59 -21.72 14.11
N ILE B 306 45.75 -22.90 14.74
CA ILE B 306 46.77 -23.08 15.77
C ILE B 306 48.14 -22.78 15.16
N VAL B 307 48.38 -23.32 13.96
CA VAL B 307 49.66 -23.13 13.29
C VAL B 307 49.90 -21.65 13.02
N MET B 308 48.87 -20.93 12.56
CA MET B 308 48.99 -19.49 12.32
C MET B 308 49.35 -18.77 13.61
N SER B 309 48.75 -19.18 14.73
CA SER B 309 49.05 -18.61 16.04
C SER B 309 50.52 -18.84 16.40
N MET B 310 50.98 -20.07 16.19
CA MET B 310 52.35 -20.45 16.53
C MET B 310 53.35 -19.71 15.65
N VAL B 311 53.03 -19.54 14.37
CA VAL B 311 53.90 -18.86 13.42
C VAL B 311 54.04 -17.38 13.81
N GLU B 312 52.96 -16.78 14.33
CA GLU B 312 53.00 -15.40 14.77
C GLU B 312 53.94 -15.22 15.96
N ASN B 313 54.14 -16.30 16.74
CA ASN B 313 55.00 -16.25 17.91
C ASN B 313 56.43 -16.67 17.58
N GLY B 314 56.75 -16.86 16.30
CA GLY B 314 58.13 -16.98 15.84
C GLY B 314 58.56 -18.41 15.54
N LEU B 315 57.61 -19.36 15.51
CA LEU B 315 57.88 -20.70 15.04
C LEU B 315 57.74 -20.72 13.52
N SER B 316 58.59 -21.49 12.85
CA SER B 316 58.42 -21.75 11.43
C SER B 316 57.10 -22.50 11.24
N GLU B 317 56.56 -22.44 10.02
CA GLU B 317 55.33 -23.15 9.71
C GLU B 317 55.54 -24.65 9.94
N GLN B 318 56.73 -25.14 9.57
CA GLN B 318 57.04 -26.56 9.63
C GLN B 318 57.17 -27.00 11.10
N GLU B 319 57.88 -26.20 11.90
CA GLU B 319 58.01 -26.47 13.33
C GLU B 319 56.62 -26.55 13.99
N ALA B 320 55.73 -25.62 13.60
CA ALA B 320 54.39 -25.55 14.17
C ALA B 320 53.59 -26.81 13.84
N GLN B 321 53.61 -27.20 12.57
CA GLN B 321 52.86 -28.35 12.08
C GLN B 321 53.29 -29.62 12.81
N LYS B 322 54.60 -29.73 13.11
CA LYS B 322 55.16 -30.90 13.76
C LYS B 322 54.71 -31.04 15.22
N LYS B 323 54.05 -30.02 15.78
CA LYS B 323 53.54 -30.09 17.13
C LYS B 323 52.11 -30.64 17.17
N ILE B 324 51.54 -30.92 15.99
CA ILE B 324 50.15 -31.33 15.90
C ILE B 324 50.05 -32.71 15.25
N TRP B 325 49.42 -33.64 15.98
CA TRP B 325 49.22 -35.00 15.52
C TRP B 325 47.72 -35.25 15.41
N MET B 326 47.33 -36.21 14.56
CA MET B 326 45.93 -36.55 14.39
C MET B 326 45.76 -38.06 14.34
N PHE B 327 44.60 -38.53 14.83
CA PHE B 327 44.26 -39.93 14.91
C PHE B 327 42.82 -40.10 14.43
N ASP B 328 42.62 -40.78 13.28
CA ASP B 328 41.31 -40.92 12.66
C ASP B 328 40.79 -42.34 12.87
N LYS B 329 39.72 -42.69 12.16
CA LYS B 329 39.06 -43.98 12.33
C LYS B 329 39.99 -45.14 11.95
N TYR B 330 41.08 -44.84 11.22
CA TYR B 330 42.05 -45.85 10.79
C TYR B 330 43.28 -45.88 11.71
N GLY B 331 43.42 -44.90 12.60
CA GLY B 331 44.57 -44.85 13.51
C GLY B 331 45.37 -43.56 13.33
N LEU B 332 46.62 -43.57 13.81
CA LEU B 332 47.46 -42.40 13.81
C LEU B 332 47.85 -42.05 12.37
N LEU B 333 47.73 -40.76 12.03
CA LEU B 333 48.17 -40.27 10.73
C LEU B 333 49.70 -40.19 10.74
N VAL B 334 50.32 -41.20 10.16
CA VAL B 334 51.76 -41.26 10.04
C VAL B 334 52.11 -41.43 8.56
N LYS B 335 53.19 -40.77 8.14
CA LYS B 335 53.71 -40.92 6.79
C LYS B 335 54.01 -42.39 6.56
N GLY B 336 53.39 -42.95 5.52
CA GLY B 336 53.71 -44.30 5.09
C GLY B 336 52.73 -45.34 5.63
N ARG B 337 51.66 -44.90 6.31
CA ARG B 337 50.63 -45.85 6.74
C ARG B 337 49.88 -46.31 5.49
N LYS B 338 49.09 -47.38 5.65
CA LYS B 338 48.38 -47.99 4.54
C LYS B 338 47.13 -47.16 4.19
N ALA B 339 46.35 -46.74 5.19
CA ALA B 339 45.12 -46.02 4.94
C ALA B 339 45.40 -44.65 4.32
N LYS B 340 44.44 -44.16 3.53
CA LYS B 340 44.62 -42.96 2.73
C LYS B 340 44.85 -41.74 3.62
N ILE B 341 45.78 -40.88 3.16
CA ILE B 341 45.98 -39.53 3.66
C ILE B 341 45.74 -38.57 2.49
N ASP B 342 44.82 -37.60 2.65
CA ASP B 342 44.57 -36.65 1.56
C ASP B 342 45.55 -35.49 1.69
N SER B 343 45.64 -34.66 0.64
CA SER B 343 46.66 -33.64 0.54
C SER B 343 46.50 -32.59 1.65
N TYR B 344 45.27 -32.37 2.13
CA TYR B 344 45.02 -31.39 3.17
C TYR B 344 45.44 -31.92 4.54
N GLN B 345 45.51 -33.25 4.70
CA GLN B 345 45.93 -33.84 5.96
C GLN B 345 47.45 -33.99 6.04
N GLU B 346 48.13 -33.93 4.88
CA GLU B 346 49.56 -34.23 4.77
C GLU B 346 50.41 -33.42 5.74
N PRO B 347 50.17 -32.09 5.91
CA PRO B 347 50.95 -31.29 6.85
C PRO B 347 50.98 -31.80 8.29
N PHE B 348 49.93 -32.52 8.72
CA PHE B 348 49.80 -32.98 10.10
C PHE B 348 50.03 -34.49 10.18
N THR B 349 50.55 -35.06 9.08
CA THR B 349 50.93 -36.46 9.02
C THR B 349 52.45 -36.54 9.18
N HIS B 350 52.93 -37.25 10.21
CA HIS B 350 54.31 -37.14 10.64
C HIS B 350 55.02 -38.49 10.56
N SER B 351 56.36 -38.44 10.59
CA SER B 351 57.20 -39.63 10.64
C SER B 351 56.76 -40.48 11.82
N ALA B 352 56.67 -41.79 11.59
CA ALA B 352 56.16 -42.71 12.59
C ALA B 352 56.97 -42.59 13.87
N PRO B 353 56.32 -42.60 15.06
CA PRO B 353 57.05 -42.72 16.33
C PRO B 353 57.55 -44.15 16.47
N GLU B 354 58.27 -44.44 17.56
CA GLU B 354 58.97 -45.71 17.70
C GLU B 354 57.96 -46.86 17.71
N SER B 355 56.76 -46.65 18.29
CA SER B 355 55.70 -47.63 18.24
C SER B 355 54.44 -47.02 17.64
N ILE B 356 53.66 -47.85 16.92
CA ILE B 356 52.43 -47.43 16.26
C ILE B 356 51.26 -47.78 17.16
N PRO B 357 50.44 -46.80 17.62
CA PRO B 357 49.30 -47.09 18.49
C PRO B 357 48.13 -47.73 17.76
N ASP B 358 47.41 -48.60 18.48
CA ASP B 358 46.19 -49.21 17.97
C ASP B 358 44.96 -48.44 18.44
N THR B 359 45.06 -47.84 19.63
CA THR B 359 43.95 -47.11 20.24
C THR B 359 44.41 -45.68 20.56
N PHE B 360 43.46 -44.82 20.92
CA PHE B 360 43.75 -43.45 21.25
C PHE B 360 44.53 -43.38 22.56
N GLU B 361 44.18 -44.25 23.52
CA GLU B 361 44.93 -44.41 24.75
C GLU B 361 46.42 -44.68 24.47
N ASP B 362 46.68 -45.63 23.55
CA ASP B 362 48.05 -45.94 23.15
C ASP B 362 48.74 -44.68 22.60
N ALA B 363 48.00 -43.92 21.79
CA ALA B 363 48.55 -42.73 21.14
C ALA B 363 48.95 -41.70 22.19
N VAL B 364 48.09 -41.52 23.20
CA VAL B 364 48.37 -40.61 24.29
C VAL B 364 49.64 -41.06 25.03
N ASN B 365 49.72 -42.36 25.36
CA ASN B 365 50.88 -42.88 26.09
C ASN B 365 52.16 -42.78 25.27
N ILE B 366 52.07 -42.93 23.94
CA ILE B 366 53.26 -42.91 23.10
C ILE B 366 53.72 -41.47 22.86
N LEU B 367 52.80 -40.58 22.45
CA LEU B 367 53.16 -39.25 22.00
C LEU B 367 53.28 -38.29 23.17
N LYS B 368 52.60 -38.58 24.28
CA LYS B 368 52.61 -37.72 25.46
C LYS B 368 52.20 -36.29 25.09
N PRO B 369 50.98 -36.09 24.54
CA PRO B 369 50.50 -34.74 24.22
C PRO B 369 50.15 -33.94 25.47
N SER B 370 50.24 -32.62 25.37
CA SER B 370 49.80 -31.71 26.41
C SER B 370 48.32 -31.38 26.29
N THR B 371 47.78 -31.50 25.05
CA THR B 371 46.40 -31.17 24.75
C THR B 371 45.81 -32.29 23.89
N ILE B 372 44.59 -32.74 24.19
CA ILE B 372 43.83 -33.56 23.27
C ILE B 372 42.54 -32.83 22.88
N ILE B 373 42.21 -32.91 21.59
CA ILE B 373 41.03 -32.26 21.03
C ILE B 373 40.19 -33.32 20.31
N GLY B 374 38.96 -33.50 20.78
CA GLY B 374 38.04 -34.49 20.24
C GLY B 374 37.07 -33.88 19.23
N VAL B 375 37.18 -34.35 17.98
CA VAL B 375 36.30 -33.93 16.90
C VAL B 375 36.05 -35.11 15.96
N ALA B 376 35.63 -36.25 16.54
CA ALA B 376 35.44 -37.48 15.79
C ALA B 376 33.97 -37.78 15.51
N GLY B 377 33.06 -37.16 16.28
CA GLY B 377 31.63 -37.37 16.12
C GLY B 377 31.20 -38.82 16.33
N ALA B 378 31.90 -39.53 17.22
CA ALA B 378 31.78 -40.98 17.29
C ALA B 378 31.64 -41.47 18.74
N GLY B 379 31.26 -40.58 19.67
CA GLY B 379 30.92 -40.99 21.03
C GLY B 379 32.10 -40.87 21.99
N ARG B 380 31.99 -41.59 23.11
CA ARG B 380 32.79 -41.36 24.30
C ARG B 380 34.16 -42.03 24.17
N LEU B 381 34.99 -41.51 23.26
CA LEU B 381 36.25 -42.15 22.94
C LEU B 381 37.38 -41.59 23.81
N PHE B 382 37.11 -40.52 24.57
CA PHE B 382 38.01 -40.13 25.65
C PHE B 382 37.59 -40.93 26.89
N THR B 383 38.08 -42.17 26.95
CA THR B 383 37.71 -43.11 27.98
C THR B 383 38.37 -42.72 29.30
N PRO B 384 37.87 -43.24 30.45
CA PRO B 384 38.53 -43.04 31.73
C PRO B 384 40.04 -43.29 31.68
N ASP B 385 40.45 -44.32 30.92
CA ASP B 385 41.87 -44.62 30.77
C ASP B 385 42.59 -43.51 29.99
N VAL B 386 41.92 -42.95 28.98
CA VAL B 386 42.49 -41.85 28.21
C VAL B 386 42.71 -40.64 29.14
N ILE B 387 41.70 -40.32 29.95
CA ILE B 387 41.75 -39.13 30.79
C ILE B 387 42.80 -39.31 31.90
N ARG B 388 42.80 -40.48 32.55
CA ARG B 388 43.79 -40.78 33.56
C ARG B 388 45.20 -40.66 32.98
N ALA B 389 45.41 -41.17 31.76
CA ALA B 389 46.72 -41.08 31.11
C ALA B 389 47.15 -39.62 30.98
N MET B 390 46.23 -38.75 30.50
CA MET B 390 46.53 -37.34 30.34
C MET B 390 46.92 -36.71 31.68
N ALA B 391 46.24 -37.10 32.76
CA ALA B 391 46.50 -36.55 34.09
C ALA B 391 47.79 -37.10 34.69
N SER B 392 48.20 -38.29 34.25
CA SER B 392 49.47 -38.87 34.67
C SER B 392 50.64 -38.19 33.95
N ILE B 393 50.44 -37.91 32.65
CA ILE B 393 51.48 -37.35 31.80
C ILE B 393 51.68 -35.86 32.08
N ASN B 394 50.58 -35.12 32.35
CA ASN B 394 50.62 -33.68 32.46
C ASN B 394 50.12 -33.25 33.83
N GLU B 395 50.74 -32.20 34.39
CA GLU B 395 50.27 -31.60 35.64
C GLU B 395 48.91 -30.94 35.39
N ARG B 396 48.79 -30.20 34.28
CA ARG B 396 47.55 -29.54 33.91
C ARG B 396 47.16 -29.94 32.48
N PRO B 397 46.51 -31.11 32.27
CA PRO B 397 46.14 -31.53 30.92
C PRO B 397 45.00 -30.69 30.36
N VAL B 398 45.10 -30.36 29.07
CA VAL B 398 44.03 -29.66 28.36
C VAL B 398 43.23 -30.68 27.56
N ILE B 399 41.93 -30.77 27.86
CA ILE B 399 41.04 -31.76 27.28
C ILE B 399 39.83 -31.04 26.69
N PHE B 400 39.75 -30.99 25.36
CA PHE B 400 38.61 -30.40 24.64
C PHE B 400 37.81 -31.52 23.95
N ALA B 401 36.55 -31.67 24.36
CA ALA B 401 35.63 -32.63 23.75
C ALA B 401 34.55 -31.89 22.95
N LEU B 402 34.77 -31.73 21.63
CA LEU B 402 34.00 -30.77 20.85
C LEU B 402 32.92 -31.44 20.00
N SER B 403 32.80 -32.76 20.03
CA SER B 403 31.86 -33.45 19.14
C SER B 403 30.41 -33.19 19.56
N ASN B 404 29.51 -33.18 18.57
CA ASN B 404 28.09 -32.92 18.76
C ASN B 404 27.25 -34.01 18.10
N PRO B 405 26.01 -34.30 18.58
CA PRO B 405 25.46 -33.71 19.80
C PRO B 405 26.03 -34.37 21.06
N THR B 406 25.43 -34.09 22.22
CA THR B 406 26.00 -34.43 23.52
C THR B 406 26.37 -35.91 23.57
N ALA B 407 25.52 -36.78 23.00
CA ALA B 407 25.73 -38.21 23.01
C ALA B 407 27.02 -38.59 22.25
N GLN B 408 27.46 -37.75 21.30
CA GLN B 408 28.64 -38.05 20.51
C GLN B 408 29.90 -37.43 21.12
N ALA B 409 29.76 -36.72 22.25
CA ALA B 409 30.89 -36.04 22.87
C ALA B 409 31.88 -37.07 23.42
N GLU B 410 33.17 -36.70 23.41
CA GLU B 410 34.24 -37.64 23.72
C GLU B 410 34.25 -37.97 25.21
N CYS B 411 33.83 -37.01 26.05
CA CYS B 411 33.64 -37.24 27.48
C CYS B 411 32.80 -36.11 28.06
N THR B 412 32.35 -36.27 29.32
CA THR B 412 31.59 -35.23 30.00
C THR B 412 32.55 -34.42 30.86
N ALA B 413 32.10 -33.25 31.32
CA ALA B 413 32.88 -32.42 32.23
C ALA B 413 33.12 -33.16 33.55
N GLU B 414 32.09 -33.85 34.04
CA GLU B 414 32.18 -34.56 35.32
C GLU B 414 33.32 -35.58 35.26
N GLU B 415 33.36 -36.36 34.17
CA GLU B 415 34.41 -37.34 33.94
C GLU B 415 35.78 -36.65 33.95
N ALA B 416 35.92 -35.59 33.16
CA ALA B 416 37.21 -34.95 32.97
C ALA B 416 37.76 -34.43 34.31
N TYR B 417 36.93 -33.72 35.08
CA TYR B 417 37.40 -33.08 36.30
C TYR B 417 37.65 -34.14 37.39
N THR B 418 36.75 -35.13 37.49
CA THR B 418 36.88 -36.15 38.52
C THR B 418 38.13 -36.97 38.25
N LEU B 419 38.31 -37.44 37.01
CA LEU B 419 39.35 -38.42 36.71
C LEU B 419 40.73 -37.76 36.57
N THR B 420 40.80 -36.41 36.59
CA THR B 420 42.10 -35.74 36.62
C THR B 420 42.33 -35.07 37.98
N GLU B 421 41.44 -35.32 38.94
CA GLU B 421 41.54 -34.76 40.29
C GLU B 421 41.51 -33.24 40.23
N GLY B 422 40.69 -32.70 39.32
CA GLY B 422 40.44 -31.26 39.23
C GLY B 422 41.62 -30.49 38.64
N ARG B 423 42.51 -31.19 37.91
CA ARG B 423 43.72 -30.58 37.37
C ARG B 423 43.57 -30.23 35.89
N CYS B 424 42.53 -30.73 35.22
CA CYS B 424 42.38 -30.51 33.79
C CYS B 424 41.75 -29.14 33.51
N LEU B 425 42.10 -28.58 32.35
CA LEU B 425 41.33 -27.50 31.74
C LEU B 425 40.46 -28.11 30.63
N PHE B 426 39.13 -28.01 30.82
CA PHE B 426 38.19 -28.72 29.98
C PHE B 426 37.25 -27.75 29.26
N ALA B 427 36.96 -28.05 27.99
CA ALA B 427 35.92 -27.37 27.24
C ALA B 427 35.20 -28.37 26.36
N SER B 428 33.92 -28.11 26.09
CA SER B 428 33.15 -28.90 25.14
C SER B 428 32.28 -27.97 24.30
N GLY B 429 31.67 -28.55 23.26
CA GLY B 429 30.66 -27.86 22.47
C GLY B 429 29.25 -28.10 23.01
N SER B 430 29.15 -28.98 24.02
CA SER B 430 27.88 -29.33 24.66
C SER B 430 27.66 -28.46 25.90
N PRO B 431 26.40 -28.21 26.31
CA PRO B 431 26.12 -27.40 27.49
C PRO B 431 26.19 -28.22 28.78
N PHE B 432 27.39 -28.34 29.35
CA PHE B 432 27.59 -29.00 30.63
C PHE B 432 27.49 -27.96 31.73
N GLY B 433 26.76 -28.31 32.80
CA GLY B 433 26.63 -27.45 33.97
C GLY B 433 27.83 -27.57 34.88
N PRO B 434 27.98 -26.68 35.89
CA PRO B 434 29.14 -26.71 36.78
C PRO B 434 29.31 -28.07 37.45
N VAL B 435 30.56 -28.40 37.77
CA VAL B 435 30.91 -29.66 38.39
C VAL B 435 31.49 -29.36 39.76
N LYS B 436 30.96 -30.04 40.79
CA LYS B 436 31.42 -29.88 42.16
C LYS B 436 32.03 -31.19 42.63
N LEU B 437 33.35 -31.17 42.86
CA LEU B 437 34.06 -32.33 43.38
C LEU B 437 33.77 -32.47 44.86
N THR B 438 34.08 -33.66 45.41
CA THR B 438 33.70 -34.03 46.76
C THR B 438 34.50 -33.20 47.77
N ASP B 439 35.69 -32.75 47.38
CA ASP B 439 36.55 -31.94 48.25
C ASP B 439 36.07 -30.49 48.28
N GLY B 440 35.01 -30.17 47.53
CA GLY B 440 34.32 -28.89 47.65
C GLY B 440 34.54 -27.99 46.44
N ARG B 441 35.62 -28.20 45.69
CA ARG B 441 35.99 -27.32 44.59
C ARG B 441 34.92 -27.37 43.50
N VAL B 442 34.65 -26.20 42.90
CA VAL B 442 33.65 -26.07 41.86
C VAL B 442 34.36 -25.64 40.58
N PHE B 443 34.02 -26.33 39.48
CA PHE B 443 34.60 -26.05 38.17
C PHE B 443 33.48 -25.65 37.20
N THR B 444 33.78 -24.66 36.37
CA THR B 444 32.86 -24.22 35.32
C THR B 444 33.49 -24.58 33.97
N PRO B 445 32.97 -25.62 33.27
CA PRO B 445 33.56 -26.04 31.99
C PRO B 445 33.35 -24.97 30.92
N GLY B 446 34.38 -24.77 30.10
CA GLY B 446 34.26 -23.90 28.93
C GLY B 446 33.24 -24.46 27.95
N GLN B 447 32.51 -23.57 27.29
CA GLN B 447 31.63 -23.95 26.20
C GLN B 447 32.14 -23.28 24.92
N GLY B 448 32.57 -24.09 23.95
CA GLY B 448 33.16 -23.59 22.71
C GLY B 448 32.08 -23.29 21.68
N ASN B 449 31.27 -22.26 21.98
CA ASN B 449 30.09 -21.90 21.21
C ASN B 449 30.47 -20.89 20.13
N ASN B 450 30.09 -21.16 18.86
CA ASN B 450 30.48 -20.33 17.74
C ASN B 450 29.94 -18.90 17.87
N VAL B 451 28.88 -18.69 18.66
CA VAL B 451 28.28 -17.37 18.81
C VAL B 451 29.26 -16.37 19.43
N TYR B 452 30.34 -16.84 20.06
CA TYR B 452 31.39 -15.95 20.56
C TYR B 452 32.10 -15.18 19.44
N ILE B 453 32.11 -15.73 18.22
CA ILE B 453 32.96 -15.24 17.14
C ILE B 453 32.14 -14.60 16.01
N PHE B 454 31.14 -15.30 15.46
CA PHE B 454 30.56 -14.89 14.18
C PHE B 454 29.85 -13.54 14.27
N PRO B 455 29.11 -13.18 15.34
CA PRO B 455 28.42 -11.88 15.36
C PRO B 455 29.37 -10.70 15.21
N GLY B 456 30.44 -10.71 16.02
CA GLY B 456 31.40 -9.61 16.05
C GLY B 456 32.24 -9.52 14.78
N VAL B 457 32.60 -10.67 14.20
CA VAL B 457 33.32 -10.70 12.93
C VAL B 457 32.43 -10.13 11.82
N ALA B 458 31.18 -10.58 11.75
CA ALA B 458 30.25 -10.12 10.73
C ALA B 458 30.05 -8.60 10.82
N LEU B 459 29.87 -8.08 12.04
CA LEU B 459 29.62 -6.66 12.23
C LEU B 459 30.80 -5.85 11.70
N ALA B 460 32.02 -6.26 12.06
CA ALA B 460 33.23 -5.54 11.67
C ALA B 460 33.39 -5.54 10.15
N VAL B 461 33.19 -6.71 9.52
CA VAL B 461 33.32 -6.81 8.08
C VAL B 461 32.32 -5.88 7.39
N ILE B 462 31.07 -5.89 7.85
CA ILE B 462 30.02 -5.08 7.25
C ILE B 462 30.33 -3.58 7.44
N LEU B 463 30.66 -3.18 8.68
CA LEU B 463 30.86 -1.77 8.99
C LEU B 463 32.07 -1.18 8.22
N CYS B 464 33.05 -2.03 7.86
CA CYS B 464 34.27 -1.59 7.20
C CYS B 464 34.17 -1.70 5.68
N ASN B 465 33.02 -2.18 5.16
CA ASN B 465 32.82 -2.42 3.74
C ASN B 465 33.91 -3.35 3.20
N THR B 466 34.29 -4.35 4.00
CA THR B 466 35.32 -5.30 3.64
C THR B 466 34.79 -6.21 2.52
N ARG B 467 35.69 -6.66 1.64
CA ARG B 467 35.32 -7.38 0.44
C ARG B 467 35.78 -8.84 0.49
N HIS B 468 36.84 -9.14 1.24
CA HIS B 468 37.31 -10.51 1.43
C HIS B 468 37.76 -10.70 2.88
N ILE B 469 37.53 -11.90 3.41
CA ILE B 469 37.85 -12.25 4.79
C ILE B 469 38.99 -13.26 4.80
N SER B 470 40.18 -12.82 5.24
CA SER B 470 41.34 -13.68 5.38
C SER B 470 41.20 -14.53 6.64
N ASP B 471 42.01 -15.59 6.72
CA ASP B 471 42.04 -16.43 7.92
C ASP B 471 42.56 -15.62 9.12
N SER B 472 43.38 -14.59 8.86
CA SER B 472 43.96 -13.79 9.94
C SER B 472 42.89 -12.99 10.69
N VAL B 473 41.74 -12.75 10.05
CA VAL B 473 40.61 -12.11 10.73
C VAL B 473 40.14 -13.01 11.88
N PHE B 474 40.05 -14.32 11.63
CA PHE B 474 39.59 -15.26 12.65
C PHE B 474 40.65 -15.40 13.73
N LEU B 475 41.93 -15.32 13.38
CA LEU B 475 42.99 -15.34 14.39
C LEU B 475 42.84 -14.13 15.31
N GLU B 476 42.61 -12.96 14.71
N GLU B 476 42.61 -12.95 14.72
CA GLU B 476 42.44 -11.71 15.46
CA GLU B 476 42.44 -11.72 15.49
C GLU B 476 41.22 -11.81 16.37
C GLU B 476 41.21 -11.82 16.39
N ALA B 477 40.14 -12.44 15.88
CA ALA B 477 38.92 -12.63 16.65
C ALA B 477 39.18 -13.52 17.88
N ALA B 478 39.94 -14.60 17.69
CA ALA B 478 40.25 -15.53 18.78
C ALA B 478 41.00 -14.81 19.90
N LYS B 479 42.04 -14.05 19.52
CA LYS B 479 42.83 -13.27 20.46
C LYS B 479 41.95 -12.25 21.17
N ALA B 480 41.02 -11.63 20.43
CA ALA B 480 40.15 -10.60 20.99
C ALA B 480 39.14 -11.21 21.97
N LEU B 481 38.73 -12.46 21.74
CA LEU B 481 37.84 -13.15 22.66
C LEU B 481 38.57 -13.44 23.97
N THR B 482 39.76 -14.04 23.89
CA THR B 482 40.49 -14.47 25.08
C THR B 482 40.93 -13.28 25.94
N SER B 483 41.14 -12.12 25.31
CA SER B 483 41.60 -10.94 26.02
C SER B 483 40.53 -10.33 26.94
N GLN B 484 39.29 -10.81 26.86
N GLN B 484 39.27 -10.79 26.81
CA GLN B 484 38.22 -10.25 27.68
CA GLN B 484 38.17 -10.31 27.62
C GLN B 484 38.04 -11.04 28.97
C GLN B 484 38.15 -10.96 29.01
N LEU B 485 38.86 -12.09 29.17
CA LEU B 485 38.89 -12.80 30.43
C LEU B 485 39.64 -11.95 31.47
N THR B 486 39.01 -11.73 32.62
CA THR B 486 39.65 -10.99 33.71
C THR B 486 40.60 -11.92 34.45
N ASP B 487 41.58 -11.33 35.13
CA ASP B 487 42.54 -12.07 35.95
C ASP B 487 41.81 -12.99 36.92
N GLU B 488 40.73 -12.49 37.53
CA GLU B 488 39.93 -13.26 38.46
C GLU B 488 39.35 -14.49 37.77
N GLU B 489 38.84 -14.32 36.55
CA GLU B 489 38.22 -15.40 35.80
C GLU B 489 39.26 -16.47 35.46
N LEU B 490 40.46 -16.04 35.06
CA LEU B 490 41.54 -16.95 34.73
C LEU B 490 41.98 -17.72 35.98
N ALA B 491 41.91 -17.08 37.16
CA ALA B 491 42.26 -17.71 38.42
C ALA B 491 41.21 -18.74 38.83
N GLN B 492 39.96 -18.55 38.37
CA GLN B 492 38.90 -19.54 38.56
C GLN B 492 38.95 -20.64 37.49
N GLY B 493 39.81 -20.46 36.48
CA GLY B 493 40.00 -21.46 35.44
C GLY B 493 38.90 -21.42 34.37
N ARG B 494 38.37 -20.22 34.08
CA ARG B 494 37.43 -20.04 32.99
C ARG B 494 38.22 -19.91 31.69
N LEU B 495 37.69 -20.52 30.61
CA LEU B 495 38.36 -20.54 29.32
C LEU B 495 37.69 -19.60 28.33
N TYR B 496 36.49 -19.12 28.67
CA TYR B 496 35.69 -18.25 27.81
C TYR B 496 34.91 -17.27 28.68
N PRO B 497 34.67 -16.02 28.20
CA PRO B 497 33.84 -15.07 28.94
C PRO B 497 32.43 -15.62 29.11
N PRO B 498 31.65 -15.14 30.10
CA PRO B 498 30.28 -15.60 30.31
C PRO B 498 29.41 -15.35 29.08
N LEU B 499 28.60 -16.34 28.70
CA LEU B 499 27.67 -16.20 27.58
C LEU B 499 26.65 -15.09 27.87
N ALA B 500 26.34 -14.86 29.16
CA ALA B 500 25.41 -13.81 29.55
C ALA B 500 25.88 -12.44 29.04
N ASN B 501 27.19 -12.28 28.84
CA ASN B 501 27.76 -11.01 28.42
C ASN B 501 28.02 -10.98 26.91
N ILE B 502 27.32 -11.83 26.14
CA ILE B 502 27.67 -12.04 24.74
C ILE B 502 27.60 -10.73 23.95
N GLN B 503 26.67 -9.83 24.31
CA GLN B 503 26.53 -8.58 23.58
C GLN B 503 27.82 -7.76 23.69
N GLU B 504 28.28 -7.52 24.92
CA GLU B 504 29.49 -6.74 25.14
C GLU B 504 30.69 -7.43 24.51
N VAL B 505 30.75 -8.77 24.61
CA VAL B 505 31.84 -9.56 24.07
C VAL B 505 31.91 -9.37 22.54
N SER B 506 30.75 -9.43 21.89
CA SER B 506 30.68 -9.34 20.43
C SER B 506 31.13 -7.97 19.94
N ILE B 507 30.69 -6.91 20.62
CA ILE B 507 31.04 -5.55 20.23
C ILE B 507 32.54 -5.33 20.39
N ASN B 508 33.10 -5.80 21.52
CA ASN B 508 34.54 -5.68 21.75
C ASN B 508 35.32 -6.41 20.66
N ILE B 509 34.82 -7.57 20.22
CA ILE B 509 35.45 -8.31 19.14
C ILE B 509 35.37 -7.50 17.86
N ALA B 510 34.18 -6.93 17.58
CA ALA B 510 33.98 -6.14 16.37
C ALA B 510 34.95 -4.97 16.33
N ILE B 511 35.21 -4.35 17.48
CA ILE B 511 36.08 -3.20 17.55
C ILE B 511 37.52 -3.61 17.19
N LYS B 512 38.01 -4.69 17.79
CA LYS B 512 39.37 -5.15 17.54
C LYS B 512 39.52 -5.58 16.09
N VAL B 513 38.49 -6.23 15.53
CA VAL B 513 38.55 -6.68 14.14
C VAL B 513 38.52 -5.46 13.21
N THR B 514 37.70 -4.46 13.53
CA THR B 514 37.64 -3.22 12.76
C THR B 514 39.03 -2.58 12.71
N GLU B 515 39.71 -2.52 13.86
CA GLU B 515 41.03 -1.91 13.95
C GLU B 515 42.00 -2.66 13.04
N TYR B 516 41.88 -3.99 13.04
CA TYR B 516 42.73 -4.84 12.22
C TYR B 516 42.47 -4.63 10.74
N LEU B 517 41.19 -4.51 10.34
CA LEU B 517 40.86 -4.41 8.93
C LEU B 517 41.42 -3.10 8.34
N TYR B 518 41.29 -2.02 9.09
CA TYR B 518 41.78 -0.72 8.64
C TYR B 518 43.31 -0.74 8.59
N ALA B 519 43.94 -1.34 9.61
CA ALA B 519 45.39 -1.35 9.70
C ALA B 519 46.02 -2.15 8.57
N ASN B 520 45.29 -3.14 8.04
CA ASN B 520 45.83 -4.05 7.04
C ASN B 520 45.24 -3.79 5.65
N LYS B 521 44.63 -2.62 5.47
CA LYS B 521 44.13 -2.15 4.18
C LYS B 521 43.09 -3.12 3.61
N MET B 522 42.24 -3.67 4.49
CA MET B 522 41.16 -4.55 4.06
C MET B 522 39.80 -3.84 4.18
N ALA B 523 39.79 -2.59 4.69
CA ALA B 523 38.57 -1.80 4.78
C ALA B 523 38.45 -0.88 3.58
N PHE B 524 37.21 -0.56 3.18
CA PHE B 524 36.95 0.35 2.08
C PHE B 524 35.99 1.47 2.49
N ARG B 525 35.58 1.54 3.75
CA ARG B 525 34.73 2.61 4.22
C ARG B 525 35.62 3.79 4.63
N TYR B 526 35.56 4.87 3.84
CA TYR B 526 36.31 6.09 4.14
C TYR B 526 35.37 7.28 4.12
N PRO B 527 35.62 8.35 4.93
CA PRO B 527 36.81 8.45 5.77
C PRO B 527 36.91 7.43 6.91
N GLU B 528 38.15 7.11 7.27
CA GLU B 528 38.45 6.17 8.32
C GLU B 528 38.19 6.82 9.68
N PRO B 529 37.41 6.18 10.58
CA PRO B 529 37.17 6.75 11.91
C PRO B 529 38.45 6.76 12.73
N GLU B 530 38.63 7.83 13.51
CA GLU B 530 39.80 7.95 14.37
C GLU B 530 39.62 7.05 15.58
N ASP B 531 38.38 6.96 16.08
CA ASP B 531 38.04 6.17 17.25
C ASP B 531 37.14 5.01 16.83
N LYS B 532 37.72 3.81 16.71
CA LYS B 532 37.00 2.66 16.18
C LYS B 532 35.92 2.19 17.15
N ALA B 533 36.14 2.36 18.46
CA ALA B 533 35.18 1.93 19.46
C ALA B 533 33.88 2.72 19.30
N LYS B 534 34.03 4.05 19.18
CA LYS B 534 32.91 4.96 19.00
C LYS B 534 32.19 4.63 17.69
N TYR B 535 32.97 4.39 16.62
CA TYR B 535 32.44 4.12 15.30
C TYR B 535 31.49 2.92 15.35
N VAL B 536 31.93 1.84 15.98
CA VAL B 536 31.15 0.61 16.04
C VAL B 536 29.93 0.81 16.94
N LYS B 537 30.14 1.39 18.12
CA LYS B 537 29.08 1.47 19.12
C LYS B 537 27.93 2.36 18.63
N GLU B 538 28.23 3.38 17.82
CA GLU B 538 27.20 4.28 17.32
C GLU B 538 26.40 3.65 16.19
N ARG B 539 26.84 2.51 15.63
CA ARG B 539 26.18 1.95 14.46
C ARG B 539 25.37 0.68 14.78
N THR B 540 25.49 0.15 16.01
CA THR B 540 24.75 -1.05 16.37
C THR B 540 23.26 -0.71 16.45
N TRP B 541 22.43 -1.62 15.94
CA TRP B 541 20.98 -1.48 15.95
C TRP B 541 20.46 -1.66 17.37
N ARG B 542 19.50 -0.81 17.74
CA ARG B 542 18.92 -0.79 19.08
C ARG B 542 17.48 -1.29 19.05
N SER B 543 17.10 -2.04 20.08
CA SER B 543 15.79 -2.67 20.18
C SER B 543 14.77 -1.77 20.90
N GLU B 544 15.21 -0.64 21.46
CA GLU B 544 14.29 0.29 22.09
C GLU B 544 13.34 0.85 21.03
N TYR B 545 12.08 1.03 21.42
CA TYR B 545 11.08 1.63 20.57
C TYR B 545 11.43 3.09 20.29
N ASP B 546 11.12 3.54 19.08
CA ASP B 546 11.17 4.96 18.75
C ASP B 546 9.79 5.58 18.96
N SER B 547 9.75 6.90 19.11
CA SER B 547 8.51 7.66 19.04
C SER B 547 8.03 7.67 17.58
N LEU B 548 6.73 7.44 17.39
CA LEU B 548 6.11 7.53 16.08
C LEU B 548 5.07 8.65 16.07
N LEU B 549 5.19 9.58 17.04
CA LEU B 549 4.25 10.67 17.19
C LEU B 549 4.52 11.73 16.12
N PRO B 550 3.53 12.08 15.27
CA PRO B 550 3.67 13.24 14.38
C PRO B 550 4.04 14.51 15.15
N ASP B 551 4.79 15.41 14.50
CA ASP B 551 5.25 16.63 15.13
C ASP B 551 4.21 17.73 14.96
N VAL B 552 3.50 18.05 16.05
CA VAL B 552 2.43 19.03 16.02
C VAL B 552 2.86 20.25 16.84
N TYR B 553 2.62 21.45 16.27
CA TYR B 553 3.08 22.69 16.88
C TYR B 553 2.37 23.86 16.23
N GLU B 554 2.23 24.96 16.98
CA GLU B 554 1.55 26.15 16.51
C GLU B 554 2.50 26.97 15.65
N TRP B 555 1.96 27.61 14.61
CA TRP B 555 2.67 28.62 13.86
C TRP B 555 2.52 29.97 14.55
N PRO B 556 3.52 30.89 14.44
CA PRO B 556 3.31 32.29 14.80
C PRO B 556 2.28 32.93 13.88
N GLU B 557 1.33 33.67 14.46
CA GLU B 557 0.28 34.34 13.69
C GLU B 557 0.80 35.69 13.19
N LYS C 5 -4.37 4.13 -0.55
CA LYS C 5 -5.72 4.73 -0.71
C LYS C 5 -6.08 4.85 -2.19
N GLU C 6 -5.21 5.49 -2.98
CA GLU C 6 -5.50 5.70 -4.39
C GLU C 6 -5.73 4.33 -5.04
N LYS C 7 -7.00 4.05 -5.38
CA LYS C 7 -7.39 2.75 -5.88
C LYS C 7 -6.93 2.59 -7.32
N GLY C 8 -6.32 1.43 -7.61
CA GLY C 8 -5.74 1.15 -8.91
C GLY C 8 -4.45 0.35 -8.77
N LYS C 9 -3.82 0.05 -9.90
CA LYS C 9 -2.59 -0.73 -9.94
C LYS C 9 -1.41 0.21 -9.74
N PRO C 10 -0.66 0.11 -8.62
CA PRO C 10 0.45 1.03 -8.33
C PRO C 10 1.42 1.31 -9.48
N LEU C 11 1.67 0.32 -10.34
CA LEU C 11 2.68 0.46 -11.38
C LEU C 11 2.23 1.48 -12.44
N MET C 12 0.92 1.65 -12.68
CA MET C 12 0.48 2.65 -13.64
C MET C 12 0.22 3.99 -12.96
N LEU C 13 -0.06 3.99 -11.65
CA LEU C 13 -0.37 5.22 -10.94
C LEU C 13 0.91 5.98 -10.60
N ASN C 14 2.01 5.25 -10.38
CA ASN C 14 3.28 5.83 -9.96
C ASN C 14 4.01 6.36 -11.20
N PRO C 15 4.23 7.68 -11.35
CA PRO C 15 4.90 8.21 -12.55
C PRO C 15 6.31 7.65 -12.75
N ARG C 16 6.92 7.15 -11.67
CA ARG C 16 8.26 6.61 -11.73
C ARG C 16 8.31 5.32 -12.53
N THR C 17 7.25 4.50 -12.44
CA THR C 17 7.22 3.21 -13.13
C THR C 17 6.27 3.23 -14.33
N ASN C 18 5.31 4.17 -14.36
CA ASN C 18 4.26 4.18 -15.37
C ASN C 18 4.86 4.33 -16.77
N LYS C 19 4.37 3.46 -17.68
CA LYS C 19 4.76 3.46 -19.09
C LYS C 19 3.58 3.86 -19.98
N GLY C 20 2.38 3.96 -19.41
CA GLY C 20 1.20 4.36 -20.17
C GLY C 20 0.96 3.36 -21.31
N MET C 21 0.79 3.88 -22.52
CA MET C 21 0.45 3.03 -23.66
C MET C 21 1.64 2.19 -24.12
N ALA C 22 2.83 2.39 -23.52
CA ALA C 22 3.99 1.56 -23.81
C ALA C 22 4.02 0.28 -22.98
N PHE C 23 3.10 0.10 -22.02
CA PHE C 23 2.95 -1.19 -21.38
C PHE C 23 2.62 -2.21 -22.47
N THR C 24 3.30 -3.36 -22.47
CA THR C 24 3.11 -4.39 -23.50
C THR C 24 1.82 -5.14 -23.19
N LEU C 25 1.31 -5.88 -24.18
CA LEU C 25 0.10 -6.67 -23.98
C LEU C 25 0.27 -7.60 -22.79
N GLN C 26 1.40 -8.33 -22.75
CA GLN C 26 1.65 -9.30 -21.69
C GLN C 26 1.83 -8.60 -20.34
N GLU C 27 2.49 -7.44 -20.32
CA GLU C 27 2.62 -6.67 -19.10
C GLU C 27 1.22 -6.32 -18.59
N ARG C 28 0.37 -5.81 -19.48
CA ARG C 28 -0.97 -5.38 -19.11
C ARG C 28 -1.76 -6.54 -18.49
N GLN C 29 -1.72 -7.70 -19.16
CA GLN C 29 -2.50 -8.84 -18.70
C GLN C 29 -1.99 -9.33 -17.34
N MET C 30 -0.67 -9.46 -17.19
CA MET C 30 -0.09 -10.04 -15.99
C MET C 30 -0.20 -9.07 -14.81
N LEU C 31 -0.13 -7.77 -15.07
CA LEU C 31 -0.13 -6.77 -14.01
C LEU C 31 -1.53 -6.23 -13.71
N GLY C 32 -2.56 -6.78 -14.35
CA GLY C 32 -3.94 -6.38 -14.07
C GLY C 32 -4.30 -5.02 -14.67
N LEU C 33 -3.67 -4.65 -15.80
CA LEU C 33 -3.91 -3.37 -16.45
C LEU C 33 -4.80 -3.52 -17.68
N GLN C 34 -5.09 -4.75 -18.09
CA GLN C 34 -5.81 -4.97 -19.34
C GLN C 34 -7.19 -4.33 -19.23
N GLY C 35 -7.51 -3.48 -20.21
CA GLY C 35 -8.77 -2.75 -20.22
C GLY C 35 -8.66 -1.35 -19.63
N LEU C 36 -7.57 -1.06 -18.90
CA LEU C 36 -7.39 0.23 -18.26
C LEU C 36 -6.62 1.17 -19.19
N LEU C 37 -6.19 0.64 -20.34
CA LEU C 37 -5.54 1.42 -21.38
C LEU C 37 -6.21 1.10 -22.72
N PRO C 38 -6.18 2.01 -23.71
CA PRO C 38 -6.75 1.73 -25.02
C PRO C 38 -6.01 0.61 -25.73
N PRO C 39 -6.66 -0.10 -26.70
CA PRO C 39 -6.14 -1.34 -27.24
C PRO C 39 -5.06 -1.17 -28.32
N LYS C 40 -4.04 -0.37 -27.99
CA LYS C 40 -2.94 -0.02 -28.86
C LYS C 40 -1.68 -0.05 -28.01
N ILE C 41 -0.66 -0.80 -28.45
CA ILE C 41 0.62 -0.88 -27.77
C ILE C 41 1.58 0.07 -28.48
N GLU C 42 2.12 1.05 -27.76
CA GLU C 42 3.02 2.02 -28.36
C GLU C 42 4.43 1.83 -27.84
N THR C 43 5.38 2.49 -28.51
CA THR C 43 6.75 2.62 -28.05
C THR C 43 6.92 4.03 -27.51
N GLN C 44 8.00 4.23 -26.75
CA GLN C 44 8.31 5.56 -26.24
C GLN C 44 8.47 6.54 -27.39
N ASP C 45 8.99 6.07 -28.54
CA ASP C 45 9.19 6.90 -29.72
C ASP C 45 7.89 7.56 -30.16
N ILE C 46 6.82 6.78 -30.26
CA ILE C 46 5.53 7.29 -30.72
C ILE C 46 4.96 8.27 -29.69
N GLN C 47 5.05 7.92 -28.40
CA GLN C 47 4.55 8.79 -27.34
C GLN C 47 5.27 10.14 -27.41
N ALA C 48 6.58 10.12 -27.67
CA ALA C 48 7.38 11.34 -27.73
C ALA C 48 6.93 12.19 -28.92
N LEU C 49 6.71 11.57 -30.09
CA LEU C 49 6.33 12.29 -31.29
C LEU C 49 4.96 12.94 -31.12
N ARG C 50 4.02 12.23 -30.46
CA ARG C 50 2.72 12.80 -30.17
C ARG C 50 2.91 14.08 -29.36
N PHE C 51 3.78 14.00 -28.34
CA PHE C 51 4.01 15.15 -27.46
C PHE C 51 4.53 16.35 -28.27
N HIS C 52 5.57 16.13 -29.10
CA HIS C 52 6.23 17.20 -29.81
C HIS C 52 5.24 17.88 -30.77
N ARG C 53 4.36 17.08 -31.38
CA ARG C 53 3.34 17.58 -32.27
C ARG C 53 2.37 18.49 -31.51
N ASN C 54 1.92 18.02 -30.35
CA ASN C 54 0.98 18.77 -29.52
C ASN C 54 1.59 20.09 -29.05
N LEU C 55 2.88 20.06 -28.67
CA LEU C 55 3.53 21.23 -28.07
C LEU C 55 3.54 22.38 -29.08
N LYS C 56 3.69 22.05 -30.37
CA LYS C 56 3.78 23.02 -31.45
C LYS C 56 2.47 23.78 -31.64
N LYS C 57 1.37 23.22 -31.13
CA LYS C 57 0.05 23.84 -31.28
C LYS C 57 -0.23 24.85 -30.16
N MET C 58 0.65 24.92 -29.15
CA MET C 58 0.46 25.86 -28.07
C MET C 58 1.21 27.16 -28.38
N THR C 59 0.70 28.26 -27.81
CA THR C 59 1.16 29.58 -28.19
C THR C 59 2.29 30.02 -27.26
N SER C 60 1.95 30.34 -26.01
CA SER C 60 2.87 31.03 -25.11
C SER C 60 3.81 30.03 -24.45
N PRO C 61 5.06 30.43 -24.14
CA PRO C 61 5.97 29.60 -23.35
C PRO C 61 5.35 29.05 -22.05
N LEU C 62 4.42 29.81 -21.46
CA LEU C 62 3.79 29.43 -20.21
C LEU C 62 2.85 28.25 -20.41
N GLU C 63 2.09 28.24 -21.52
CA GLU C 63 1.23 27.13 -21.87
C GLU C 63 2.06 25.86 -22.09
N LYS C 64 3.21 26.02 -22.76
CA LYS C 64 4.14 24.93 -23.00
C LYS C 64 4.67 24.40 -21.67
N TYR C 65 5.07 25.31 -20.77
CA TYR C 65 5.61 24.95 -19.47
C TYR C 65 4.62 24.08 -18.70
N ILE C 66 3.34 24.48 -18.71
CA ILE C 66 2.30 23.79 -17.97
C ILE C 66 2.09 22.39 -18.54
N TYR C 67 2.19 22.27 -19.87
CA TYR C 67 1.98 21.00 -20.55
C TYR C 67 3.11 20.02 -20.23
N ILE C 68 4.36 20.46 -20.37
N ILE C 68 4.35 20.47 -20.40
CA ILE C 68 5.49 19.55 -20.24
CA ILE C 68 5.52 19.61 -20.23
C ILE C 68 5.67 19.13 -18.78
C ILE C 68 5.62 19.14 -18.78
N MET C 69 5.51 20.07 -17.84
CA MET C 69 5.69 19.75 -16.42
C MET C 69 4.58 18.79 -15.95
N GLY C 70 3.40 18.88 -16.57
CA GLY C 70 2.32 17.95 -16.30
C GLY C 70 2.76 16.49 -16.52
N ILE C 71 3.63 16.29 -17.51
CA ILE C 71 4.07 14.94 -17.88
C ILE C 71 4.98 14.38 -16.80
N GLN C 72 5.77 15.23 -16.13
CA GLN C 72 6.64 14.79 -15.06
C GLN C 72 5.82 14.08 -13.97
N GLU C 73 4.57 14.49 -13.78
CA GLU C 73 3.71 13.91 -12.76
C GLU C 73 2.92 12.69 -13.27
N ARG C 74 3.09 12.32 -14.55
CA ARG C 74 2.34 11.21 -15.13
C ARG C 74 3.26 10.06 -15.52
N ASN C 75 4.37 10.39 -16.19
CA ASN C 75 5.27 9.40 -16.77
C ASN C 75 6.68 10.00 -16.80
N GLU C 76 7.51 9.61 -15.82
CA GLU C 76 8.77 10.27 -15.55
C GLU C 76 9.74 10.04 -16.70
N LYS C 77 9.76 8.80 -17.20
CA LYS C 77 10.70 8.44 -18.26
C LYS C 77 10.31 9.13 -19.56
N LEU C 78 9.01 9.24 -19.85
CA LEU C 78 8.54 9.98 -21.02
C LEU C 78 8.94 11.45 -20.90
N PHE C 79 8.79 12.02 -19.70
CA PHE C 79 9.13 13.41 -19.46
C PHE C 79 10.59 13.68 -19.82
N TYR C 80 11.51 12.84 -19.31
CA TYR C 80 12.94 13.08 -19.49
C TYR C 80 13.33 12.81 -20.95
N ARG C 81 12.69 11.82 -21.58
CA ARG C 81 12.87 11.55 -23.00
C ARG C 81 12.57 12.77 -23.85
N ILE C 82 11.40 13.38 -23.63
CA ILE C 82 10.92 14.53 -24.39
CA ILE C 82 10.98 14.50 -24.48
C ILE C 82 11.91 15.68 -24.24
N LEU C 83 12.34 15.90 -22.99
CA LEU C 83 13.29 16.96 -22.67
C LEU C 83 14.62 16.73 -23.39
N GLN C 84 15.10 15.47 -23.37
CA GLN C 84 16.37 15.13 -23.99
C GLN C 84 16.29 15.23 -25.51
N ASP C 85 15.14 14.91 -26.09
CA ASP C 85 14.91 14.99 -27.53
C ASP C 85 15.17 16.41 -28.05
N ASP C 86 14.73 17.42 -27.28
CA ASP C 86 14.62 18.78 -27.76
C ASP C 86 15.24 19.72 -26.73
N ILE C 87 16.42 19.35 -26.25
CA ILE C 87 16.98 19.91 -25.03
C ILE C 87 17.26 21.40 -25.21
N GLU C 88 17.78 21.79 -26.38
CA GLU C 88 18.17 23.18 -26.62
C GLU C 88 16.93 24.08 -26.57
N SER C 89 15.82 23.61 -27.15
CA SER C 89 14.60 24.40 -27.21
C SER C 89 13.84 24.42 -25.89
N LEU C 90 13.91 23.34 -25.10
CA LEU C 90 13.02 23.17 -23.95
C LEU C 90 13.69 23.62 -22.64
N MET C 91 15.02 23.72 -22.62
CA MET C 91 15.72 24.16 -21.42
C MET C 91 15.23 25.53 -20.96
N PRO C 92 15.06 26.53 -21.87
CA PRO C 92 14.46 27.82 -21.48
C PRO C 92 12.94 27.86 -21.27
N ILE C 93 12.27 26.71 -21.45
CA ILE C 93 10.88 26.54 -21.05
C ILE C 93 10.83 25.99 -19.63
N VAL C 94 11.60 24.93 -19.34
CA VAL C 94 11.51 24.26 -18.04
C VAL C 94 12.32 25.05 -17.00
N TYR C 95 13.33 25.80 -17.44
CA TYR C 95 14.14 26.59 -16.53
C TYR C 95 14.07 28.06 -16.93
N THR C 96 15.14 28.82 -16.64
CA THR C 96 15.19 30.25 -16.95
C THR C 96 15.17 30.41 -18.47
N PRO C 97 14.42 31.39 -19.04
CA PRO C 97 13.62 32.36 -18.25
C PRO C 97 12.13 32.16 -17.99
N THR C 98 11.55 31.04 -18.45
CA THR C 98 10.10 30.86 -18.39
C THR C 98 9.66 30.49 -16.98
N VAL C 99 10.44 29.64 -16.31
CA VAL C 99 9.99 28.97 -15.09
C VAL C 99 9.48 30.00 -14.07
N GLY C 100 10.19 31.13 -13.93
CA GLY C 100 9.88 32.12 -12.91
C GLY C 100 8.52 32.80 -13.13
N LEU C 101 8.08 32.86 -14.39
CA LEU C 101 6.81 33.49 -14.72
C LEU C 101 5.63 32.60 -14.30
N ALA C 102 5.81 31.28 -14.34
CA ALA C 102 4.70 30.33 -14.27
C ALA C 102 3.92 30.45 -12.96
N CSX C 103 4.62 30.48 -11.82
CA CSX C 103 3.97 30.52 -10.52
CB CSX C 103 4.96 30.44 -9.36
SG CSX C 103 5.46 28.75 -8.96
C CSX C 103 3.14 31.80 -10.35
O CSX C 103 1.99 31.74 -9.92
OD CSX C 103 4.19 27.99 -8.64
N SER C 104 3.74 32.94 -10.71
N SER C 104 3.74 32.95 -10.71
CA SER C 104 3.09 34.24 -10.57
CA SER C 104 3.08 34.23 -10.58
C SER C 104 1.83 34.31 -11.45
C SER C 104 1.82 34.29 -11.43
N GLN C 105 1.91 33.75 -12.66
CA GLN C 105 0.81 33.79 -13.61
C GLN C 105 -0.28 32.81 -13.20
N TYR C 106 0.11 31.55 -12.90
CA TYR C 106 -0.84 30.45 -12.77
C TYR C 106 -0.97 29.95 -11.34
N GLY C 107 0.12 29.98 -10.57
CA GLY C 107 0.18 29.22 -9.33
C GLY C 107 0.28 27.73 -9.64
N HIS C 108 -0.35 26.89 -8.80
CA HIS C 108 -0.27 25.44 -8.98
C HIS C 108 -1.45 24.78 -8.26
N ILE C 109 -1.90 23.63 -8.79
CA ILE C 109 -2.84 22.76 -8.11
C ILE C 109 -2.12 21.47 -7.74
N PHE C 110 -2.00 21.22 -6.43
CA PHE C 110 -1.13 20.16 -5.92
C PHE C 110 -1.84 18.81 -5.95
N ARG C 111 -1.06 17.79 -6.34
CA ARG C 111 -1.34 16.41 -5.98
C ARG C 111 -0.07 15.85 -5.36
N ARG C 112 0.87 15.47 -6.22
CA ARG C 112 2.18 15.00 -5.79
C ARG C 112 3.01 16.19 -5.30
N PRO C 113 3.81 16.03 -4.23
CA PRO C 113 4.76 17.08 -3.82
C PRO C 113 5.71 17.47 -4.95
N LYS C 114 6.11 18.74 -4.98
CA LYS C 114 7.08 19.28 -5.93
CA LYS C 114 7.09 19.21 -5.95
C LYS C 114 8.47 19.28 -5.30
N GLY C 115 8.50 19.23 -3.96
CA GLY C 115 9.71 19.40 -3.18
C GLY C 115 9.33 19.86 -1.77
N LEU C 116 10.34 20.22 -0.96
CA LEU C 116 10.11 20.60 0.42
C LEU C 116 9.98 22.12 0.52
N PHE C 117 8.97 22.55 1.27
CA PHE C 117 8.84 23.93 1.72
C PHE C 117 9.16 24.01 3.21
N ILE C 118 10.19 24.80 3.55
CA ILE C 118 10.61 25.01 4.92
C ILE C 118 10.46 26.50 5.24
N SER C 119 9.54 26.83 6.15
CA SER C 119 9.26 28.22 6.48
C SER C 119 9.89 28.61 7.82
N ILE C 120 10.03 29.93 8.03
CA ILE C 120 10.57 30.47 9.25
C ILE C 120 9.65 30.11 10.41
N SER C 121 8.35 29.90 10.11
CA SER C 121 7.38 29.48 11.10
C SER C 121 7.63 28.05 11.57
N ASP C 122 8.46 27.30 10.82
CA ASP C 122 8.78 25.92 11.14
C ASP C 122 10.09 25.80 11.93
N ARG C 123 10.69 26.93 12.33
CA ARG C 123 11.96 26.87 13.04
C ARG C 123 11.83 25.98 14.27
N GLY C 124 12.85 25.16 14.49
CA GLY C 124 12.87 24.18 15.57
C GLY C 124 12.26 22.84 15.15
N HIS C 125 11.62 22.78 13.97
CA HIS C 125 10.89 21.58 13.56
C HIS C 125 11.28 21.17 12.13
N VAL C 126 12.45 21.60 11.65
CA VAL C 126 12.84 21.36 10.27
C VAL C 126 13.08 19.88 10.03
N ARG C 127 13.65 19.15 11.00
CA ARG C 127 13.95 17.74 10.81
C ARG C 127 12.65 16.96 10.52
N SER C 128 11.55 17.35 11.19
CA SER C 128 10.27 16.70 10.98
C SER C 128 9.78 16.88 9.55
N ILE C 129 10.07 18.04 8.95
CA ILE C 129 9.71 18.30 7.57
C ILE C 129 10.56 17.46 6.62
N VAL C 130 11.86 17.39 6.88
CA VAL C 130 12.76 16.61 6.05
C VAL C 130 12.35 15.13 6.09
N ASP C 131 11.91 14.66 7.26
CA ASP C 131 11.49 13.27 7.45
C ASP C 131 10.17 12.96 6.73
N ASN C 132 9.43 14.00 6.31
CA ASN C 132 8.21 13.80 5.54
C ASN C 132 8.50 13.57 4.05
N TRP C 133 9.72 13.85 3.57
CA TRP C 133 10.03 13.59 2.18
C TRP C 133 10.00 12.08 1.92
N PRO C 134 9.25 11.60 0.89
CA PRO C 134 9.06 10.16 0.70
C PRO C 134 10.29 9.34 0.31
N GLU C 135 11.29 9.97 -0.33
CA GLU C 135 12.46 9.26 -0.83
C GLU C 135 13.55 9.20 0.23
N ASN C 136 14.26 8.06 0.29
CA ASN C 136 15.18 7.78 1.37
C ASN C 136 16.65 7.98 0.99
N HIS C 137 16.95 8.21 -0.30
CA HIS C 137 18.34 8.20 -0.76
C HIS C 137 18.69 9.44 -1.58
N VAL C 138 18.38 10.61 -1.02
CA VAL C 138 18.65 11.86 -1.71
C VAL C 138 20.15 12.07 -1.85
N LYS C 139 20.57 12.48 -3.05
CA LYS C 139 21.98 12.75 -3.35
C LYS C 139 22.19 14.20 -3.77
N ALA C 140 21.17 14.84 -4.36
CA ALA C 140 21.28 16.20 -4.88
C ALA C 140 20.13 17.06 -4.36
N VAL C 141 20.49 18.13 -3.63
CA VAL C 141 19.55 19.13 -3.17
C VAL C 141 19.84 20.45 -3.87
N VAL C 142 18.79 21.09 -4.42
CA VAL C 142 18.87 22.48 -4.86
C VAL C 142 17.92 23.31 -4.00
N VAL C 143 18.43 24.40 -3.42
CA VAL C 143 17.68 25.21 -2.48
C VAL C 143 17.73 26.68 -2.90
N THR C 144 16.58 27.35 -2.73
CA THR C 144 16.43 28.79 -2.91
C THR C 144 15.58 29.36 -1.78
N ASP C 145 15.74 30.67 -1.53
CA ASP C 145 14.81 31.42 -0.69
C ASP C 145 13.99 32.40 -1.54
N GLY C 146 14.21 32.38 -2.86
CA GLY C 146 13.40 33.12 -3.81
C GLY C 146 13.66 34.63 -3.80
N GLU C 147 14.77 35.07 -3.19
CA GLU C 147 14.99 36.49 -3.00
C GLU C 147 15.50 37.14 -4.29
N ARG C 148 16.28 36.40 -5.07
CA ARG C 148 16.87 36.94 -6.29
C ARG C 148 16.70 35.96 -7.43
N ILE C 149 15.45 35.76 -7.85
CA ILE C 149 15.15 34.95 -9.01
C ILE C 149 15.69 35.67 -10.24
N LEU C 150 16.58 34.98 -10.98
CA LEU C 150 17.33 35.57 -12.06
C LEU C 150 16.37 36.24 -13.05
N GLY C 151 16.41 37.58 -13.10
CA GLY C 151 15.65 38.36 -14.05
C GLY C 151 14.34 38.90 -13.49
N LEU C 152 13.99 38.55 -12.25
CA LEU C 152 12.67 38.88 -11.71
C LEU C 152 12.75 39.44 -10.28
N GLY C 153 13.84 39.19 -9.57
CA GLY C 153 13.98 39.66 -8.20
C GLY C 153 13.23 38.76 -7.22
N ASP C 154 12.57 39.38 -6.24
CA ASP C 154 12.03 38.68 -5.09
C ASP C 154 10.64 38.15 -5.43
N LEU C 155 10.52 36.82 -5.58
CA LEU C 155 9.23 36.19 -5.86
C LEU C 155 8.77 35.33 -4.68
N GLY C 156 9.51 35.34 -3.57
CA GLY C 156 9.16 34.50 -2.43
C GLY C 156 8.97 33.05 -2.87
N VAL C 157 7.86 32.43 -2.43
CA VAL C 157 7.64 31.01 -2.64
C VAL C 157 7.26 30.75 -4.09
N TYR C 158 6.99 31.80 -4.87
CA TYR C 158 6.76 31.66 -6.31
C TYR C 158 8.03 31.29 -7.08
N GLY C 159 9.15 31.13 -6.36
N GLY C 159 9.15 31.11 -6.36
N GLY C 159 9.16 31.16 -6.38
N GLY C 159 9.15 31.11 -6.36
CA GLY C 159 10.40 30.67 -6.96
CA GLY C 159 10.41 30.73 -6.98
CA GLY C 159 10.41 30.72 -6.97
CA GLY C 159 10.39 30.62 -6.94
C GLY C 159 10.64 29.18 -6.69
C GLY C 159 10.79 29.27 -6.67
C GLY C 159 10.74 29.29 -6.57
C GLY C 159 10.58 29.13 -6.67
N MET C 160 9.63 28.51 -6.13
N MET C 160 9.83 28.48 -6.17
N MET C 160 9.55 28.48 -6.12
CA MET C 160 9.67 27.07 -5.92
CA MET C 160 10.07 27.07 -5.94
CA MET C 160 9.58 27.03 -5.92
C MET C 160 10.03 26.35 -7.23
C MET C 160 10.09 26.31 -7.26
C MET C 160 9.98 26.33 -7.22
N GLY C 161 9.58 26.93 -8.35
CA GLY C 161 9.82 26.38 -9.67
C GLY C 161 11.29 26.30 -10.05
N ILE C 162 12.15 27.17 -9.50
CA ILE C 162 13.54 27.27 -9.92
C ILE C 162 14.30 26.00 -9.53
N PRO C 163 14.32 25.55 -8.25
CA PRO C 163 14.97 24.28 -7.92
C PRO C 163 14.43 23.06 -8.66
N VAL C 164 13.10 23.05 -8.91
CA VAL C 164 12.46 21.97 -9.64
C VAL C 164 13.04 21.92 -11.05
N GLY C 165 13.08 23.08 -11.73
CA GLY C 165 13.60 23.16 -13.08
C GLY C 165 15.09 22.83 -13.14
N LYS C 166 15.85 23.32 -12.17
CA LYS C 166 17.28 23.07 -12.12
C LYS C 166 17.53 21.56 -12.08
N LEU C 167 16.79 20.85 -11.22
CA LEU C 167 17.02 19.43 -11.02
C LEU C 167 16.56 18.62 -12.22
N CYS C 168 15.58 19.14 -12.98
CA CYS C 168 15.21 18.55 -14.26
C CYS C 168 16.42 18.50 -15.20
N LEU C 169 17.29 19.51 -15.12
CA LEU C 169 18.47 19.56 -15.96
C LEU C 169 19.58 18.67 -15.40
N TYR C 170 19.68 18.54 -14.06
CA TYR C 170 20.59 17.58 -13.46
C TYR C 170 20.36 16.20 -14.08
N THR C 171 19.08 15.78 -14.13
CA THR C 171 18.71 14.46 -14.62
C THR C 171 18.86 14.39 -16.14
N ALA C 172 18.26 15.34 -16.86
CA ALA C 172 18.22 15.27 -18.32
C ALA C 172 19.62 15.36 -18.93
N CYS C 173 20.51 16.16 -18.33
CA CYS C 173 21.81 16.45 -18.92
C CYS C 173 22.87 15.45 -18.47
N ALA C 174 22.85 15.04 -17.19
CA ALA C 174 23.93 14.24 -16.63
C ALA C 174 23.44 12.89 -16.10
N GLY C 175 22.13 12.61 -16.18
CA GLY C 175 21.59 11.35 -15.72
C GLY C 175 21.74 11.13 -14.21
N ILE C 176 21.63 12.21 -13.43
CA ILE C 176 21.46 12.06 -11.99
C ILE C 176 20.05 11.53 -11.76
N ARG C 177 19.93 10.49 -10.92
CA ARG C 177 18.66 9.80 -10.74
C ARG C 177 17.60 10.76 -10.20
N PRO C 178 16.44 10.88 -10.89
CA PRO C 178 15.40 11.80 -10.44
C PRO C 178 14.87 11.51 -9.04
N ASP C 179 14.85 10.24 -8.64
CA ASP C 179 14.36 9.87 -7.31
C ASP C 179 15.37 10.27 -6.22
N ARG C 180 16.58 10.70 -6.60
CA ARG C 180 17.58 11.13 -5.63
C ARG C 180 17.77 12.66 -5.66
N CYS C 181 16.82 13.36 -6.29
CA CYS C 181 16.85 14.82 -6.38
C CYS C 181 15.79 15.42 -5.46
N LEU C 182 16.15 16.50 -4.76
CA LEU C 182 15.27 17.11 -3.77
C LEU C 182 15.29 18.63 -3.94
N PRO C 183 14.23 19.22 -4.53
CA PRO C 183 14.08 20.68 -4.60
C PRO C 183 13.57 21.20 -3.25
N VAL C 184 14.11 22.35 -2.83
CA VAL C 184 13.78 22.93 -1.54
C VAL C 184 13.57 24.43 -1.70
N CYS C 185 12.46 24.92 -1.13
CA CYS C 185 12.17 26.33 -1.07
C CYS C 185 12.09 26.76 0.40
N ILE C 186 12.95 27.72 0.76
CA ILE C 186 12.96 28.30 2.10
C ILE C 186 12.08 29.54 2.06
N ASP C 187 11.06 29.59 2.94
CA ASP C 187 10.14 30.73 2.99
C ASP C 187 10.32 31.49 4.30
N VAL C 188 10.97 32.65 4.23
CA VAL C 188 11.13 33.51 5.39
C VAL C 188 10.37 34.83 5.19
N GLY C 189 9.44 34.84 4.24
CA GLY C 189 8.70 36.02 3.85
C GLY C 189 9.17 36.57 2.50
N THR C 190 8.62 37.73 2.11
CA THR C 190 8.98 38.39 0.87
C THR C 190 8.83 39.90 1.05
N ASP C 191 9.72 40.66 0.39
CA ASP C 191 9.66 42.11 0.39
C ASP C 191 8.91 42.61 -0.84
N ASN C 192 8.38 41.70 -1.66
CA ASN C 192 7.61 42.05 -2.84
C ASN C 192 6.20 42.46 -2.42
N ILE C 193 5.93 43.77 -2.49
CA ILE C 193 4.69 44.33 -1.96
C ILE C 193 3.48 43.75 -2.70
N ALA C 194 3.64 43.50 -4.01
CA ALA C 194 2.56 43.02 -4.85
C ALA C 194 2.10 41.63 -4.39
N LEU C 195 3.05 40.80 -3.92
CA LEU C 195 2.74 39.46 -3.44
C LEU C 195 2.07 39.53 -2.08
N LEU C 196 2.51 40.45 -1.22
CA LEU C 196 1.96 40.57 0.12
C LEU C 196 0.49 41.01 0.09
N LYS C 197 0.05 41.61 -1.03
CA LYS C 197 -1.32 42.05 -1.19
C LYS C 197 -2.12 41.04 -2.03
N ASP C 198 -1.49 39.94 -2.44
CA ASP C 198 -2.11 39.03 -3.39
C ASP C 198 -2.83 37.92 -2.62
N PRO C 199 -4.17 37.81 -2.71
CA PRO C 199 -4.89 36.76 -1.99
C PRO C 199 -4.55 35.35 -2.46
N PHE C 200 -3.87 35.24 -3.60
CA PHE C 200 -3.52 33.96 -4.21
C PHE C 200 -2.05 33.63 -4.01
N TYR C 201 -1.30 34.49 -3.31
CA TYR C 201 0.09 34.21 -2.95
C TYR C 201 0.12 32.96 -2.07
N MET C 202 1.13 32.10 -2.28
CA MET C 202 1.13 30.78 -1.66
C MET C 202 2.14 30.71 -0.52
N GLY C 203 2.70 31.85 -0.10
CA GLY C 203 3.71 31.89 0.94
C GLY C 203 3.24 32.63 2.19
N LEU C 204 4.17 32.82 3.14
CA LEU C 204 3.90 33.57 4.36
C LEU C 204 3.68 35.03 4.01
N TYR C 205 2.65 35.64 4.62
CA TYR C 205 2.36 37.06 4.45
C TYR C 205 3.16 37.86 5.49
N GLN C 206 4.46 37.99 5.23
CA GLN C 206 5.33 38.83 6.03
C GLN C 206 6.51 39.27 5.18
N LYS C 207 7.16 40.36 5.61
CA LYS C 207 8.43 40.77 5.04
C LYS C 207 9.49 39.75 5.43
N ARG C 208 10.62 39.74 4.71
CA ARG C 208 11.71 38.81 4.95
C ARG C 208 12.29 39.00 6.35
N ASP C 209 12.42 37.89 7.09
CA ASP C 209 13.15 37.89 8.34
C ASP C 209 14.64 38.01 8.03
N ARG C 210 15.28 39.05 8.59
CA ARG C 210 16.70 39.30 8.37
C ARG C 210 17.46 39.24 9.69
N THR C 211 16.84 38.64 10.70
CA THR C 211 17.44 38.50 12.02
C THR C 211 18.32 37.26 12.03
N GLN C 212 18.88 36.96 13.21
CA GLN C 212 19.60 35.73 13.43
C GLN C 212 18.72 34.52 13.13
N GLN C 213 17.40 34.67 13.25
CA GLN C 213 16.46 33.57 12.99
C GLN C 213 16.62 33.05 11.57
N TYR C 214 16.94 33.94 10.62
CA TYR C 214 17.16 33.54 9.23
C TYR C 214 18.36 32.59 9.14
N ASP C 215 19.51 33.06 9.62
CA ASP C 215 20.73 32.25 9.66
C ASP C 215 20.50 30.94 10.40
N ASP C 216 19.78 30.99 11.53
CA ASP C 216 19.54 29.80 12.33
C ASP C 216 18.71 28.78 11.54
N LEU C 217 17.77 29.26 10.71
CA LEU C 217 16.91 28.39 9.93
C LEU C 217 17.72 27.69 8.83
N ILE C 218 18.63 28.43 8.19
CA ILE C 218 19.47 27.87 7.14
C ILE C 218 20.39 26.80 7.77
N ASP C 219 20.95 27.10 8.95
CA ASP C 219 21.77 26.14 9.68
C ASP C 219 20.99 24.87 10.00
N GLU C 220 19.74 25.02 10.45
CA GLU C 220 18.90 23.90 10.84
C GLU C 220 18.62 23.00 9.63
N PHE C 221 18.36 23.63 8.47
CA PHE C 221 18.14 22.93 7.21
C PHE C 221 19.37 22.10 6.83
N MET C 222 20.55 22.73 6.82
CA MET C 222 21.78 22.04 6.46
C MET C 222 22.01 20.83 7.37
N LYS C 223 21.77 20.99 8.67
CA LYS C 223 21.96 19.91 9.62
C LYS C 223 20.93 18.80 9.41
N ALA C 224 19.66 19.17 9.19
CA ALA C 224 18.59 18.20 9.02
C ALA C 224 18.80 17.35 7.76
N ILE C 225 19.19 17.99 6.65
CA ILE C 225 19.40 17.29 5.39
C ILE C 225 20.51 16.25 5.56
N THR C 226 21.63 16.67 6.15
CA THR C 226 22.81 15.81 6.26
C THR C 226 22.64 14.76 7.36
N ASP C 227 21.86 15.09 8.41
CA ASP C 227 21.51 14.09 9.42
C ASP C 227 20.72 12.94 8.77
N ARG C 228 19.77 13.26 7.90
CA ARG C 228 18.94 12.24 7.27
C ARG C 228 19.71 11.51 6.17
N TYR C 229 20.39 12.26 5.29
CA TYR C 229 20.85 11.70 4.03
C TYR C 229 22.37 11.50 3.98
N GLY C 230 23.10 12.13 4.91
CA GLY C 230 24.53 11.93 5.01
C GLY C 230 25.29 13.24 4.74
N ARG C 231 26.49 13.32 5.30
CA ARG C 231 27.28 14.55 5.21
C ARG C 231 27.78 14.80 3.78
N ASN C 232 27.80 13.78 2.92
CA ASN C 232 28.28 13.99 1.57
C ASN C 232 27.15 14.42 0.63
N THR C 233 25.93 14.63 1.16
CA THR C 233 24.81 15.04 0.33
C THR C 233 25.13 16.38 -0.32
N LEU C 234 25.02 16.43 -1.67
CA LEU C 234 25.28 17.65 -2.42
C LEU C 234 24.15 18.65 -2.19
N ILE C 235 24.51 19.87 -1.73
CA ILE C 235 23.53 20.93 -1.50
C ILE C 235 23.95 22.16 -2.29
N GLN C 236 23.15 22.51 -3.31
CA GLN C 236 23.46 23.61 -4.20
C GLN C 236 22.52 24.78 -3.92
N PHE C 237 23.09 25.95 -3.63
CA PHE C 237 22.34 27.17 -3.37
C PHE C 237 22.07 27.89 -4.70
N GLU C 238 20.86 28.43 -4.79
CA GLU C 238 20.42 29.07 -6.04
C GLU C 238 19.50 30.26 -5.79
N ASP C 239 19.80 31.39 -6.41
CA ASP C 239 18.94 32.56 -6.44
C ASP C 239 18.73 33.15 -5.05
N PHE C 240 19.74 33.03 -4.18
CA PHE C 240 19.83 33.82 -2.95
C PHE C 240 20.31 35.22 -3.31
N GLY C 241 20.06 36.18 -2.40
CA GLY C 241 20.65 37.50 -2.53
C GLY C 241 22.17 37.44 -2.45
N ASN C 242 22.85 38.45 -3.01
CA ASN C 242 24.30 38.43 -3.19
C ASN C 242 25.02 38.24 -1.87
N HIS C 243 24.68 39.03 -0.85
CA HIS C 243 25.33 38.94 0.45
C HIS C 243 25.19 37.52 1.01
N ASN C 244 23.96 37.01 1.00
CA ASN C 244 23.67 35.68 1.53
C ASN C 244 24.40 34.61 0.72
N ALA C 245 24.41 34.75 -0.62
CA ALA C 245 25.03 33.74 -1.48
C ALA C 245 26.51 33.56 -1.13
N PHE C 246 27.25 34.67 -1.06
CA PHE C 246 28.67 34.62 -0.77
C PHE C 246 28.95 34.14 0.65
N ARG C 247 28.21 34.65 1.64
CA ARG C 247 28.55 34.35 3.02
C ARG C 247 28.20 32.90 3.36
N PHE C 248 27.12 32.36 2.76
CA PHE C 248 26.74 30.97 3.02
C PHE C 248 27.73 30.04 2.33
N LEU C 249 28.21 30.40 1.13
CA LEU C 249 29.25 29.62 0.48
C LEU C 249 30.48 29.56 1.39
N ARG C 250 30.89 30.71 1.94
CA ARG C 250 32.06 30.76 2.82
C ARG C 250 31.78 29.99 4.12
N LYS C 251 30.56 30.09 4.65
CA LYS C 251 30.23 29.49 5.94
C LYS C 251 30.22 27.96 5.87
N TYR C 252 29.84 27.39 4.72
CA TYR C 252 29.46 25.98 4.68
C TYR C 252 30.42 25.13 3.83
N ARG C 253 31.26 25.75 2.99
CA ARG C 253 31.93 24.98 1.94
C ARG C 253 32.92 23.96 2.50
N GLU C 254 33.47 24.21 3.70
CA GLU C 254 34.42 23.28 4.32
C GLU C 254 33.73 22.43 5.38
N LYS C 255 32.43 22.65 5.60
CA LYS C 255 31.67 21.89 6.58
C LYS C 255 30.70 20.92 5.90
N TYR C 256 30.18 21.30 4.73
CA TYR C 256 29.23 20.50 3.98
C TYR C 256 29.69 20.36 2.53
N CYS C 257 28.96 19.53 1.77
CA CYS C 257 29.22 19.38 0.33
C CYS C 257 28.32 20.34 -0.44
N THR C 258 28.84 21.53 -0.73
CA THR C 258 27.99 22.61 -1.20
C THR C 258 28.73 23.48 -2.21
N PHE C 259 27.96 24.02 -3.14
CA PHE C 259 28.45 25.05 -4.06
C PHE C 259 27.27 25.96 -4.38
N ASN C 260 27.60 27.09 -5.01
CA ASN C 260 26.62 28.04 -5.46
C ASN C 260 26.85 28.25 -6.96
N ASP C 261 25.86 27.86 -7.77
CA ASP C 261 26.01 27.85 -9.21
C ASP C 261 26.08 29.27 -9.77
N ASP C 262 25.37 30.21 -9.13
CA ASP C 262 25.36 31.59 -9.58
C ASP C 262 26.77 32.19 -9.52
N ILE C 263 27.55 31.79 -8.51
CA ILE C 263 28.90 32.28 -8.34
C ILE C 263 29.87 31.39 -9.09
N GLN C 264 29.91 30.10 -8.74
CA GLN C 264 30.99 29.21 -9.15
C GLN C 264 30.78 28.63 -10.54
N GLY C 265 29.54 28.28 -10.87
CA GLY C 265 29.22 27.79 -12.20
C GLY C 265 29.42 28.88 -13.26
N THR C 266 28.97 30.10 -12.94
CA THR C 266 29.16 31.28 -13.76
C THR C 266 30.64 31.47 -14.06
N ALA C 267 31.47 31.45 -13.00
CA ALA C 267 32.90 31.64 -13.14
C ALA C 267 33.51 30.64 -14.12
N ALA C 268 33.09 29.36 -14.01
CA ALA C 268 33.69 28.30 -14.80
C ALA C 268 33.30 28.40 -16.28
N VAL C 269 32.03 28.70 -16.56
CA VAL C 269 31.58 28.75 -17.95
C VAL C 269 32.21 29.94 -18.65
N ALA C 270 32.35 31.07 -17.93
CA ALA C 270 33.01 32.26 -18.45
C ALA C 270 34.47 31.97 -18.75
N LEU C 271 35.18 31.39 -17.77
CA LEU C 271 36.58 31.03 -17.93
C LEU C 271 36.75 30.12 -19.15
N ALA C 272 35.90 29.10 -19.28
CA ALA C 272 36.00 28.15 -20.39
C ALA C 272 35.99 28.88 -21.74
N GLY C 273 35.12 29.87 -21.88
CA GLY C 273 35.07 30.69 -23.08
C GLY C 273 36.37 31.44 -23.34
N LEU C 274 36.96 31.99 -22.27
CA LEU C 274 38.21 32.72 -22.35
C LEU C 274 39.36 31.78 -22.73
N LEU C 275 39.35 30.54 -22.21
CA LEU C 275 40.37 29.56 -22.54
C LEU C 275 40.25 29.14 -24.01
N ALA C 276 39.01 29.07 -24.51
CA ALA C 276 38.78 28.79 -25.92
C ALA C 276 39.37 29.91 -26.78
N ALA C 277 39.16 31.16 -26.36
CA ALA C 277 39.67 32.32 -27.08
C ALA C 277 41.19 32.27 -27.19
N GLN C 278 41.84 31.81 -26.11
N GLN C 278 41.85 31.80 -26.12
CA GLN C 278 43.30 31.72 -26.03
CA GLN C 278 43.30 31.72 -26.03
C GLN C 278 43.84 30.74 -27.08
C GLN C 278 43.85 30.71 -27.04
N LYS C 279 43.00 29.80 -27.54
CA LYS C 279 43.39 28.88 -28.60
C LYS C 279 43.66 29.65 -29.90
N VAL C 280 43.03 30.82 -30.06
CA VAL C 280 43.26 31.70 -31.19
C VAL C 280 44.37 32.70 -30.85
N ILE C 281 44.21 33.40 -29.72
CA ILE C 281 45.17 34.40 -29.28
C ILE C 281 46.15 33.74 -28.30
N SER C 282 47.21 33.16 -28.84
CA SER C 282 48.10 32.29 -28.08
C SER C 282 49.25 33.06 -27.42
N LYS C 283 49.15 34.40 -27.34
CA LYS C 283 50.22 35.18 -26.73
C LYS C 283 50.28 34.88 -25.23
N PRO C 284 51.45 35.08 -24.58
CA PRO C 284 51.61 34.76 -23.16
C PRO C 284 50.57 35.44 -22.28
N ILE C 285 50.14 34.74 -21.22
CA ILE C 285 49.17 35.23 -20.26
C ILE C 285 49.65 36.53 -19.63
N SER C 286 50.98 36.70 -19.49
CA SER C 286 51.54 37.90 -18.89
C SER C 286 51.13 39.16 -19.65
N GLU C 287 50.67 39.02 -20.91
CA GLU C 287 50.35 40.16 -21.76
C GLU C 287 48.85 40.44 -21.81
N HIS C 288 48.02 39.59 -21.19
CA HIS C 288 46.59 39.79 -21.18
C HIS C 288 46.23 40.84 -20.14
N LYS C 289 45.14 41.56 -20.40
CA LYS C 289 44.57 42.50 -19.46
C LYS C 289 43.05 42.44 -19.59
N ILE C 290 42.37 42.20 -18.47
CA ILE C 290 40.93 41.97 -18.45
C ILE C 290 40.27 43.20 -17.82
N LEU C 291 39.30 43.78 -18.52
CA LEU C 291 38.51 44.89 -17.98
C LEU C 291 37.05 44.46 -17.87
N PHE C 292 36.53 44.45 -16.65
CA PHE C 292 35.13 44.11 -16.39
C PHE C 292 34.28 45.38 -16.39
N LEU C 293 33.11 45.26 -17.04
CA LEU C 293 32.01 46.19 -16.81
C LEU C 293 31.09 45.58 -15.76
N GLY C 294 31.13 46.16 -14.56
CA GLY C 294 30.48 45.60 -13.39
C GLY C 294 31.53 45.08 -12.41
N ALA C 295 31.16 45.06 -11.13
CA ALA C 295 32.03 44.55 -10.08
C ALA C 295 31.17 43.80 -9.06
N GLY C 296 30.17 43.06 -9.56
CA GLY C 296 29.20 42.38 -8.72
C GLY C 296 29.54 40.92 -8.54
N GLU C 297 28.49 40.10 -8.39
CA GLU C 297 28.63 38.69 -8.08
C GLU C 297 29.36 37.98 -9.22
N ALA C 298 28.92 38.24 -10.45
CA ALA C 298 29.49 37.59 -11.61
C ALA C 298 30.94 38.01 -11.80
N ALA C 299 31.22 39.31 -11.70
CA ALA C 299 32.57 39.83 -11.91
C ALA C 299 33.56 39.19 -10.93
N LEU C 300 33.18 39.13 -9.65
CA LEU C 300 34.05 38.66 -8.60
C LEU C 300 34.27 37.15 -8.73
N GLY C 301 33.18 36.40 -8.97
CA GLY C 301 33.29 34.98 -9.25
C GLY C 301 34.27 34.71 -10.39
N ILE C 302 34.05 35.38 -11.52
CA ILE C 302 34.82 35.13 -12.72
C ILE C 302 36.28 35.51 -12.49
N ALA C 303 36.51 36.69 -11.90
CA ALA C 303 37.86 37.20 -11.72
C ALA C 303 38.67 36.28 -10.82
N ASN C 304 38.05 35.77 -9.74
CA ASN C 304 38.78 34.92 -8.82
C ASN C 304 39.20 33.63 -9.51
N LEU C 305 38.40 33.12 -10.46
CA LEU C 305 38.77 31.90 -11.14
C LEU C 305 39.81 32.18 -12.22
N ILE C 306 39.75 33.33 -12.90
CA ILE C 306 40.78 33.73 -13.85
C ILE C 306 42.14 33.76 -13.14
N VAL C 307 42.18 34.33 -11.94
CA VAL C 307 43.41 34.42 -11.16
C VAL C 307 43.98 33.02 -10.90
N MET C 308 43.13 32.06 -10.51
CA MET C 308 43.58 30.70 -10.25
C MET C 308 44.14 30.07 -11.53
N SER C 309 43.51 30.35 -12.67
CA SER C 309 44.00 29.87 -13.95
C SER C 309 45.37 30.48 -14.26
N MET C 310 45.53 31.79 -14.00
CA MET C 310 46.77 32.49 -14.32
C MET C 310 47.91 32.01 -13.43
N VAL C 311 47.62 31.77 -12.14
CA VAL C 311 48.59 31.29 -11.17
C VAL C 311 49.11 29.90 -11.58
N GLU C 312 48.21 29.08 -12.16
CA GLU C 312 48.58 27.77 -12.65
C GLU C 312 49.53 27.89 -13.84
N ASN C 313 49.50 29.03 -14.54
CA ASN C 313 50.29 29.25 -15.74
C ASN C 313 51.46 30.20 -15.47
N GLY C 314 51.91 30.32 -14.21
CA GLY C 314 53.22 30.86 -13.93
C GLY C 314 53.20 32.23 -13.23
N LEU C 315 52.06 32.92 -13.21
CA LEU C 315 51.97 34.20 -12.54
C LEU C 315 51.79 33.99 -11.04
N SER C 316 52.28 34.95 -10.24
CA SER C 316 51.94 34.98 -8.82
C SER C 316 50.51 35.50 -8.68
N GLU C 317 49.90 35.23 -7.52
CA GLU C 317 48.54 35.65 -7.24
C GLU C 317 48.44 37.17 -7.41
N GLN C 318 49.41 37.89 -6.81
CA GLN C 318 49.38 39.35 -6.79
C GLN C 318 49.52 39.91 -8.21
N GLU C 319 50.37 39.28 -9.04
CA GLU C 319 50.60 39.74 -10.39
C GLU C 319 49.39 39.45 -11.28
N ALA C 320 48.74 38.31 -11.05
CA ALA C 320 47.54 37.93 -11.78
C ALA C 320 46.41 38.93 -11.50
N GLN C 321 46.25 39.29 -10.22
CA GLN C 321 45.24 40.24 -9.78
C GLN C 321 45.44 41.61 -10.44
N LYS C 322 46.70 42.01 -10.65
CA LYS C 322 47.02 43.30 -11.25
C LYS C 322 46.68 43.35 -12.74
N LYS C 323 46.35 42.20 -13.35
CA LYS C 323 45.96 42.19 -14.75
C LYS C 323 44.44 42.33 -14.91
N ILE C 324 43.71 42.49 -13.80
CA ILE C 324 42.27 42.54 -13.84
C ILE C 324 41.80 43.88 -13.28
N TRP C 325 41.03 44.62 -14.10
CA TRP C 325 40.44 45.87 -13.68
C TRP C 325 38.91 45.74 -13.70
N MET C 326 38.23 46.56 -12.90
CA MET C 326 36.78 46.56 -12.88
C MET C 326 36.27 48.00 -12.91
N PHE C 327 35.14 48.17 -13.63
CA PHE C 327 34.47 49.45 -13.78
C PHE C 327 32.99 49.26 -13.50
N ASP C 328 32.51 49.79 -12.37
CA ASP C 328 31.11 49.60 -11.98
C ASP C 328 30.32 50.87 -12.26
N LYS C 329 29.10 50.94 -11.70
CA LYS C 329 28.17 52.05 -11.91
C LYS C 329 28.79 53.38 -11.49
N TYR C 330 29.77 53.35 -10.59
CA TYR C 330 30.40 54.56 -10.07
C TYR C 330 31.71 54.87 -10.79
N GLY C 331 32.18 53.96 -11.66
CA GLY C 331 33.40 54.18 -12.43
C GLY C 331 34.46 53.13 -12.13
N LEU C 332 35.72 53.48 -12.41
CA LEU C 332 36.83 52.55 -12.29
C LEU C 332 37.14 52.32 -10.80
N LEU C 333 37.26 51.04 -10.41
CA LEU C 333 37.63 50.69 -9.05
C LEU C 333 39.11 50.97 -8.85
N VAL C 334 39.42 52.12 -8.22
CA VAL C 334 40.79 52.51 -7.91
C VAL C 334 40.87 52.84 -6.42
N LYS C 335 42.09 52.77 -5.87
CA LYS C 335 42.33 53.03 -4.47
C LYS C 335 42.03 54.50 -4.17
N GLY C 336 41.13 54.73 -3.20
CA GLY C 336 40.85 56.06 -2.70
C GLY C 336 39.70 56.75 -3.43
N ARG C 337 38.90 55.98 -4.19
CA ARG C 337 37.74 56.55 -4.86
C ARG C 337 36.64 56.80 -3.82
N LYS C 338 35.64 57.62 -4.20
CA LYS C 338 34.56 57.98 -3.29
C LYS C 338 33.65 56.78 -3.05
N ALA C 339 33.29 56.06 -4.11
CA ALA C 339 32.32 54.97 -4.02
C ALA C 339 32.91 53.79 -3.23
N LYS C 340 32.01 52.91 -2.76
CA LYS C 340 32.35 51.88 -1.79
C LYS C 340 33.08 50.72 -2.48
N ILE C 341 34.07 50.17 -1.76
CA ILE C 341 34.86 49.02 -2.19
C ILE C 341 34.78 47.96 -1.11
N ASP C 342 34.08 46.84 -1.38
CA ASP C 342 33.95 45.79 -0.40
C ASP C 342 35.24 44.94 -0.38
N SER C 343 35.29 43.95 0.51
CA SER C 343 36.51 43.18 0.73
C SER C 343 36.78 42.24 -0.44
N TYR C 344 35.71 41.75 -1.09
CA TYR C 344 35.85 40.90 -2.26
C TYR C 344 36.43 41.68 -3.43
N GLN C 345 36.11 42.98 -3.52
CA GLN C 345 36.52 43.82 -4.64
C GLN C 345 37.93 44.37 -4.42
N GLU C 346 38.42 44.31 -3.18
CA GLU C 346 39.65 44.98 -2.78
C GLU C 346 40.86 44.50 -3.58
N PRO C 347 41.02 43.18 -3.85
CA PRO C 347 42.18 42.70 -4.61
C PRO C 347 42.26 43.18 -6.07
N PHE C 348 41.13 43.64 -6.62
CA PHE C 348 41.10 44.12 -8.00
C PHE C 348 40.99 45.64 -8.04
N THR C 349 41.16 46.28 -6.87
CA THR C 349 41.15 47.73 -6.76
C THR C 349 42.59 48.20 -6.71
N HIS C 350 43.04 48.82 -7.81
CA HIS C 350 44.44 49.14 -8.02
C HIS C 350 44.66 50.64 -7.89
N SER C 351 45.94 51.03 -7.78
CA SER C 351 46.33 52.43 -7.80
C SER C 351 45.89 53.06 -9.11
N ALA C 352 45.32 54.27 -9.04
CA ALA C 352 44.79 54.95 -10.20
C ALA C 352 45.91 55.16 -11.23
N PRO C 353 45.63 54.97 -12.54
CA PRO C 353 46.58 55.36 -13.58
C PRO C 353 46.61 56.89 -13.68
N GLU C 354 47.60 57.42 -14.40
CA GLU C 354 47.86 58.85 -14.45
C GLU C 354 46.58 59.61 -14.78
N SER C 355 45.86 59.14 -15.81
CA SER C 355 44.55 59.66 -16.16
C SER C 355 43.47 58.72 -15.64
N ILE C 356 42.42 59.28 -15.01
CA ILE C 356 41.34 58.47 -14.47
C ILE C 356 40.14 58.54 -15.43
N PRO C 357 39.68 57.38 -15.98
CA PRO C 357 38.56 57.38 -16.93
C PRO C 357 37.25 57.87 -16.33
N ASP C 358 36.42 58.50 -17.16
CA ASP C 358 35.06 58.87 -16.80
C ASP C 358 34.09 57.80 -17.30
N THR C 359 34.29 57.37 -18.56
CA THR C 359 33.39 56.44 -19.21
C THR C 359 34.12 55.12 -19.43
N PHE C 360 33.37 54.07 -19.77
CA PHE C 360 33.96 52.77 -20.05
C PHE C 360 34.85 52.87 -21.29
N GLU C 361 34.44 53.68 -22.27
CA GLU C 361 35.25 53.90 -23.46
C GLU C 361 36.60 54.49 -23.08
N ASP C 362 36.61 55.48 -22.19
CA ASP C 362 37.85 56.08 -21.73
C ASP C 362 38.72 55.03 -21.06
N ALA C 363 38.08 54.12 -20.30
CA ALA C 363 38.80 53.09 -19.57
C ALA C 363 39.47 52.12 -20.55
N VAL C 364 38.78 51.79 -21.64
CA VAL C 364 39.33 50.91 -22.67
C VAL C 364 40.56 51.57 -23.29
N ASN C 365 40.46 52.87 -23.60
CA ASN C 365 41.53 53.56 -24.31
C ASN C 365 42.74 53.77 -23.40
N ILE C 366 42.52 54.01 -22.10
CA ILE C 366 43.62 54.22 -21.18
C ILE C 366 44.27 52.89 -20.79
N LEU C 367 43.46 51.88 -20.44
CA LEU C 367 43.98 50.62 -19.89
C LEU C 367 44.42 49.68 -21.01
N LYS C 368 43.80 49.80 -22.19
CA LYS C 368 44.12 48.96 -23.34
C LYS C 368 43.97 47.48 -23.00
N PRO C 369 42.77 47.01 -22.56
CA PRO C 369 42.56 45.58 -22.32
C PRO C 369 42.51 44.76 -23.61
N SER C 370 42.85 43.46 -23.48
CA SER C 370 42.68 42.49 -24.54
C SER C 370 41.28 41.89 -24.49
N THR C 371 40.61 42.04 -23.35
CA THR C 371 39.34 41.36 -23.09
C THR C 371 38.45 42.30 -22.29
N ILE C 372 37.17 42.41 -22.70
CA ILE C 372 36.18 43.08 -21.90
C ILE C 372 35.05 42.09 -21.59
N ILE C 373 34.58 42.12 -20.35
CA ILE C 373 33.54 41.21 -19.90
C ILE C 373 32.41 42.05 -19.32
N GLY C 374 31.21 41.88 -19.92
CA GLY C 374 30.03 42.65 -19.56
C GLY C 374 29.13 41.87 -18.62
N VAL C 375 29.10 42.30 -17.36
CA VAL C 375 28.27 41.68 -16.34
C VAL C 375 27.71 42.78 -15.44
N ALA C 376 27.07 43.78 -16.08
CA ALA C 376 26.50 44.93 -15.37
C ALA C 376 24.97 44.86 -15.34
N GLY C 377 24.37 44.14 -16.29
CA GLY C 377 22.92 43.99 -16.36
C GLY C 377 22.21 45.33 -16.57
N ALA C 378 22.77 46.20 -17.41
CA ALA C 378 22.28 47.57 -17.53
C ALA C 378 22.19 48.01 -18.99
N GLY C 379 22.00 47.06 -19.92
CA GLY C 379 21.77 47.38 -21.31
C GLY C 379 23.06 47.57 -22.10
N ARG C 380 22.97 48.36 -23.18
CA ARG C 380 23.94 48.35 -24.26
C ARG C 380 25.09 49.30 -23.97
N LEU C 381 25.94 48.94 -22.99
CA LEU C 381 27.01 49.81 -22.54
C LEU C 381 28.32 49.51 -23.26
N PHE C 382 28.38 48.39 -24.00
CA PHE C 382 29.44 48.19 -24.97
C PHE C 382 29.01 48.91 -26.25
N THR C 383 29.20 50.23 -26.25
CA THR C 383 28.73 51.10 -27.32
C THR C 383 29.56 50.84 -28.57
N PRO C 384 29.07 51.24 -29.77
CA PRO C 384 29.88 51.19 -30.98
C PRO C 384 31.31 51.72 -30.84
N ASP C 385 31.49 52.78 -30.04
CA ASP C 385 32.81 53.37 -29.85
C ASP C 385 33.69 52.49 -28.96
N VAL C 386 33.08 51.83 -27.96
CA VAL C 386 33.79 50.88 -27.12
C VAL C 386 34.29 49.72 -27.99
N ILE C 387 33.40 49.19 -28.84
CA ILE C 387 33.70 48.05 -29.68
C ILE C 387 34.79 48.41 -30.68
N ARG C 388 34.69 49.60 -31.28
CA ARG C 388 35.67 50.07 -32.25
C ARG C 388 37.02 50.25 -31.57
N ALA C 389 37.02 50.81 -30.36
CA ALA C 389 38.26 51.01 -29.62
C ALA C 389 38.95 49.66 -29.38
N MET C 390 38.18 48.64 -29.03
CA MET C 390 38.73 47.31 -28.76
C MET C 390 39.40 46.75 -30.02
N ALA C 391 38.78 46.96 -31.18
CA ALA C 391 39.29 46.45 -32.45
C ALA C 391 40.51 47.26 -32.91
N SER C 392 40.62 48.52 -32.46
CA SER C 392 41.76 49.37 -32.76
C SER C 392 42.97 48.97 -31.92
N ILE C 393 42.71 48.48 -30.70
CA ILE C 393 43.75 48.17 -29.74
C ILE C 393 44.27 46.76 -29.96
N ASN C 394 43.37 45.83 -30.31
CA ASN C 394 43.69 44.41 -30.41
C ASN C 394 43.32 43.92 -31.80
N GLU C 395 44.14 43.00 -32.32
CA GLU C 395 43.84 42.35 -33.59
C GLU C 395 42.59 41.49 -33.45
N ARG C 396 42.47 40.76 -32.33
CA ARG C 396 41.32 39.89 -32.11
C ARG C 396 40.74 40.19 -30.73
N PRO C 397 39.90 41.25 -30.58
CA PRO C 397 39.39 41.62 -29.26
C PRO C 397 38.42 40.56 -28.74
N VAL C 398 38.55 40.23 -27.46
CA VAL C 398 37.65 39.30 -26.79
C VAL C 398 36.55 40.14 -26.13
N ILE C 399 35.30 39.90 -26.53
CA ILE C 399 34.17 40.68 -26.07
C ILE C 399 33.10 39.70 -25.58
N PHE C 400 32.90 39.66 -24.26
CA PHE C 400 31.87 38.81 -23.66
C PHE C 400 30.77 39.71 -23.13
N ALA C 401 29.57 39.59 -23.71
CA ALA C 401 28.39 40.33 -23.30
C ALA C 401 27.44 39.37 -22.61
N LEU C 402 27.62 39.23 -21.29
CA LEU C 402 27.04 38.11 -20.54
C LEU C 402 25.70 38.48 -19.90
N SER C 403 25.39 39.77 -19.81
CA SER C 403 24.17 40.20 -19.13
C SER C 403 22.93 39.65 -19.83
N ASN C 404 21.96 39.20 -19.02
CA ASN C 404 20.70 38.60 -19.49
C ASN C 404 19.53 39.38 -18.87
N PRO C 405 18.33 39.41 -19.50
CA PRO C 405 18.08 38.81 -20.81
C PRO C 405 18.55 39.70 -21.97
N THR C 406 18.24 39.31 -23.21
CA THR C 406 18.77 39.93 -24.41
C THR C 406 18.75 41.45 -24.31
N ALA C 407 17.68 42.00 -23.71
CA ALA C 407 17.49 43.45 -23.64
C ALA C 407 18.55 44.12 -22.76
N GLN C 408 19.14 43.35 -21.83
CA GLN C 408 20.10 43.91 -20.88
C GLN C 408 21.55 43.69 -21.36
N ALA C 409 21.74 43.00 -22.48
CA ALA C 409 23.07 42.66 -22.97
C ALA C 409 23.84 43.92 -23.33
N GLU C 410 25.18 43.85 -23.19
CA GLU C 410 26.05 44.98 -23.43
C GLU C 410 26.09 45.32 -24.91
N CYS C 411 25.89 44.31 -25.77
CA CYS C 411 25.79 44.50 -27.20
C CYS C 411 25.26 43.20 -27.80
N THR C 412 24.97 43.24 -29.11
CA THR C 412 24.52 42.06 -29.83
C THR C 412 25.71 41.46 -30.57
N ALA C 413 25.54 40.21 -31.01
CA ALA C 413 26.51 39.57 -31.88
C ALA C 413 26.70 40.40 -33.15
N GLU C 414 25.57 40.88 -33.70
CA GLU C 414 25.55 41.70 -34.89
C GLU C 414 26.48 42.89 -34.75
N GLU C 415 26.28 43.67 -33.67
CA GLU C 415 27.10 44.84 -33.41
C GLU C 415 28.57 44.45 -33.27
N ALA C 416 28.84 43.33 -32.58
CA ALA C 416 30.19 42.93 -32.24
C ALA C 416 30.98 42.56 -33.51
N TYR C 417 30.40 41.67 -34.33
CA TYR C 417 31.06 41.19 -35.53
C TYR C 417 31.19 42.30 -36.57
N THR C 418 30.15 43.13 -36.74
CA THR C 418 30.14 44.11 -37.82
C THR C 418 31.11 45.24 -37.52
N LEU C 419 31.13 45.73 -36.27
CA LEU C 419 31.91 46.89 -35.90
C LEU C 419 33.39 46.54 -35.70
N THR C 420 33.73 45.25 -35.56
CA THR C 420 35.12 44.82 -35.49
C THR C 420 35.54 44.15 -36.79
N GLU C 421 34.62 44.09 -37.76
CA GLU C 421 34.90 43.59 -39.10
C GLU C 421 35.25 42.09 -39.05
N GLY C 422 34.59 41.38 -38.13
CA GLY C 422 34.70 39.93 -38.05
C GLY C 422 35.92 39.46 -37.27
N ARG C 423 36.56 40.39 -36.54
CA ARG C 423 37.82 40.10 -35.87
C ARG C 423 37.59 39.74 -34.41
N CYS C 424 36.44 40.11 -33.83
CA CYS C 424 36.21 39.89 -32.41
C CYS C 424 35.98 38.41 -32.13
N LEU C 425 36.42 37.96 -30.94
CA LEU C 425 36.01 36.69 -30.38
C LEU C 425 34.92 36.97 -29.35
N PHE C 426 33.70 36.51 -29.66
CA PHE C 426 32.50 36.99 -28.99
C PHE C 426 31.77 35.81 -28.33
N ALA C 427 31.19 36.10 -27.16
CA ALA C 427 30.26 35.19 -26.50
C ALA C 427 29.25 36.02 -25.73
N SER C 428 28.07 35.42 -25.51
CA SER C 428 26.96 36.11 -24.86
C SER C 428 26.32 35.20 -23.82
N GLY C 429 25.53 35.82 -22.93
CA GLY C 429 24.70 35.08 -22.00
C GLY C 429 23.37 34.69 -22.65
N SER C 430 22.84 35.58 -23.50
CA SER C 430 21.56 35.38 -24.15
C SER C 430 21.77 34.85 -25.56
N PRO C 431 20.82 34.04 -26.10
CA PRO C 431 21.04 33.35 -27.38
C PRO C 431 20.98 34.29 -28.59
N PHE C 432 22.01 34.22 -29.43
CA PHE C 432 22.04 34.95 -30.69
C PHE C 432 22.25 33.96 -31.82
N GLY C 433 21.54 34.20 -32.94
CA GLY C 433 21.66 33.36 -34.12
C GLY C 433 22.84 33.80 -34.98
N PRO C 434 23.17 33.03 -36.05
CA PRO C 434 24.31 33.36 -36.91
C PRO C 434 24.31 34.81 -37.42
N VAL C 435 25.53 35.32 -37.69
CA VAL C 435 25.70 36.66 -38.24
C VAL C 435 26.40 36.52 -39.59
N LYS C 436 25.74 36.97 -40.65
CA LYS C 436 26.31 37.00 -41.99
C LYS C 436 26.77 38.42 -42.27
N LEU C 437 28.08 38.58 -42.54
CA LEU C 437 28.61 39.86 -42.99
C LEU C 437 28.41 39.95 -44.50
N THR C 438 28.45 41.18 -45.01
CA THR C 438 28.17 41.43 -46.42
C THR C 438 29.26 40.81 -47.30
N ASP C 439 30.45 40.57 -46.73
CA ASP C 439 31.54 39.94 -47.46
C ASP C 439 31.35 38.44 -47.58
N GLY C 440 30.28 37.89 -46.99
CA GLY C 440 29.93 36.49 -47.17
C GLY C 440 30.15 35.63 -45.92
N ARG C 441 31.05 36.07 -45.03
CA ARG C 441 31.45 35.25 -43.88
C ARG C 441 30.29 35.10 -42.91
N VAL C 442 30.16 33.89 -42.34
CA VAL C 442 29.13 33.58 -41.37
C VAL C 442 29.80 33.26 -40.03
N PHE C 443 29.33 33.90 -38.95
CA PHE C 443 29.84 33.69 -37.60
C PHE C 443 28.74 33.11 -36.72
N THR C 444 29.06 31.99 -36.05
CA THR C 444 28.13 31.35 -35.13
C THR C 444 28.62 31.58 -33.69
N PRO C 445 28.07 32.59 -32.96
CA PRO C 445 28.51 32.89 -31.60
C PRO C 445 27.97 31.94 -30.56
N GLY C 446 28.81 31.63 -29.56
CA GLY C 446 28.42 30.73 -28.48
C GLY C 446 27.72 31.48 -27.34
N GLN C 447 26.91 30.73 -26.58
CA GLN C 447 26.27 31.22 -25.38
C GLN C 447 26.96 30.58 -24.17
N GLY C 448 27.41 31.38 -23.21
CA GLY C 448 28.05 30.88 -22.00
C GLY C 448 27.01 30.50 -20.94
N ASN C 449 26.28 29.42 -21.22
CA ASN C 449 25.16 28.94 -20.41
C ASN C 449 25.69 28.11 -19.24
N ASN C 450 25.19 28.38 -18.03
CA ASN C 450 25.65 27.68 -16.84
C ASN C 450 25.40 26.17 -16.95
N VAL C 451 24.50 25.74 -17.83
CA VAL C 451 24.16 24.32 -17.92
C VAL C 451 25.35 23.51 -18.45
N TYR C 452 26.36 24.15 -19.04
CA TYR C 452 27.54 23.45 -19.50
C TYR C 452 28.32 22.84 -18.33
N ILE C 453 28.17 23.39 -17.11
CA ILE C 453 29.07 23.08 -16.02
C ILE C 453 28.36 22.25 -14.93
N PHE C 454 27.22 22.73 -14.40
CA PHE C 454 26.73 22.21 -13.12
C PHE C 454 26.30 20.75 -13.22
N PRO C 455 25.67 20.24 -14.31
CA PRO C 455 25.31 18.82 -14.36
C PRO C 455 26.49 17.87 -14.18
N GLY C 456 27.55 18.09 -14.98
CA GLY C 456 28.75 17.25 -14.99
C GLY C 456 29.49 17.28 -13.66
N VAL C 457 29.63 18.49 -13.08
CA VAL C 457 30.30 18.64 -11.79
C VAL C 457 29.49 17.89 -10.73
N ALA C 458 28.16 18.10 -10.71
CA ALA C 458 27.33 17.46 -9.70
C ALA C 458 27.47 15.94 -9.78
N LEU C 459 27.45 15.39 -11.00
CA LEU C 459 27.50 13.95 -11.19
C LEU C 459 28.81 13.40 -10.62
N ALA C 460 29.93 14.04 -10.97
CA ALA C 460 31.25 13.60 -10.53
C ALA C 460 31.33 13.61 -9.00
N VAL C 461 30.91 14.71 -8.38
CA VAL C 461 30.96 14.85 -6.93
C VAL C 461 30.17 13.71 -6.28
N ILE C 462 28.95 13.46 -6.76
CA ILE C 462 28.07 12.46 -6.20
C ILE C 462 28.70 11.06 -6.34
N LEU C 463 29.15 10.73 -7.56
CA LEU C 463 29.66 9.39 -7.86
C LEU C 463 30.95 9.11 -7.08
N CYS C 464 31.71 10.15 -6.72
CA CYS C 464 32.97 9.99 -6.02
C CYS C 464 32.80 10.06 -4.50
N ASN C 465 31.57 10.23 -4.00
CA ASN C 465 31.31 10.43 -2.58
C ASN C 465 32.19 11.57 -2.04
N THR C 466 32.34 12.63 -2.84
CA THR C 466 33.10 13.81 -2.47
C THR C 466 32.35 14.58 -1.38
N ARG C 467 33.10 15.22 -0.48
CA ARG C 467 32.53 15.81 0.72
C ARG C 467 32.64 17.33 0.72
N HIS C 468 33.63 17.88 -0.01
CA HIS C 468 33.79 19.32 -0.14
C HIS C 468 34.26 19.64 -1.56
N ILE C 469 33.79 20.78 -2.08
CA ILE C 469 34.06 21.18 -3.45
C ILE C 469 34.93 22.44 -3.44
N SER C 470 36.21 22.26 -3.77
CA SER C 470 37.16 23.36 -3.86
C SER C 470 36.91 24.13 -5.15
N ASP C 471 37.38 25.38 -5.20
CA ASP C 471 37.30 26.19 -6.41
C ASP C 471 38.09 25.51 -7.54
N SER C 472 39.11 24.72 -7.20
CA SER C 472 39.93 24.06 -8.21
C SER C 472 39.12 23.03 -9.00
N VAL C 473 38.02 22.53 -8.44
CA VAL C 473 37.13 21.64 -9.16
C VAL C 473 36.51 22.39 -10.34
N PHE C 474 36.14 23.66 -10.12
CA PHE C 474 35.51 24.47 -11.16
C PHE C 474 36.52 24.88 -12.22
N LEU C 475 37.80 25.03 -11.83
CA LEU C 475 38.85 25.30 -12.80
C LEU C 475 39.01 24.10 -13.73
N GLU C 476 39.01 22.89 -13.14
CA GLU C 476 39.12 21.66 -13.92
C GLU C 476 37.93 21.51 -14.86
N ALA C 477 36.72 21.84 -14.39
CA ALA C 477 35.52 21.74 -15.20
C ALA C 477 35.59 22.68 -16.40
N ALA C 478 36.08 23.90 -16.17
CA ALA C 478 36.26 24.87 -17.24
C ALA C 478 37.20 24.34 -18.32
N LYS C 479 38.30 23.72 -17.91
CA LYS C 479 39.27 23.17 -18.85
C LYS C 479 38.65 22.00 -19.61
N ALA C 480 37.90 21.15 -18.90
CA ALA C 480 37.28 19.99 -19.51
C ALA C 480 36.23 20.41 -20.54
N LEU C 481 35.54 21.53 -20.29
CA LEU C 481 34.55 22.04 -21.24
C LEU C 481 35.26 22.47 -22.53
N THR C 482 36.29 23.31 -22.40
CA THR C 482 36.99 23.85 -23.56
C THR C 482 37.68 22.73 -24.36
N SER C 483 38.12 21.66 -23.67
CA SER C 483 38.86 20.59 -24.33
C SER C 483 37.99 19.83 -25.33
N GLN C 484 36.67 20.06 -25.32
CA GLN C 484 35.75 19.33 -26.18
C GLN C 484 35.44 20.10 -27.47
N LEU C 485 35.90 21.36 -27.54
CA LEU C 485 35.68 22.20 -28.71
C LEU C 485 36.58 21.74 -29.84
N THR C 486 36.00 21.46 -31.02
CA THR C 486 36.77 20.99 -32.15
C THR C 486 37.36 22.18 -32.90
N ASP C 487 38.27 21.90 -33.83
CA ASP C 487 38.90 22.92 -34.66
C ASP C 487 37.86 23.58 -35.56
N GLU C 488 36.99 22.75 -36.18
CA GLU C 488 35.96 23.23 -37.08
C GLU C 488 35.01 24.19 -36.35
N GLU C 489 34.70 23.88 -35.09
CA GLU C 489 33.80 24.70 -34.29
C GLU C 489 34.47 26.05 -33.99
N LEU C 490 35.74 26.02 -33.56
CA LEU C 490 36.47 27.24 -33.25
C LEU C 490 36.56 28.13 -34.49
N ALA C 491 36.74 27.53 -35.67
CA ALA C 491 36.86 28.26 -36.91
C ALA C 491 35.56 29.00 -37.25
N GLN C 492 34.41 28.38 -36.89
CA GLN C 492 33.11 29.00 -37.06
C GLN C 492 32.92 30.21 -36.14
N GLY C 493 33.76 30.32 -35.10
CA GLY C 493 33.67 31.41 -34.15
C GLY C 493 33.03 30.98 -32.83
N ARG C 494 32.83 29.66 -32.65
CA ARG C 494 32.27 29.11 -31.42
C ARG C 494 33.34 29.02 -30.35
N LEU C 495 33.04 29.51 -29.13
CA LEU C 495 33.91 29.37 -27.98
C LEU C 495 33.36 28.33 -27.00
N TYR C 496 32.25 27.69 -27.38
CA TYR C 496 31.62 26.66 -26.57
C TYR C 496 31.13 25.55 -27.51
N PRO C 497 31.17 24.27 -27.08
CA PRO C 497 30.59 23.19 -27.87
C PRO C 497 29.08 23.40 -28.04
N PRO C 498 28.45 22.84 -29.09
CA PRO C 498 27.02 23.07 -29.34
C PRO C 498 26.16 22.65 -28.15
N LEU C 499 25.10 23.43 -27.86
CA LEU C 499 24.18 23.15 -26.78
C LEU C 499 23.40 21.87 -27.06
N ALA C 500 23.17 21.55 -28.34
CA ALA C 500 22.51 20.33 -28.74
C ALA C 500 23.24 19.09 -28.19
N ASN C 501 24.54 19.21 -27.94
CA ASN C 501 25.34 18.09 -27.50
C ASN C 501 25.53 18.08 -25.98
N ILE C 502 24.62 18.74 -25.23
CA ILE C 502 24.84 18.98 -23.81
C ILE C 502 24.97 17.67 -23.03
N GLN C 503 24.25 16.62 -23.43
CA GLN C 503 24.31 15.34 -22.72
C GLN C 503 25.72 14.76 -22.77
N GLU C 504 26.28 14.65 -23.97
CA GLU C 504 27.62 14.13 -24.18
C GLU C 504 28.66 15.03 -23.49
N VAL C 505 28.48 16.35 -23.61
CA VAL C 505 29.40 17.30 -23.01
C VAL C 505 29.44 17.11 -21.49
N SER C 506 28.25 16.95 -20.87
CA SER C 506 28.16 16.84 -19.42
C SER C 506 28.84 15.58 -18.91
N ILE C 507 28.63 14.46 -19.62
CA ILE C 507 29.22 13.19 -19.25
C ILE C 507 30.75 13.29 -19.32
N ASN C 508 31.26 13.95 -20.37
CA ASN C 508 32.69 14.09 -20.57
C ASN C 508 33.32 14.95 -19.46
N ILE C 509 32.60 15.98 -19.01
CA ILE C 509 33.07 16.81 -17.91
C ILE C 509 33.09 15.99 -16.62
N ALA C 510 32.04 15.18 -16.39
CA ALA C 510 31.95 14.34 -15.21
C ALA C 510 33.13 13.39 -15.12
N ILE C 511 33.53 12.82 -16.27
CA ILE C 511 34.64 11.88 -16.31
C ILE C 511 35.94 12.60 -15.91
N LYS C 512 36.17 13.78 -16.49
CA LYS C 512 37.38 14.53 -16.22
C LYS C 512 37.44 14.98 -14.76
N VAL C 513 36.30 15.41 -14.22
CA VAL C 513 36.24 15.88 -12.84
C VAL C 513 36.43 14.69 -11.89
N THR C 514 35.91 13.51 -12.27
CA THR C 514 36.05 12.31 -11.48
C THR C 514 37.53 11.93 -11.39
N GLU C 515 38.22 11.98 -12.53
CA GLU C 515 39.66 11.74 -12.56
C GLU C 515 40.37 12.70 -11.61
N TYR C 516 39.97 13.98 -11.65
CA TYR C 516 40.60 15.00 -10.84
C TYR C 516 40.37 14.73 -9.35
N LEU C 517 39.14 14.35 -8.96
CA LEU C 517 38.82 14.16 -7.56
C LEU C 517 39.64 13.01 -6.98
N TYR C 518 39.76 11.91 -7.73
CA TYR C 518 40.52 10.76 -7.29
C TYR C 518 42.01 11.12 -7.22
N ALA C 519 42.51 11.89 -8.19
CA ALA C 519 43.93 12.22 -8.26
C ALA C 519 44.33 13.19 -7.15
N ASN C 520 43.38 13.95 -6.58
CA ASN C 520 43.72 14.97 -5.61
C ASN C 520 43.14 14.65 -4.23
N LYS C 521 42.79 13.37 -4.01
CA LYS C 521 42.41 12.86 -2.70
C LYS C 521 41.11 13.51 -2.21
N MET C 522 40.19 13.81 -3.13
CA MET C 522 38.93 14.44 -2.76
C MET C 522 37.77 13.45 -2.88
N ALA C 523 38.04 12.23 -3.37
CA ALA C 523 37.05 11.18 -3.49
C ALA C 523 37.11 10.24 -2.29
N PHE C 524 35.96 9.67 -1.91
CA PHE C 524 35.89 8.71 -0.82
C PHE C 524 35.22 7.41 -1.24
N ARG C 525 34.93 7.26 -2.53
CA ARG C 525 34.32 6.03 -3.03
C ARG C 525 35.44 5.05 -3.41
N TYR C 526 35.62 4.02 -2.58
CA TYR C 526 36.63 3.00 -2.82
C TYR C 526 35.97 1.62 -2.77
N PRO C 527 36.40 0.63 -3.58
CA PRO C 527 37.55 0.74 -4.48
C PRO C 527 37.45 1.81 -5.57
N GLU C 528 38.60 2.40 -5.91
CA GLU C 528 38.71 3.36 -7.00
C GLU C 528 38.64 2.64 -8.33
N PRO C 529 37.81 3.09 -9.29
CA PRO C 529 37.73 2.45 -10.62
C PRO C 529 38.99 2.72 -11.45
N GLU C 530 39.43 1.71 -12.20
CA GLU C 530 40.60 1.84 -13.05
C GLU C 530 40.24 2.69 -14.27
N ASP C 531 39.01 2.50 -14.80
CA ASP C 531 38.54 3.20 -15.98
C ASP C 531 37.43 4.18 -15.57
N LYS C 532 37.75 5.47 -15.49
CA LYS C 532 36.79 6.45 -14.98
C LYS C 532 35.63 6.63 -15.96
N ALA C 533 35.89 6.55 -17.27
CA ALA C 533 34.84 6.74 -18.26
C ALA C 533 33.76 5.66 -18.12
N LYS C 534 34.20 4.41 -17.96
CA LYS C 534 33.30 3.29 -17.80
C LYS C 534 32.49 3.45 -16.51
N TYR C 535 33.16 3.91 -15.44
CA TYR C 535 32.56 4.07 -14.13
C TYR C 535 31.39 5.03 -14.23
N VAL C 536 31.62 6.21 -14.83
CA VAL C 536 30.60 7.24 -14.94
C VAL C 536 29.46 6.75 -15.85
N LYS C 537 29.81 6.25 -17.05
CA LYS C 537 28.80 5.92 -18.04
C LYS C 537 27.88 4.79 -17.56
N GLU C 538 28.40 3.85 -16.76
CA GLU C 538 27.60 2.75 -16.25
C GLU C 538 26.64 3.19 -15.15
N ARG C 539 26.85 4.38 -14.58
CA ARG C 539 26.05 4.82 -13.44
C ARG C 539 25.02 5.88 -13.83
N THR C 540 25.10 6.45 -15.04
CA THR C 540 24.17 7.48 -15.47
CA THR C 540 24.18 7.46 -15.50
C THR C 540 22.79 6.85 -15.64
N TRP C 541 21.76 7.58 -15.19
CA TRP C 541 20.39 7.12 -15.27
C TRP C 541 19.88 7.24 -16.71
N ARG C 542 19.14 6.24 -17.18
CA ARG C 542 18.69 6.14 -18.56
C ARG C 542 17.16 6.30 -18.62
N SER C 543 16.69 7.03 -19.64
CA SER C 543 15.28 7.34 -19.78
C SER C 543 14.52 6.26 -20.53
N GLU C 544 15.21 5.24 -21.05
CA GLU C 544 14.53 4.15 -21.73
C GLU C 544 13.70 3.34 -20.74
N TYR C 545 12.55 2.87 -21.19
CA TYR C 545 11.69 2.02 -20.38
C TYR C 545 12.38 0.70 -20.06
N ASP C 546 12.15 0.19 -18.86
CA ASP C 546 12.52 -1.16 -18.48
C ASP C 546 11.32 -2.09 -18.73
N SER C 547 11.62 -3.39 -18.78
CA SER C 547 10.59 -4.42 -18.76
C SER C 547 10.05 -4.55 -17.34
N LEU C 548 8.73 -4.64 -17.21
CA LEU C 548 8.08 -4.87 -15.93
C LEU C 548 7.35 -6.21 -15.93
N LEU C 549 7.69 -7.08 -16.91
CA LEU C 549 7.06 -8.37 -17.07
C LEU C 549 7.56 -9.34 -15.99
N PRO C 550 6.68 -9.97 -15.18
CA PRO C 550 7.08 -11.04 -14.28
C PRO C 550 7.79 -12.17 -15.04
N ASP C 551 8.70 -12.86 -14.35
CA ASP C 551 9.45 -13.96 -14.93
C ASP C 551 8.66 -15.26 -14.78
N VAL C 552 8.05 -15.70 -15.89
CA VAL C 552 7.21 -16.89 -15.91
C VAL C 552 7.92 -17.98 -16.71
N TYR C 553 8.04 -19.17 -16.10
CA TYR C 553 8.82 -20.25 -16.67
C TYR C 553 8.35 -21.58 -16.09
N GLU C 554 8.54 -22.64 -16.88
CA GLU C 554 8.20 -23.99 -16.46
C GLU C 554 9.29 -24.52 -15.53
N TRP C 555 8.86 -25.19 -14.46
CA TRP C 555 9.75 -26.07 -13.73
C TRP C 555 9.84 -27.39 -14.51
N PRO C 556 11.02 -28.05 -14.59
CA PRO C 556 11.07 -29.41 -15.11
C PRO C 556 9.90 -30.30 -14.66
N GLU C 557 9.65 -30.33 -13.34
CA GLU C 557 8.52 -31.07 -12.77
C GLU C 557 8.56 -32.53 -13.19
N SER C 558 9.77 -33.10 -13.21
CA SER C 558 9.97 -34.48 -13.64
C SER C 558 10.71 -35.25 -12.53
N SER C 560 10.17 -37.32 -8.99
CA SER C 560 9.13 -38.21 -8.40
C SER C 560 8.03 -37.36 -7.77
N SER C 561 6.80 -37.87 -7.83
CA SER C 561 5.68 -37.22 -7.15
C SER C 561 5.84 -37.37 -5.65
N PRO C 562 5.14 -36.55 -4.84
CA PRO C 562 5.01 -36.80 -3.41
C PRO C 562 4.37 -38.15 -3.14
N PRO C 563 4.57 -38.74 -1.94
CA PRO C 563 3.83 -39.93 -1.53
C PRO C 563 2.38 -39.58 -1.19
N GLU D 6 3.42 4.13 -5.58
CA GLU D 6 3.77 5.57 -5.58
C GLU D 6 4.13 6.00 -4.15
N LYS D 7 5.38 6.44 -3.97
CA LYS D 7 5.86 6.84 -2.65
C LYS D 7 5.27 8.21 -2.29
N GLY D 8 4.74 8.28 -1.06
CA GLY D 8 4.13 9.50 -0.54
C GLY D 8 2.93 9.15 0.34
N LYS D 9 2.24 10.18 0.84
CA LYS D 9 1.11 9.99 1.72
C LYS D 9 -0.15 9.75 0.89
N PRO D 10 -0.83 8.58 1.06
CA PRO D 10 -2.04 8.27 0.28
C PRO D 10 -3.11 9.35 0.15
N LEU D 11 -3.39 10.07 1.26
CA LEU D 11 -4.48 11.03 1.30
C LEU D 11 -4.21 12.18 0.34
N MET D 12 -2.92 12.47 0.11
CA MET D 12 -2.47 13.55 -0.74
C MET D 12 -2.45 13.10 -2.20
N LEU D 13 -2.00 11.86 -2.43
CA LEU D 13 -1.82 11.34 -3.78
C LEU D 13 -3.14 10.92 -4.42
N ASN D 14 -4.13 10.56 -3.58
CA ASN D 14 -5.42 10.09 -4.06
C ASN D 14 -6.32 11.29 -4.38
N PRO D 15 -6.66 11.55 -5.66
CA PRO D 15 -7.51 12.69 -6.00
C PRO D 15 -8.87 12.70 -5.32
N ARG D 16 -9.33 11.53 -4.86
CA ARG D 16 -10.62 11.42 -4.21
C ARG D 16 -10.61 12.08 -2.83
N THR D 17 -9.45 12.08 -2.15
CA THR D 17 -9.34 12.60 -0.79
C THR D 17 -8.47 13.87 -0.74
N ASN D 18 -7.66 14.09 -1.78
CA ASN D 18 -6.68 15.19 -1.79
C ASN D 18 -7.40 16.54 -1.72
N LYS D 19 -6.94 17.40 -0.81
CA LYS D 19 -7.46 18.75 -0.63
C LYS D 19 -6.44 19.81 -1.06
N GLY D 20 -5.20 19.38 -1.35
CA GLY D 20 -4.12 20.29 -1.73
C GLY D 20 -3.86 21.32 -0.64
N MET D 21 -3.85 22.60 -1.01
CA MET D 21 -3.52 23.65 -0.07
C MET D 21 -4.66 23.92 0.91
N ALA D 22 -5.79 23.24 0.75
CA ALA D 22 -6.89 23.37 1.71
C ALA D 22 -6.74 22.39 2.88
N PHE D 23 -5.73 21.51 2.85
CA PHE D 23 -5.35 20.78 4.05
C PHE D 23 -5.00 21.81 5.13
N THR D 24 -5.56 21.65 6.34
CA THR D 24 -5.33 22.59 7.42
C THR D 24 -3.94 22.34 8.00
N LEU D 25 -3.48 23.29 8.84
CA LEU D 25 -2.18 23.18 9.47
C LEU D 25 -2.10 21.90 10.31
N GLN D 26 -3.13 21.69 11.13
CA GLN D 26 -3.20 20.52 12.00
C GLN D 26 -3.27 19.23 11.17
N GLU D 27 -4.05 19.23 10.09
CA GLU D 27 -4.16 18.06 9.21
C GLU D 27 -2.77 17.73 8.67
N ARG D 28 -2.07 18.73 8.14
CA ARG D 28 -0.77 18.54 7.54
C ARG D 28 0.21 17.92 8.53
N GLN D 29 0.24 18.44 9.75
CA GLN D 29 1.19 18.00 10.74
C GLN D 29 0.92 16.56 11.16
N MET D 30 -0.34 16.26 11.52
CA MET D 30 -0.69 14.94 12.01
C MET D 30 -0.62 13.88 10.91
N LEU D 31 -0.88 14.25 9.65
CA LEU D 31 -0.93 13.30 8.55
C LEU D 31 0.42 13.18 7.83
N GLY D 32 1.43 13.94 8.28
CA GLY D 32 2.76 13.85 7.73
C GLY D 32 2.89 14.55 6.37
N LEU D 33 2.13 15.63 6.19
CA LEU D 33 2.15 16.43 4.96
C LEU D 33 2.91 17.73 5.14
N GLN D 34 3.30 18.06 6.38
CA GLN D 34 3.94 19.34 6.66
C GLN D 34 5.22 19.44 5.83
N GLY D 35 5.33 20.51 5.05
CA GLY D 35 6.50 20.75 4.21
C GLY D 35 6.33 20.24 2.77
N LEU D 36 5.28 19.42 2.52
CA LEU D 36 5.02 18.90 1.19
C LEU D 36 4.09 19.84 0.43
N LEU D 37 3.59 20.86 1.13
CA LEU D 37 2.77 21.90 0.54
C LEU D 37 3.36 23.24 0.95
N PRO D 38 3.12 24.32 0.17
CA PRO D 38 3.62 25.65 0.55
C PRO D 38 2.95 26.15 1.83
N PRO D 39 3.62 27.06 2.58
CA PRO D 39 3.15 27.46 3.91
C PRO D 39 2.03 28.50 3.87
N LYS D 40 0.90 28.08 3.30
CA LYS D 40 -0.30 28.88 3.13
C LYS D 40 -1.48 27.91 3.24
N ILE D 41 -2.42 28.21 4.13
CA ILE D 41 -3.64 27.42 4.26
C ILE D 41 -4.75 28.13 3.48
N GLU D 42 -5.36 27.42 2.52
CA GLU D 42 -6.41 27.99 1.70
C GLU D 42 -7.72 27.28 1.98
N THR D 43 -8.81 27.80 1.40
CA THR D 43 -10.10 27.14 1.40
C THR D 43 -10.40 26.70 -0.04
N GLN D 44 -11.43 25.87 -0.20
CA GLN D 44 -11.89 25.48 -1.52
C GLN D 44 -12.31 26.73 -2.32
N ASP D 45 -12.89 27.72 -1.63
CA ASP D 45 -13.31 28.96 -2.26
C ASP D 45 -12.15 29.65 -2.98
N ILE D 46 -10.98 29.69 -2.31
CA ILE D 46 -9.79 30.35 -2.86
C ILE D 46 -9.24 29.55 -4.03
N GLN D 47 -9.15 28.23 -3.88
CA GLN D 47 -8.67 27.36 -4.94
C GLN D 47 -9.52 27.54 -6.20
N ALA D 48 -10.84 27.65 -6.01
CA ALA D 48 -11.78 27.77 -7.11
C ALA D 48 -11.58 29.11 -7.82
N LEU D 49 -11.46 30.19 -7.06
CA LEU D 49 -11.22 31.51 -7.63
C LEU D 49 -9.94 31.50 -8.46
N ARG D 50 -8.89 30.81 -7.99
CA ARG D 50 -7.62 30.75 -8.70
C ARG D 50 -7.85 30.10 -10.07
N PHE D 51 -8.58 28.97 -10.07
CA PHE D 51 -8.84 28.23 -11.28
C PHE D 51 -9.62 29.08 -12.28
N HIS D 52 -10.66 29.78 -11.79
CA HIS D 52 -11.53 30.57 -12.63
C HIS D 52 -10.70 31.66 -13.31
N ARG D 53 -9.81 32.29 -12.55
CA ARG D 53 -8.91 33.32 -13.07
C ARG D 53 -8.00 32.72 -14.16
N ASN D 54 -7.41 31.55 -13.89
CA ASN D 54 -6.49 30.93 -14.82
C ASN D 54 -7.20 30.47 -16.09
N LEU D 55 -8.51 30.21 -15.99
CA LEU D 55 -9.29 29.77 -17.13
C LEU D 55 -9.68 30.98 -17.99
N LYS D 56 -10.17 32.05 -17.33
CA LYS D 56 -10.51 33.29 -18.01
C LYS D 56 -9.31 33.86 -18.76
N LYS D 57 -8.09 33.52 -18.29
CA LYS D 57 -6.85 33.86 -18.98
C LYS D 57 -6.45 32.73 -19.93
N MET D 58 -7.43 32.09 -20.56
CA MET D 58 -7.20 31.10 -21.61
C MET D 58 -8.28 31.27 -22.67
N THR D 59 -7.99 30.87 -23.90
CA THR D 59 -8.78 31.29 -25.06
C THR D 59 -9.36 30.09 -25.80
N SER D 60 -8.53 29.07 -26.08
CA SER D 60 -8.94 27.93 -26.87
C SER D 60 -9.84 27.00 -26.05
N PRO D 61 -11.06 26.66 -26.53
CA PRO D 61 -11.88 25.63 -25.88
C PRO D 61 -11.15 24.32 -25.61
N LEU D 62 -10.28 23.92 -26.55
CA LEU D 62 -9.50 22.70 -26.41
C LEU D 62 -8.52 22.81 -25.23
N GLU D 63 -7.85 23.97 -25.13
CA GLU D 63 -6.88 24.19 -24.07
C GLU D 63 -7.59 24.32 -22.72
N LYS D 64 -8.82 24.83 -22.72
CA LYS D 64 -9.64 24.84 -21.52
C LYS D 64 -9.97 23.41 -21.10
N TYR D 65 -10.39 22.58 -22.08
CA TYR D 65 -10.73 21.19 -21.82
C TYR D 65 -9.56 20.48 -21.14
N ILE D 66 -8.38 20.59 -21.75
CA ILE D 66 -7.17 19.93 -21.26
C ILE D 66 -6.91 20.34 -19.81
N TYR D 67 -7.02 21.64 -19.53
CA TYR D 67 -6.68 22.16 -18.22
C TYR D 67 -7.72 21.71 -17.18
N ILE D 68 -9.00 21.81 -17.51
CA ILE D 68 -10.07 21.45 -16.58
C ILE D 68 -9.98 19.97 -16.25
N MET D 69 -9.84 19.12 -17.27
CA MET D 69 -9.86 17.68 -17.08
C MET D 69 -8.62 17.22 -16.29
N GLY D 70 -7.53 17.99 -16.37
CA GLY D 70 -6.36 17.74 -15.56
C GLY D 70 -6.66 17.80 -14.06
N ILE D 71 -7.62 18.63 -13.67
CA ILE D 71 -7.98 18.81 -12.26
C ILE D 71 -8.62 17.52 -11.75
N GLN D 72 -9.38 16.83 -12.62
CA GLN D 72 -10.09 15.62 -12.23
C GLN D 72 -9.12 14.56 -11.72
N GLU D 73 -7.90 14.52 -12.28
CA GLU D 73 -6.88 13.55 -11.89
C GLU D 73 -6.06 14.01 -10.69
N ARG D 74 -6.33 15.21 -10.15
CA ARG D 74 -5.55 15.74 -9.04
C ARG D 74 -6.38 15.90 -7.76
N ASN D 75 -7.57 16.49 -7.90
CA ASN D 75 -8.39 16.89 -6.78
C ASN D 75 -9.85 16.83 -7.23
N GLU D 76 -10.53 15.73 -6.89
CA GLU D 76 -11.85 15.43 -7.42
C GLU D 76 -12.87 16.48 -6.98
N LYS D 77 -12.83 16.81 -5.68
CA LYS D 77 -13.80 17.75 -5.12
C LYS D 77 -13.64 19.12 -5.76
N LEU D 78 -12.39 19.57 -5.96
CA LEU D 78 -12.14 20.85 -6.58
C LEU D 78 -12.67 20.85 -8.02
N PHE D 79 -12.42 19.76 -8.76
CA PHE D 79 -12.87 19.63 -10.13
C PHE D 79 -14.39 19.85 -10.22
N TYR D 80 -15.16 19.19 -9.35
CA TYR D 80 -16.62 19.23 -9.42
C TYR D 80 -17.13 20.57 -8.91
N ARG D 81 -16.49 21.13 -7.89
CA ARG D 81 -16.79 22.47 -7.42
C ARG D 81 -16.74 23.47 -8.59
N ILE D 82 -15.65 23.37 -9.37
CA ILE D 82 -15.40 24.28 -10.47
C ILE D 82 -16.45 24.12 -11.57
N LEU D 83 -16.82 22.88 -11.87
CA LEU D 83 -17.87 22.58 -12.85
C LEU D 83 -19.19 23.21 -12.40
N GLN D 84 -19.55 22.99 -11.14
CA GLN D 84 -20.81 23.44 -10.59
C GLN D 84 -20.88 24.96 -10.58
N ASP D 85 -19.76 25.60 -10.22
CA ASP D 85 -19.65 27.06 -10.17
C ASP D 85 -20.03 27.71 -11.49
N ASP D 86 -19.62 27.08 -12.61
CA ASP D 86 -19.69 27.71 -13.93
C ASP D 86 -20.30 26.73 -14.93
N ILE D 87 -21.41 26.10 -14.55
CA ILE D 87 -21.87 24.91 -15.22
C ILE D 87 -22.36 25.20 -16.63
N GLU D 88 -23.05 26.33 -16.85
CA GLU D 88 -23.58 26.66 -18.16
C GLU D 88 -22.45 26.85 -19.17
N SER D 89 -21.36 27.53 -18.77
CA SER D 89 -20.26 27.79 -19.68
C SER D 89 -19.36 26.57 -19.86
N LEU D 90 -19.26 25.70 -18.85
CA LEU D 90 -18.29 24.62 -18.87
C LEU D 90 -18.87 23.33 -19.43
N MET D 91 -20.20 23.16 -19.41
CA MET D 91 -20.80 21.95 -19.95
C MET D 91 -20.37 21.76 -21.42
N PRO D 92 -20.40 22.81 -22.28
CA PRO D 92 -19.92 22.69 -23.67
C PRO D 92 -18.42 22.43 -23.85
N ILE D 93 -17.64 22.61 -22.78
CA ILE D 93 -16.20 22.34 -22.81
C ILE D 93 -15.95 20.87 -22.43
N VAL D 94 -16.55 20.42 -21.32
CA VAL D 94 -16.27 19.08 -20.81
C VAL D 94 -17.06 18.04 -21.61
N TYR D 95 -18.17 18.45 -22.23
CA TYR D 95 -18.94 17.55 -23.07
C TYR D 95 -19.07 18.15 -24.48
N THR D 96 -20.13 17.77 -25.20
CA THR D 96 -20.32 18.17 -26.59
C THR D 96 -20.49 19.69 -26.66
N PRO D 97 -19.91 20.40 -27.65
CA PRO D 97 -19.11 19.81 -28.74
C PRO D 97 -17.59 19.72 -28.65
N THR D 98 -17.00 20.15 -27.54
CA THR D 98 -15.54 20.27 -27.43
C THR D 98 -14.88 18.90 -27.28
N VAL D 99 -15.50 18.01 -26.50
CA VAL D 99 -14.86 16.80 -26.02
C VAL D 99 -14.45 15.91 -27.19
N GLY D 100 -15.30 15.84 -28.22
CA GLY D 100 -15.03 15.02 -29.40
C GLY D 100 -13.76 15.45 -30.13
N LEU D 101 -13.44 16.75 -30.08
CA LEU D 101 -12.29 17.30 -30.78
C LEU D 101 -10.98 16.96 -30.06
N ALA D 102 -11.02 16.85 -28.72
CA ALA D 102 -9.84 16.79 -27.88
C ALA D 102 -8.95 15.58 -28.20
N CSX D 103 -9.55 14.38 -28.24
CA CSX D 103 -8.80 13.16 -28.49
CB CSX D 103 -9.68 11.91 -28.46
SG CSX D 103 -10.01 11.32 -26.79
C CSX D 103 -8.11 13.19 -29.85
O CSX D 103 -6.91 12.94 -29.95
OD CSX D 103 -8.68 11.17 -26.11
N SER D 104 -8.90 13.47 -30.90
CA SER D 104 -8.41 13.43 -32.27
C SER D 104 -7.22 14.37 -32.46
N GLN D 105 -7.20 15.47 -31.70
CA GLN D 105 -6.23 16.53 -31.93
C GLN D 105 -5.02 16.39 -30.99
N TYR D 106 -5.25 15.96 -29.74
CA TYR D 106 -4.20 15.91 -28.74
C TYR D 106 -3.88 14.47 -28.32
N GLY D 107 -4.87 13.58 -28.36
CA GLY D 107 -4.72 12.27 -27.76
C GLY D 107 -4.75 12.40 -26.23
N HIS D 108 -4.02 11.53 -25.53
CA HIS D 108 -3.97 11.55 -24.07
C HIS D 108 -2.66 10.91 -23.62
N ILE D 109 -2.11 11.43 -22.51
CA ILE D 109 -0.98 10.81 -21.82
C ILE D 109 -1.53 10.20 -20.53
N PHE D 110 -1.43 8.87 -20.42
CA PHE D 110 -2.13 8.13 -19.38
C PHE D 110 -1.32 8.11 -18.09
N ARG D 111 -2.05 8.26 -16.98
CA ARG D 111 -1.60 7.81 -15.66
C ARG D 111 -2.74 7.01 -15.05
N ARG D 112 -3.73 7.71 -14.48
CA ARG D 112 -4.93 7.06 -13.96
C ARG D 112 -5.79 6.56 -15.11
N PRO D 113 -6.51 5.43 -14.96
CA PRO D 113 -7.48 4.99 -15.97
C PRO D 113 -8.59 6.03 -16.12
N LYS D 114 -9.04 6.23 -17.36
CA LYS D 114 -10.17 7.10 -17.67
C LYS D 114 -11.48 6.30 -17.70
N GLY D 115 -11.34 4.98 -17.80
CA GLY D 115 -12.48 4.09 -17.91
C GLY D 115 -12.03 2.78 -18.55
N LEU D 116 -12.98 1.92 -18.90
CA LEU D 116 -12.67 0.62 -19.46
C LEU D 116 -12.66 0.69 -20.98
N PHE D 117 -11.66 0.03 -21.57
CA PHE D 117 -11.58 -0.25 -22.99
C PHE D 117 -11.78 -1.74 -23.21
N ILE D 118 -12.82 -2.09 -23.96
CA ILE D 118 -13.14 -3.47 -24.29
C ILE D 118 -13.11 -3.61 -25.80
N SER D 119 -12.16 -4.42 -26.31
CA SER D 119 -11.99 -4.55 -27.74
C SER D 119 -12.51 -5.91 -28.20
N ILE D 120 -12.74 -6.03 -29.52
CA ILE D 120 -13.17 -7.29 -30.12
C ILE D 120 -12.07 -8.34 -29.95
N SER D 121 -10.81 -7.90 -29.80
CA SER D 121 -9.70 -8.82 -29.57
C SER D 121 -9.76 -9.43 -28.18
N ASP D 122 -10.61 -8.87 -27.29
CA ASP D 122 -10.76 -9.36 -25.93
C ASP D 122 -11.98 -10.25 -25.78
N ARG D 123 -12.63 -10.61 -26.90
CA ARG D 123 -13.80 -11.47 -26.87
CA ARG D 123 -13.80 -11.47 -26.85
C ARG D 123 -13.45 -12.75 -26.09
N GLY D 124 -14.36 -13.15 -25.20
CA GLY D 124 -14.15 -14.31 -24.34
C GLY D 124 -13.50 -13.94 -23.00
N HIS D 125 -12.99 -12.72 -22.87
CA HIS D 125 -12.20 -12.33 -21.71
C HIS D 125 -12.70 -11.01 -21.13
N VAL D 126 -13.96 -10.67 -21.39
CA VAL D 126 -14.48 -9.35 -21.02
C VAL D 126 -14.59 -9.25 -19.50
N ARG D 127 -14.98 -10.35 -18.84
CA ARG D 127 -15.13 -10.34 -17.39
C ARG D 127 -13.81 -10.00 -16.70
N SER D 128 -12.67 -10.47 -17.24
CA SER D 128 -11.37 -10.21 -16.67
CA SER D 128 -11.39 -10.20 -16.62
C SER D 128 -11.04 -8.72 -16.72
N ILE D 129 -11.52 -8.05 -17.78
CA ILE D 129 -11.32 -6.61 -17.93
C ILE D 129 -12.19 -5.85 -16.93
N VAL D 130 -13.46 -6.24 -16.81
CA VAL D 130 -14.35 -5.60 -15.85
C VAL D 130 -13.79 -5.74 -14.44
N ASP D 131 -13.15 -6.88 -14.15
CA ASP D 131 -12.60 -7.14 -12.83
C ASP D 131 -11.36 -6.30 -12.54
N ASN D 132 -10.75 -5.70 -13.57
CA ASN D 132 -9.61 -4.82 -13.39
C ASN D 132 -10.02 -3.41 -13.00
N TRP D 133 -11.29 -3.05 -13.14
CA TRP D 133 -11.74 -1.74 -12.68
C TRP D 133 -11.64 -1.69 -11.15
N PRO D 134 -10.91 -0.70 -10.59
CA PRO D 134 -10.64 -0.69 -9.14
C PRO D 134 -11.80 -0.39 -8.18
N GLU D 135 -12.92 0.14 -8.68
CA GLU D 135 -14.05 0.51 -7.83
C GLU D 135 -15.03 -0.65 -7.75
N ASN D 136 -15.58 -0.89 -6.55
CA ASN D 136 -16.35 -2.10 -6.30
C ASN D 136 -17.86 -1.89 -6.37
N HIS D 137 -18.34 -0.64 -6.43
CA HIS D 137 -19.76 -0.36 -6.29
C HIS D 137 -20.30 0.54 -7.39
N VAL D 138 -20.04 0.19 -8.66
CA VAL D 138 -20.50 0.97 -9.79
C VAL D 138 -22.02 0.92 -9.88
N LYS D 139 -22.62 2.10 -10.13
CA LYS D 139 -24.06 2.27 -10.28
C LYS D 139 -24.43 2.81 -11.66
N ALA D 140 -23.52 3.54 -12.32
CA ALA D 140 -23.83 4.20 -13.59
C ALA D 140 -22.72 3.93 -14.61
N VAL D 141 -23.08 3.26 -15.70
CA VAL D 141 -22.19 2.98 -16.82
C VAL D 141 -22.67 3.76 -18.03
N VAL D 142 -21.75 4.48 -18.72
CA VAL D 142 -22.03 5.05 -20.03
C VAL D 142 -21.07 4.40 -21.03
N VAL D 143 -21.63 3.82 -22.10
CA VAL D 143 -20.87 3.02 -23.06
C VAL D 143 -21.09 3.56 -24.47
N THR D 144 -20.00 3.64 -25.26
CA THR D 144 -20.05 3.99 -26.68
C THR D 144 -19.17 3.00 -27.46
N ASP D 145 -19.42 2.90 -28.77
CA ASP D 145 -18.51 2.23 -29.70
C ASP D 145 -17.85 3.24 -30.64
N GLY D 146 -18.14 4.52 -30.45
CA GLY D 146 -17.48 5.59 -31.19
C GLY D 146 -17.96 5.71 -32.64
N GLU D 147 -19.05 5.02 -33.01
CA GLU D 147 -19.43 4.95 -34.41
C GLU D 147 -20.09 6.25 -34.86
N ARG D 148 -20.89 6.88 -33.99
CA ARG D 148 -21.68 8.03 -34.39
C ARG D 148 -21.55 9.13 -33.34
N ILE D 149 -20.37 9.74 -33.26
CA ILE D 149 -20.13 10.82 -32.32
C ILE D 149 -20.89 12.04 -32.83
N LEU D 150 -21.81 12.54 -31.98
CA LEU D 150 -22.68 13.64 -32.35
C LEU D 150 -21.85 14.79 -32.93
N GLY D 151 -21.92 14.94 -34.26
CA GLY D 151 -21.30 16.07 -34.93
C GLY D 151 -20.03 15.71 -35.69
N LEU D 152 -19.44 14.52 -35.42
CA LEU D 152 -18.12 14.20 -35.96
C LEU D 152 -18.09 12.84 -36.67
N GLY D 153 -19.09 11.98 -36.44
CA GLY D 153 -19.15 10.68 -37.10
C GLY D 153 -18.29 9.64 -36.39
N ASP D 154 -17.59 8.82 -37.17
CA ASP D 154 -16.90 7.64 -36.66
C ASP D 154 -15.49 8.00 -36.21
N LEU D 155 -15.28 8.08 -34.89
CA LEU D 155 -13.99 8.44 -34.33
C LEU D 155 -13.36 7.25 -33.58
N GLY D 156 -13.99 6.07 -33.65
CA GLY D 156 -13.49 4.90 -32.95
C GLY D 156 -13.17 5.21 -31.49
N VAL D 157 -11.97 4.81 -31.06
CA VAL D 157 -11.53 4.95 -29.68
C VAL D 157 -11.32 6.42 -29.32
N TYR D 158 -11.19 7.30 -30.33
CA TYR D 158 -11.03 8.73 -30.07
C TYR D 158 -12.32 9.34 -29.51
N GLY D 159 -13.34 8.51 -29.23
N GLY D 159 -13.37 8.53 -29.33
CA GLY D 159 -14.58 8.98 -28.63
CA GLY D 159 -14.58 8.98 -28.67
C GLY D 159 -14.86 8.39 -27.24
C GLY D 159 -14.58 8.62 -27.18
N MET D 160 -13.82 7.94 -26.53
N MET D 160 -13.44 8.10 -26.70
CA MET D 160 -13.96 7.55 -25.13
CA MET D 160 -13.31 7.68 -25.31
C MET D 160 -14.18 8.79 -24.28
C MET D 160 -13.74 8.82 -24.39
N GLY D 161 -13.70 9.95 -24.77
N GLY D 161 -13.70 10.04 -24.92
CA GLY D 161 -13.95 11.22 -24.12
CA GLY D 161 -13.95 11.24 -24.12
C GLY D 161 -15.43 11.47 -23.86
C GLY D 161 -15.43 11.46 -23.86
N ILE D 162 -16.30 10.92 -24.72
CA ILE D 162 -17.73 11.16 -24.64
C ILE D 162 -18.31 10.54 -23.37
N PRO D 163 -18.15 9.21 -23.09
CA PRO D 163 -18.60 8.67 -21.81
C PRO D 163 -18.04 9.39 -20.58
N VAL D 164 -16.75 9.77 -20.65
CA VAL D 164 -16.09 10.49 -19.55
C VAL D 164 -16.84 11.78 -19.26
N GLY D 165 -17.05 12.59 -20.30
CA GLY D 165 -17.70 13.88 -20.15
C GLY D 165 -19.16 13.76 -19.72
N LYS D 166 -19.85 12.75 -20.28
CA LYS D 166 -21.23 12.48 -19.92
C LYS D 166 -21.32 12.24 -18.40
N LEU D 167 -20.44 11.38 -17.88
CA LEU D 167 -20.50 11.01 -16.48
C LEU D 167 -20.07 12.18 -15.58
N CYS D 168 -19.20 13.06 -16.07
CA CYS D 168 -18.92 14.30 -15.35
C CYS D 168 -20.21 15.08 -15.09
N LEU D 169 -21.17 15.03 -16.04
CA LEU D 169 -22.43 15.75 -15.92
C LEU D 169 -23.42 14.99 -15.04
N TYR D 170 -23.33 13.66 -15.01
CA TYR D 170 -24.08 12.88 -14.04
C TYR D 170 -23.80 13.40 -12.63
N THR D 171 -22.50 13.61 -12.34
CA THR D 171 -22.08 14.01 -11.01
C THR D 171 -22.42 15.49 -10.78
N ALA D 172 -21.98 16.36 -11.69
CA ALA D 172 -22.09 17.79 -11.49
C ALA D 172 -23.56 18.23 -11.43
N CYS D 173 -24.42 17.57 -12.21
CA CYS D 173 -25.79 18.03 -12.36
C CYS D 173 -26.73 17.36 -11.34
N ALA D 174 -26.50 16.09 -11.02
CA ALA D 174 -27.46 15.33 -10.22
C ALA D 174 -26.84 14.74 -8.96
N GLY D 175 -25.54 14.95 -8.74
CA GLY D 175 -24.89 14.48 -7.51
C GLY D 175 -24.79 12.96 -7.46
N ILE D 176 -24.65 12.31 -8.63
CA ILE D 176 -24.31 10.90 -8.66
C ILE D 176 -22.84 10.77 -8.27
N ARG D 177 -22.55 9.86 -7.33
CA ARG D 177 -21.21 9.73 -6.77
C ARG D 177 -20.21 9.38 -7.86
N PRO D 178 -19.12 10.17 -8.02
CA PRO D 178 -18.15 9.93 -9.09
C PRO D 178 -17.45 8.57 -9.00
N ASP D 179 -17.24 8.05 -7.77
CA ASP D 179 -16.60 6.76 -7.61
C ASP D 179 -17.51 5.61 -8.06
N ARG D 180 -18.80 5.91 -8.31
CA ARG D 180 -19.75 4.89 -8.76
C ARG D 180 -20.07 5.03 -10.24
N CYS D 181 -19.27 5.82 -10.98
CA CYS D 181 -19.45 6.05 -12.40
C CYS D 181 -18.35 5.32 -13.19
N LEU D 182 -18.75 4.67 -14.30
CA LEU D 182 -17.82 3.86 -15.10
C LEU D 182 -17.99 4.17 -16.58
N PRO D 183 -17.07 4.95 -17.19
CA PRO D 183 -17.05 5.15 -18.65
C PRO D 183 -16.48 3.92 -19.36
N VAL D 184 -17.09 3.56 -20.50
CA VAL D 184 -16.70 2.36 -21.24
C VAL D 184 -16.66 2.71 -22.72
N CYS D 185 -15.54 2.35 -23.36
CA CYS D 185 -15.39 2.43 -24.80
C CYS D 185 -15.21 1.03 -25.35
N ILE D 186 -16.08 0.64 -26.30
CA ILE D 186 -15.98 -0.64 -26.97
C ILE D 186 -15.35 -0.42 -28.35
N ASP D 187 -14.24 -1.11 -28.60
CA ASP D 187 -13.47 -0.93 -29.82
C ASP D 187 -13.58 -2.20 -30.67
N VAL D 188 -14.32 -2.11 -31.77
CA VAL D 188 -14.44 -3.20 -32.73
C VAL D 188 -13.83 -2.76 -34.06
N GLY D 189 -13.00 -1.70 -34.03
CA GLY D 189 -12.45 -1.10 -35.23
C GLY D 189 -13.13 0.22 -35.55
N THR D 190 -12.68 0.85 -36.64
CA THR D 190 -13.24 2.08 -37.15
C THR D 190 -13.25 2.01 -38.67
N ASP D 191 -14.23 2.69 -39.28
CA ASP D 191 -14.31 2.81 -40.72
C ASP D 191 -13.77 4.17 -41.17
N ASN D 192 -13.20 4.93 -40.23
CA ASN D 192 -12.57 6.20 -40.53
C ASN D 192 -11.17 5.95 -41.11
N ILE D 193 -11.04 6.16 -42.43
CA ILE D 193 -9.80 5.85 -43.15
C ILE D 193 -8.64 6.69 -42.63
N ALA D 194 -8.91 7.94 -42.22
CA ALA D 194 -7.88 8.81 -41.70
C ALA D 194 -7.27 8.21 -40.43
N LEU D 195 -8.11 7.58 -39.59
CA LEU D 195 -7.63 7.00 -38.35
C LEU D 195 -6.85 5.72 -38.64
N LEU D 196 -7.32 4.94 -39.61
CA LEU D 196 -6.68 3.67 -39.93
C LEU D 196 -5.26 3.90 -40.47
N LYS D 197 -4.96 5.11 -40.96
CA LYS D 197 -3.65 5.41 -41.52
C LYS D 197 -2.83 6.29 -40.57
N ASP D 198 -3.36 6.54 -39.36
CA ASP D 198 -2.76 7.48 -38.42
C ASP D 198 -1.89 6.72 -37.43
N PRO D 199 -0.55 6.92 -37.41
CA PRO D 199 0.31 6.24 -36.44
C PRO D 199 0.05 6.60 -34.99
N PHE D 200 -0.71 7.68 -34.74
CA PHE D 200 -1.02 8.14 -33.40
C PHE D 200 -2.41 7.71 -32.95
N TYR D 201 -3.14 6.98 -33.80
CA TYR D 201 -4.46 6.47 -33.43
C TYR D 201 -4.28 5.48 -32.28
N MET D 202 -5.25 5.45 -31.34
CA MET D 202 -5.09 4.73 -30.09
C MET D 202 -5.96 3.48 -30.04
N GLY D 203 -6.52 3.06 -31.18
CA GLY D 203 -7.40 1.90 -31.22
C GLY D 203 -6.87 0.81 -32.14
N LEU D 204 -7.70 -0.22 -32.38
CA LEU D 204 -7.37 -1.33 -33.26
C LEU D 204 -7.34 -0.85 -34.71
N TYR D 205 -6.34 -1.30 -35.47
CA TYR D 205 -6.22 -0.91 -36.87
C TYR D 205 -6.98 -1.94 -37.72
N GLN D 206 -8.30 -1.85 -37.69
CA GLN D 206 -9.16 -2.68 -38.52
C GLN D 206 -10.48 -1.94 -38.74
N LYS D 207 -11.14 -2.27 -39.85
CA LYS D 207 -12.50 -1.83 -40.11
C LYS D 207 -13.42 -2.41 -39.03
N ARG D 208 -14.59 -1.81 -38.86
CA ARG D 208 -15.53 -2.25 -37.85
C ARG D 208 -15.99 -3.68 -38.15
N ASP D 209 -15.90 -4.55 -37.13
CA ASP D 209 -16.47 -5.88 -37.20
C ASP D 209 -17.99 -5.76 -37.14
N ARG D 210 -18.66 -6.26 -38.19
CA ARG D 210 -20.11 -6.19 -38.29
C ARG D 210 -20.70 -7.60 -38.38
N THR D 211 -19.92 -8.61 -37.96
CA THR D 211 -20.37 -9.99 -37.96
C THR D 211 -21.14 -10.24 -36.67
N GLN D 212 -21.54 -11.49 -36.46
CA GLN D 212 -22.17 -11.92 -35.23
C GLN D 212 -21.25 -11.67 -34.03
N GLN D 213 -19.93 -11.60 -34.26
CA GLN D 213 -18.98 -11.36 -33.19
C GLN D 213 -19.24 -10.03 -32.49
N TYR D 214 -19.77 -9.04 -33.23
CA TYR D 214 -20.08 -7.75 -32.66
C TYR D 214 -21.21 -7.89 -31.63
N ASP D 215 -22.32 -8.50 -32.05
CA ASP D 215 -23.46 -8.74 -31.18
C ASP D 215 -23.06 -9.53 -29.95
N ASP D 216 -22.21 -10.55 -30.14
CA ASP D 216 -21.76 -11.41 -29.06
C ASP D 216 -20.95 -10.61 -28.04
N LEU D 217 -20.09 -9.70 -28.50
CA LEU D 217 -19.25 -8.91 -27.62
C LEU D 217 -20.10 -7.98 -26.76
N ILE D 218 -21.12 -7.36 -27.35
CA ILE D 218 -21.98 -6.45 -26.61
C ILE D 218 -22.73 -7.25 -25.54
N ASP D 219 -23.25 -8.44 -25.91
CA ASP D 219 -23.90 -9.34 -24.97
C ASP D 219 -22.97 -9.70 -23.81
N GLU D 220 -21.73 -10.05 -24.14
CA GLU D 220 -20.74 -10.43 -23.14
C GLU D 220 -20.48 -9.26 -22.18
N PHE D 221 -20.44 -8.05 -22.73
CA PHE D 221 -20.25 -6.84 -21.94
C PHE D 221 -21.39 -6.63 -20.94
N MET D 222 -22.64 -6.76 -21.41
CA MET D 222 -23.80 -6.52 -20.57
C MET D 222 -23.81 -7.52 -19.41
N LYS D 223 -23.49 -8.77 -19.71
CA LYS D 223 -23.45 -9.83 -18.72
C LYS D 223 -22.32 -9.60 -17.72
N ALA D 224 -21.12 -9.24 -18.20
CA ALA D 224 -19.96 -9.04 -17.33
C ALA D 224 -20.21 -7.90 -16.35
N ILE D 225 -20.76 -6.79 -16.83
CA ILE D 225 -21.03 -5.62 -15.99
C ILE D 225 -22.02 -6.00 -14.89
N THR D 226 -23.11 -6.67 -15.24
CA THR D 226 -24.16 -6.97 -14.28
C THR D 226 -23.77 -8.13 -13.38
N ASP D 227 -22.94 -9.06 -13.87
CA ASP D 227 -22.38 -10.12 -13.03
C ASP D 227 -21.60 -9.51 -11.87
N ARG D 228 -20.74 -8.52 -12.15
CA ARG D 228 -19.90 -7.95 -11.12
C ARG D 228 -20.71 -7.01 -10.23
N TYR D 229 -21.51 -6.12 -10.83
CA TYR D 229 -22.05 -4.98 -10.09
C TYR D 229 -23.52 -5.14 -9.75
N GLY D 230 -24.22 -6.10 -10.37
CA GLY D 230 -25.63 -6.33 -10.08
C GLY D 230 -26.52 -6.06 -11.29
N ARG D 231 -27.68 -6.73 -11.34
CA ARG D 231 -28.60 -6.62 -12.46
C ARG D 231 -29.23 -5.24 -12.57
N ASN D 232 -29.23 -4.44 -11.49
CA ASN D 232 -29.86 -3.14 -11.51
C ASN D 232 -28.87 -2.04 -11.93
N THR D 233 -27.63 -2.40 -12.30
CA THR D 233 -26.66 -1.41 -12.71
C THR D 233 -27.18 -0.69 -13.96
N LEU D 234 -27.21 0.65 -13.88
CA LEU D 234 -27.69 1.46 -14.97
C LEU D 234 -26.65 1.48 -16.09
N ILE D 235 -27.07 1.07 -17.30
CA ILE D 235 -26.19 1.04 -18.45
C ILE D 235 -26.80 1.91 -19.55
N GLN D 236 -26.14 3.03 -19.86
CA GLN D 236 -26.65 3.98 -20.83
C GLN D 236 -25.79 3.95 -22.10
N PHE D 237 -26.44 3.73 -23.24
CA PHE D 237 -25.82 3.66 -24.56
C PHE D 237 -25.75 5.05 -25.16
N GLU D 238 -24.59 5.35 -25.74
CA GLU D 238 -24.36 6.69 -26.30
C GLU D 238 -23.53 6.64 -27.59
N ASP D 239 -23.99 7.30 -28.64
CA ASP D 239 -23.24 7.53 -29.88
C ASP D 239 -22.94 6.22 -30.62
N PHE D 240 -23.88 5.27 -30.55
CA PHE D 240 -23.93 4.14 -31.46
C PHE D 240 -24.57 4.60 -32.78
N GLY D 241 -24.27 3.87 -33.87
CA GLY D 241 -24.94 4.09 -35.14
C GLY D 241 -26.43 3.74 -35.01
N ASN D 242 -27.26 4.35 -35.84
CA ASN D 242 -28.71 4.34 -35.67
C ASN D 242 -29.26 2.91 -35.60
N HIS D 243 -28.86 2.06 -36.56
CA HIS D 243 -29.37 0.69 -36.59
C HIS D 243 -29.10 0.00 -35.25
N ASN D 244 -27.84 0.09 -34.77
CA ASN D 244 -27.43 -0.57 -33.54
C ASN D 244 -28.13 0.05 -32.33
N ALA D 245 -28.35 1.38 -32.35
CA ALA D 245 -28.91 2.07 -31.20
C ALA D 245 -30.30 1.57 -30.88
N PHE D 246 -31.19 1.60 -31.89
CA PHE D 246 -32.57 1.18 -31.70
C PHE D 246 -32.65 -0.31 -31.40
N ARG D 247 -31.89 -1.14 -32.12
CA ARG D 247 -32.04 -2.58 -32.01
C ARG D 247 -31.49 -3.05 -30.65
N PHE D 248 -30.48 -2.37 -30.11
CA PHE D 248 -29.93 -2.74 -28.81
C PHE D 248 -30.88 -2.26 -27.69
N LEU D 249 -31.53 -1.11 -27.87
CA LEU D 249 -32.50 -0.64 -26.91
C LEU D 249 -33.65 -1.66 -26.82
N ARG D 250 -34.11 -2.14 -27.98
CA ARG D 250 -35.17 -3.13 -28.03
C ARG D 250 -34.72 -4.44 -27.40
N LYS D 251 -33.49 -4.85 -27.68
CA LYS D 251 -32.97 -6.13 -27.24
C LYS D 251 -32.82 -6.19 -25.72
N TYR D 252 -32.39 -5.09 -25.09
CA TYR D 252 -31.90 -5.15 -23.72
C TYR D 252 -32.82 -4.49 -22.69
N ARG D 253 -33.82 -3.71 -23.13
CA ARG D 253 -34.51 -2.82 -22.20
C ARG D 253 -35.32 -3.59 -21.16
N GLU D 254 -35.79 -4.80 -21.49
CA GLU D 254 -36.57 -5.59 -20.55
C GLU D 254 -35.70 -6.63 -19.85
N LYS D 255 -34.42 -6.74 -20.25
CA LYS D 255 -33.49 -7.70 -19.69
C LYS D 255 -32.54 -7.02 -18.71
N TYR D 256 -32.20 -5.75 -18.96
CA TYR D 256 -31.26 -5.00 -18.16
C TYR D 256 -31.82 -3.62 -17.84
N CYS D 257 -31.12 -2.88 -16.97
CA CYS D 257 -31.47 -1.51 -16.65
C CYS D 257 -30.72 -0.59 -17.60
N THR D 258 -31.36 -0.22 -18.71
CA THR D 258 -30.66 0.43 -19.81
C THR D 258 -31.58 1.44 -20.51
N PHE D 259 -30.96 2.52 -21.00
CA PHE D 259 -31.63 3.47 -21.87
C PHE D 259 -30.61 3.99 -22.87
N ASN D 260 -31.09 4.66 -23.91
CA ASN D 260 -30.27 5.29 -24.93
C ASN D 260 -30.63 6.77 -24.94
N ASP D 261 -29.67 7.61 -24.52
CA ASP D 261 -29.97 9.02 -24.34
C ASP D 261 -30.26 9.69 -25.68
N ASP D 262 -29.61 9.22 -26.75
CA ASP D 262 -29.75 9.83 -28.07
C ASP D 262 -31.18 9.68 -28.58
N ILE D 263 -31.85 8.58 -28.22
CA ILE D 263 -33.21 8.31 -28.63
C ILE D 263 -34.17 8.89 -27.59
N GLN D 264 -34.03 8.43 -26.34
CA GLN D 264 -35.06 8.62 -25.33
C GLN D 264 -34.90 9.97 -24.63
N GLY D 265 -33.66 10.37 -24.39
CA GLY D 265 -33.40 11.68 -23.81
C GLY D 265 -33.83 12.80 -24.76
N THR D 266 -33.45 12.65 -26.04
CA THR D 266 -33.82 13.59 -27.08
C THR D 266 -35.34 13.74 -27.12
N ALA D 267 -36.04 12.59 -27.16
CA ALA D 267 -37.49 12.56 -27.22
C ALA D 267 -38.10 13.35 -26.06
N ALA D 268 -37.61 13.10 -24.84
CA ALA D 268 -38.16 13.73 -23.64
C ALA D 268 -37.96 15.23 -23.64
N VAL D 269 -36.77 15.70 -24.04
CA VAL D 269 -36.49 17.12 -23.95
C VAL D 269 -37.28 17.85 -25.02
N ALA D 270 -37.45 17.25 -26.21
CA ALA D 270 -38.26 17.85 -27.27
C ALA D 270 -39.73 17.92 -26.86
N LEU D 271 -40.25 16.83 -26.27
CA LEU D 271 -41.64 16.81 -25.82
C LEU D 271 -41.85 17.90 -24.77
N ALA D 272 -40.90 18.06 -23.84
CA ALA D 272 -41.03 19.04 -22.78
C ALA D 272 -41.26 20.44 -23.36
N GLY D 273 -40.49 20.77 -24.41
CA GLY D 273 -40.63 22.03 -25.11
C GLY D 273 -42.03 22.19 -25.73
N LEU D 274 -42.50 21.14 -26.42
CA LEU D 274 -43.81 21.14 -27.05
C LEU D 274 -44.91 21.33 -26.00
N LEU D 275 -44.74 20.73 -24.81
CA LEU D 275 -45.72 20.84 -23.74
C LEU D 275 -45.74 22.26 -23.19
N ALA D 276 -44.57 22.90 -23.13
CA ALA D 276 -44.47 24.28 -22.67
C ALA D 276 -45.18 25.21 -23.67
N ALA D 277 -45.02 24.93 -24.97
CA ALA D 277 -45.69 25.70 -26.01
C ALA D 277 -47.21 25.56 -25.88
N GLN D 278 -47.68 24.33 -25.64
CA GLN D 278 -49.10 24.04 -25.51
C GLN D 278 -49.70 24.79 -24.32
N LYS D 279 -48.90 25.02 -23.26
CA LYS D 279 -49.39 25.77 -22.11
C LYS D 279 -49.70 27.20 -22.53
N VAL D 280 -48.87 27.78 -23.39
CA VAL D 280 -49.06 29.14 -23.86
C VAL D 280 -50.20 29.19 -24.88
N ILE D 281 -50.25 28.22 -25.80
CA ILE D 281 -51.14 28.28 -26.94
C ILE D 281 -52.54 27.78 -26.55
N SER D 282 -52.60 26.68 -25.80
CA SER D 282 -53.86 26.08 -25.37
C SER D 282 -54.70 25.71 -26.60
N LYS D 283 -54.07 25.05 -27.58
CA LYS D 283 -54.75 24.57 -28.76
C LYS D 283 -55.28 23.17 -28.48
N PRO D 284 -56.58 22.88 -28.73
CA PRO D 284 -57.12 21.54 -28.48
C PRO D 284 -56.25 20.46 -29.12
N ILE D 285 -55.87 19.46 -28.32
CA ILE D 285 -54.90 18.45 -28.72
C ILE D 285 -55.36 17.76 -30.02
N SER D 286 -56.69 17.60 -30.18
CA SER D 286 -57.24 16.92 -31.34
C SER D 286 -57.13 17.77 -32.62
N GLU D 287 -56.75 19.05 -32.49
CA GLU D 287 -56.59 19.93 -33.64
C GLU D 287 -55.11 20.11 -34.00
N HIS D 288 -54.22 19.39 -33.30
CA HIS D 288 -52.78 19.50 -33.56
C HIS D 288 -52.43 18.64 -34.78
N LYS D 289 -51.43 19.11 -35.53
CA LYS D 289 -50.87 18.30 -36.61
C LYS D 289 -49.38 18.61 -36.72
N ILE D 290 -48.55 17.56 -36.58
CA ILE D 290 -47.11 17.70 -36.47
C ILE D 290 -46.47 17.25 -37.78
N LEU D 291 -45.60 18.09 -38.34
CA LEU D 291 -44.86 17.74 -39.55
C LEU D 291 -43.37 17.73 -39.23
N PHE D 292 -42.73 16.58 -39.42
CA PHE D 292 -41.29 16.46 -39.19
C PHE D 292 -40.53 16.69 -40.49
N LEU D 293 -39.50 17.55 -40.43
CA LEU D 293 -38.43 17.55 -41.41
C LEU D 293 -37.40 16.50 -40.97
N GLY D 294 -37.42 15.34 -41.65
CA GLY D 294 -36.60 14.20 -41.26
C GLY D 294 -37.49 13.06 -40.79
N ALA D 295 -36.96 11.82 -40.88
CA ALA D 295 -37.66 10.64 -40.41
C ALA D 295 -36.66 9.61 -39.87
N GLY D 296 -35.58 10.10 -39.27
CA GLY D 296 -34.52 9.25 -38.74
C GLY D 296 -34.71 8.99 -37.25
N GLU D 297 -33.59 8.93 -36.52
CA GLU D 297 -33.57 8.54 -35.12
C GLU D 297 -34.37 9.54 -34.28
N ALA D 298 -33.99 10.83 -34.37
CA ALA D 298 -34.61 11.86 -33.56
C ALA D 298 -36.11 11.94 -33.83
N ALA D 299 -36.49 11.92 -35.11
CA ALA D 299 -37.88 12.04 -35.51
C ALA D 299 -38.72 10.91 -34.92
N LEU D 300 -38.26 9.66 -35.08
CA LEU D 300 -39.01 8.50 -34.64
C LEU D 300 -39.12 8.50 -33.11
N GLY D 301 -38.03 8.87 -32.44
CA GLY D 301 -38.00 8.96 -30.99
C GLY D 301 -39.03 9.95 -30.46
N ILE D 302 -38.96 11.19 -30.98
CA ILE D 302 -39.84 12.27 -30.56
C ILE D 302 -41.30 11.91 -30.86
N ALA D 303 -41.57 11.41 -32.08
CA ALA D 303 -42.92 11.10 -32.52
C ALA D 303 -43.57 10.06 -31.60
N ASN D 304 -42.80 9.03 -31.23
CA ASN D 304 -43.31 7.96 -30.40
C ASN D 304 -43.71 8.50 -29.02
N LEU D 305 -42.96 9.49 -28.50
CA LEU D 305 -43.26 10.03 -27.19
C LEU D 305 -44.45 10.99 -27.27
N ILE D 306 -44.58 11.73 -28.39
CA ILE D 306 -45.73 12.58 -28.61
C ILE D 306 -47.00 11.73 -28.58
N VAL D 307 -46.95 10.56 -29.24
CA VAL D 307 -48.09 9.68 -29.32
C VAL D 307 -48.49 9.22 -27.93
N MET D 308 -47.50 8.86 -27.09
CA MET D 308 -47.76 8.43 -25.72
C MET D 308 -48.41 9.56 -24.93
N SER D 309 -47.95 10.80 -25.14
CA SER D 309 -48.52 11.96 -24.46
C SER D 309 -49.97 12.17 -24.87
N MET D 310 -50.26 12.02 -26.16
CA MET D 310 -51.61 12.19 -26.69
C MET D 310 -52.53 11.11 -26.12
N VAL D 311 -52.04 9.86 -26.07
CA VAL D 311 -52.84 8.73 -25.63
C VAL D 311 -53.25 8.90 -24.16
N GLU D 312 -52.36 9.44 -23.33
CA GLU D 312 -52.63 9.54 -21.90
C GLU D 312 -53.68 10.63 -21.66
N ASN D 313 -53.83 11.55 -22.64
CA ASN D 313 -54.80 12.62 -22.57
C ASN D 313 -56.15 12.19 -23.15
N GLY D 314 -56.20 11.01 -23.79
CA GLY D 314 -57.47 10.37 -24.11
C GLY D 314 -57.69 10.10 -25.61
N LEU D 315 -56.66 10.30 -26.43
CA LEU D 315 -56.71 9.89 -27.83
C LEU D 315 -56.34 8.41 -27.90
N SER D 316 -56.82 7.72 -28.94
CA SER D 316 -56.33 6.39 -29.26
C SER D 316 -54.96 6.51 -29.93
N GLU D 317 -54.20 5.42 -29.88
CA GLU D 317 -52.87 5.36 -30.49
C GLU D 317 -52.98 5.69 -31.98
N GLN D 318 -53.95 5.07 -32.65
CA GLN D 318 -54.10 5.16 -34.10
C GLN D 318 -54.37 6.61 -34.51
N GLU D 319 -55.27 7.30 -33.79
CA GLU D 319 -55.65 8.65 -34.18
C GLU D 319 -54.53 9.63 -33.81
N ALA D 320 -53.75 9.33 -32.77
CA ALA D 320 -52.61 10.16 -32.40
C ALA D 320 -51.55 10.12 -33.51
N GLN D 321 -51.28 8.92 -34.03
CA GLN D 321 -50.28 8.72 -35.07
C GLN D 321 -50.67 9.44 -36.36
N LYS D 322 -51.99 9.47 -36.65
CA LYS D 322 -52.51 10.10 -37.85
C LYS D 322 -52.25 11.61 -37.84
N LYS D 323 -51.90 12.16 -36.67
CA LYS D 323 -51.66 13.59 -36.55
C LYS D 323 -50.18 13.93 -36.79
N ILE D 324 -49.38 12.92 -37.12
CA ILE D 324 -47.95 13.11 -37.30
C ILE D 324 -47.55 12.71 -38.72
N TRP D 325 -46.89 13.65 -39.41
CA TRP D 325 -46.37 13.45 -40.76
C TRP D 325 -44.86 13.67 -40.76
N MET D 326 -44.16 12.99 -41.68
CA MET D 326 -42.71 13.11 -41.79
C MET D 326 -42.30 13.34 -43.24
N PHE D 327 -41.24 14.14 -43.42
CA PHE D 327 -40.73 14.50 -44.73
C PHE D 327 -39.21 14.45 -44.70
N ASP D 328 -38.64 13.41 -45.33
CA ASP D 328 -37.22 13.14 -45.26
C ASP D 328 -36.53 13.75 -46.49
N LYS D 329 -35.33 13.25 -46.82
CA LYS D 329 -34.56 13.73 -47.96
C LYS D 329 -35.19 13.26 -49.28
N TYR D 330 -35.98 12.17 -49.23
CA TYR D 330 -36.58 11.59 -50.42
C TYR D 330 -38.04 12.01 -50.54
N GLY D 331 -38.39 13.18 -49.99
CA GLY D 331 -39.75 13.71 -50.09
C GLY D 331 -40.61 13.30 -48.90
N LEU D 332 -41.94 13.34 -49.11
CA LEU D 332 -42.90 13.05 -48.05
C LEU D 332 -43.02 11.54 -47.89
N LEU D 333 -43.16 11.10 -46.63
CA LEU D 333 -43.42 9.70 -46.33
C LEU D 333 -44.92 9.44 -46.49
N VAL D 334 -45.30 8.79 -47.59
CA VAL D 334 -46.68 8.42 -47.86
C VAL D 334 -46.70 6.98 -48.35
N LYS D 335 -47.86 6.32 -48.20
CA LYS D 335 -48.00 4.91 -48.54
C LYS D 335 -47.80 4.72 -50.04
N GLY D 336 -46.87 3.83 -50.39
CA GLY D 336 -46.61 3.47 -51.78
C GLY D 336 -45.76 4.53 -52.48
N ARG D 337 -44.68 4.97 -51.84
CA ARG D 337 -43.74 5.91 -52.43
C ARG D 337 -42.54 5.13 -52.98
N LYS D 338 -41.57 5.86 -53.52
CA LYS D 338 -40.40 5.24 -54.15
C LYS D 338 -39.41 4.79 -53.08
N ALA D 339 -39.07 5.71 -52.16
CA ALA D 339 -38.00 5.49 -51.19
C ALA D 339 -38.43 4.48 -50.14
N LYS D 340 -37.44 4.01 -49.36
CA LYS D 340 -37.63 2.91 -48.42
C LYS D 340 -38.41 3.37 -47.20
N ILE D 341 -39.39 2.56 -46.79
CA ILE D 341 -40.19 2.79 -45.59
C ILE D 341 -40.08 1.57 -44.70
N ASP D 342 -39.33 1.69 -43.59
CA ASP D 342 -39.18 0.60 -42.64
C ASP D 342 -40.42 0.55 -41.74
N SER D 343 -40.45 -0.44 -40.85
CA SER D 343 -41.61 -0.71 -40.01
C SER D 343 -41.69 0.27 -38.84
N TYR D 344 -40.57 0.92 -38.51
CA TYR D 344 -40.53 1.95 -37.47
C TYR D 344 -41.21 3.22 -38.00
N GLN D 345 -41.11 3.44 -39.32
CA GLN D 345 -41.69 4.62 -39.95
C GLN D 345 -43.15 4.36 -40.31
N GLU D 346 -43.53 3.08 -40.45
CA GLU D 346 -44.84 2.69 -40.96
C GLU D 346 -45.97 3.42 -40.24
N PRO D 347 -45.99 3.49 -38.88
CA PRO D 347 -47.04 4.21 -38.16
C PRO D 347 -47.28 5.67 -38.57
N PHE D 348 -46.25 6.33 -39.10
CA PHE D 348 -46.34 7.74 -39.46
C PHE D 348 -46.32 7.93 -40.98
N THR D 349 -46.57 6.84 -41.72
CA THR D 349 -46.68 6.91 -43.17
C THR D 349 -48.14 6.76 -43.55
N HIS D 350 -48.71 7.82 -44.11
CA HIS D 350 -50.12 7.87 -44.47
C HIS D 350 -50.25 8.03 -45.98
N PRO D 357 -46.78 16.76 -52.77
CA PRO D 357 -45.88 17.78 -52.24
C PRO D 357 -44.43 17.36 -52.50
N ASP D 358 -43.68 18.22 -53.19
CA ASP D 358 -42.34 17.88 -53.65
C ASP D 358 -41.27 18.63 -52.85
N THR D 359 -41.65 19.77 -52.24
CA THR D 359 -40.76 20.49 -51.34
C THR D 359 -41.42 20.59 -49.97
N PHE D 360 -40.67 21.07 -48.97
CA PHE D 360 -41.16 21.15 -47.60
C PHE D 360 -42.15 22.32 -47.50
N GLU D 361 -41.87 23.40 -48.25
CA GLU D 361 -42.77 24.54 -48.34
C GLU D 361 -44.16 24.10 -48.80
N ASP D 362 -44.19 23.25 -49.85
CA ASP D 362 -45.44 22.71 -50.37
C ASP D 362 -46.12 21.88 -49.30
N ALA D 363 -45.33 21.00 -48.65
CA ALA D 363 -45.81 20.13 -47.60
C ALA D 363 -46.54 20.92 -46.51
N VAL D 364 -45.95 22.06 -46.11
CA VAL D 364 -46.54 22.93 -45.09
C VAL D 364 -47.89 23.46 -45.58
N ASN D 365 -47.96 23.81 -46.88
CA ASN D 365 -49.14 24.45 -47.44
C ASN D 365 -50.27 23.45 -47.64
N ILE D 366 -49.94 22.20 -48.00
CA ILE D 366 -50.95 21.20 -48.32
C ILE D 366 -51.46 20.53 -47.04
N LEU D 367 -50.57 20.33 -46.05
CA LEU D 367 -50.92 19.64 -44.83
C LEU D 367 -51.42 20.63 -43.77
N LYS D 368 -50.84 21.83 -43.77
CA LYS D 368 -51.19 22.87 -42.80
C LYS D 368 -50.97 22.33 -41.38
N PRO D 369 -49.71 22.11 -40.97
CA PRO D 369 -49.40 21.70 -39.60
C PRO D 369 -49.40 22.88 -38.64
N SER D 370 -49.69 22.60 -37.36
CA SER D 370 -49.54 23.55 -36.28
C SER D 370 -48.08 23.57 -35.79
N THR D 371 -47.36 22.46 -36.01
CA THR D 371 -45.99 22.32 -35.52
C THR D 371 -45.12 21.74 -36.63
N ILE D 372 -43.92 22.31 -36.79
CA ILE D 372 -42.88 21.72 -37.62
C ILE D 372 -41.64 21.48 -36.76
N ILE D 373 -41.06 20.28 -36.88
CA ILE D 373 -39.90 19.90 -36.09
C ILE D 373 -38.75 19.58 -37.04
N GLY D 374 -37.66 20.33 -36.90
CA GLY D 374 -36.48 20.20 -37.75
C GLY D 374 -35.41 19.32 -37.13
N VAL D 375 -35.28 18.09 -37.66
CA VAL D 375 -34.27 17.15 -37.23
C VAL D 375 -33.65 16.48 -38.47
N ALA D 376 -33.10 17.32 -39.36
CA ALA D 376 -32.59 16.86 -40.65
C ALA D 376 -31.06 16.89 -40.68
N GLY D 377 -30.46 17.85 -39.96
CA GLY D 377 -29.01 17.97 -39.87
C GLY D 377 -28.40 18.48 -41.18
N ALA D 378 -29.22 19.18 -41.97
CA ALA D 378 -28.91 19.48 -43.36
C ALA D 378 -29.02 20.97 -43.65
N GLY D 379 -28.80 21.82 -42.63
CA GLY D 379 -28.73 23.25 -42.83
C GLY D 379 -30.12 23.90 -42.89
N ARG D 380 -30.17 25.11 -43.46
CA ARG D 380 -31.30 26.02 -43.32
C ARG D 380 -32.43 25.64 -44.26
N LEU D 381 -33.18 24.58 -43.91
CA LEU D 381 -34.29 24.10 -44.72
C LEU D 381 -35.61 24.74 -44.27
N PHE D 382 -35.61 25.42 -43.13
CA PHE D 382 -36.74 26.26 -42.75
C PHE D 382 -36.46 27.65 -43.32
N THR D 383 -36.71 27.79 -44.63
CA THR D 383 -36.41 29.01 -45.36
C THR D 383 -37.38 30.10 -44.93
N PRO D 384 -37.03 31.40 -45.10
CA PRO D 384 -37.99 32.48 -44.84
C PRO D 384 -39.41 32.17 -45.33
N ASP D 385 -39.50 31.55 -46.51
CA ASP D 385 -40.78 31.15 -47.08
C ASP D 385 -41.54 30.21 -46.14
N VAL D 386 -40.84 29.18 -45.64
CA VAL D 386 -41.46 28.17 -44.79
C VAL D 386 -41.98 28.83 -43.51
N ILE D 387 -41.19 29.75 -42.94
CA ILE D 387 -41.56 30.42 -41.70
C ILE D 387 -42.83 31.23 -41.93
N ARG D 388 -42.82 32.08 -42.97
CA ARG D 388 -43.94 32.96 -43.28
C ARG D 388 -45.21 32.12 -43.49
N ALA D 389 -45.07 31.00 -44.20
CA ALA D 389 -46.20 30.12 -44.48
C ALA D 389 -46.74 29.47 -43.21
N MET D 390 -45.88 29.26 -42.21
CA MET D 390 -46.33 28.75 -40.92
C MET D 390 -47.07 29.85 -40.17
N ALA D 391 -46.53 31.06 -40.20
CA ALA D 391 -47.14 32.23 -39.58
C ALA D 391 -48.46 32.60 -40.26
N SER D 392 -48.61 32.21 -41.53
CA SER D 392 -49.85 32.42 -42.25
C SER D 392 -50.93 31.46 -41.76
N ILE D 393 -50.57 30.18 -41.68
CA ILE D 393 -51.53 29.12 -41.38
C ILE D 393 -51.95 29.16 -39.91
N ASN D 394 -51.04 29.57 -39.02
CA ASN D 394 -51.27 29.47 -37.58
C ASN D 394 -51.10 30.85 -36.94
N GLU D 395 -51.93 31.12 -35.92
CA GLU D 395 -51.80 32.32 -35.11
C GLU D 395 -50.50 32.26 -34.32
N ARG D 396 -50.20 31.10 -33.74
CA ARG D 396 -48.97 30.89 -32.98
C ARG D 396 -48.30 29.62 -33.49
N PRO D 397 -47.45 29.71 -34.54
CA PRO D 397 -46.79 28.52 -35.10
C PRO D 397 -45.73 27.99 -34.15
N VAL D 398 -45.60 26.66 -34.09
CA VAL D 398 -44.54 26.02 -33.32
C VAL D 398 -43.45 25.58 -34.30
N ILE D 399 -42.25 26.16 -34.13
CA ILE D 399 -41.12 25.86 -34.99
C ILE D 399 -39.95 25.42 -34.12
N PHE D 400 -39.59 24.13 -34.20
CA PHE D 400 -38.45 23.59 -33.49
C PHE D 400 -37.36 23.26 -34.50
N ALA D 401 -36.23 23.96 -34.40
CA ALA D 401 -35.07 23.71 -35.24
C ALA D 401 -33.97 23.07 -34.39
N LEU D 402 -33.93 21.74 -34.38
CA LEU D 402 -33.19 21.00 -33.37
C LEU D 402 -31.82 20.57 -33.88
N SER D 403 -31.61 20.60 -35.21
CA SER D 403 -30.35 20.17 -35.79
C SER D 403 -29.19 21.00 -35.23
N ASN D 404 -28.07 20.31 -34.93
CA ASN D 404 -26.85 20.91 -34.42
C ASN D 404 -25.70 20.52 -35.34
N PRO D 405 -24.56 21.26 -35.35
CA PRO D 405 -24.40 22.52 -34.60
C PRO D 405 -25.10 23.70 -35.28
N THR D 406 -24.92 24.90 -34.72
CA THR D 406 -25.64 26.09 -35.15
C THR D 406 -25.80 26.13 -36.67
N ALA D 407 -24.71 25.82 -37.40
CA ALA D 407 -24.66 25.98 -38.85
C ALA D 407 -25.58 24.99 -39.57
N GLN D 408 -25.97 23.90 -38.89
CA GLN D 408 -26.82 22.87 -39.49
C GLN D 408 -28.28 23.04 -39.10
N ALA D 409 -28.56 24.05 -38.26
CA ALA D 409 -29.92 24.32 -37.80
C ALA D 409 -30.82 24.69 -38.98
N GLU D 410 -32.12 24.43 -38.83
CA GLU D 410 -33.09 24.68 -39.88
C GLU D 410 -33.34 26.19 -40.03
N CYS D 411 -33.23 26.94 -38.93
CA CYS D 411 -33.32 28.39 -38.99
C CYS D 411 -32.75 28.99 -37.69
N THR D 412 -32.62 30.32 -37.68
CA THR D 412 -32.13 31.05 -36.53
C THR D 412 -33.31 31.48 -35.68
N ALA D 413 -33.02 31.89 -34.43
CA ALA D 413 -34.02 32.46 -33.54
C ALA D 413 -34.50 33.80 -34.08
N GLU D 414 -33.54 34.68 -34.41
CA GLU D 414 -33.85 36.00 -34.94
C GLU D 414 -34.76 35.87 -36.16
N GLU D 415 -34.40 34.97 -37.09
CA GLU D 415 -35.20 34.68 -38.26
C GLU D 415 -36.62 34.28 -37.86
N ALA D 416 -36.73 33.40 -36.85
CA ALA D 416 -38.01 32.80 -36.50
C ALA D 416 -38.98 33.87 -35.99
N TYR D 417 -38.55 34.69 -35.03
CA TYR D 417 -39.42 35.68 -34.42
C TYR D 417 -39.71 36.80 -35.41
N THR D 418 -38.69 37.28 -36.13
CA THR D 418 -38.82 38.39 -37.06
C THR D 418 -39.90 38.08 -38.10
N LEU D 419 -39.79 36.91 -38.72
CA LEU D 419 -40.60 36.56 -39.88
C LEU D 419 -42.01 36.12 -39.47
N THR D 420 -42.26 35.91 -38.18
CA THR D 420 -43.60 35.56 -37.69
C THR D 420 -44.19 36.72 -36.91
N GLU D 421 -43.49 37.86 -36.90
CA GLU D 421 -43.88 39.04 -36.12
C GLU D 421 -43.99 38.68 -34.65
N GLY D 422 -43.06 37.84 -34.17
CA GLY D 422 -42.96 37.49 -32.76
C GLY D 422 -44.13 36.66 -32.26
N ARG D 423 -44.77 35.90 -33.16
CA ARG D 423 -45.92 35.09 -32.81
C ARG D 423 -45.54 33.62 -32.64
N CYS D 424 -44.32 33.25 -33.04
CA CYS D 424 -43.91 31.86 -33.07
C CYS D 424 -43.45 31.41 -31.68
N LEU D 425 -43.69 30.14 -31.37
CA LEU D 425 -43.06 29.46 -30.24
C LEU D 425 -41.85 28.70 -30.79
N PHE D 426 -40.65 29.11 -30.37
CA PHE D 426 -39.44 28.64 -31.02
C PHE D 426 -38.49 28.00 -30.00
N ALA D 427 -37.83 26.92 -30.44
CA ALA D 427 -36.77 26.30 -29.68
C ALA D 427 -35.73 25.75 -30.65
N SER D 428 -34.48 25.65 -30.17
CA SER D 428 -33.38 25.17 -30.98
C SER D 428 -32.53 24.19 -30.18
N GLY D 429 -31.71 23.41 -30.90
CA GLY D 429 -30.70 22.57 -30.30
C GLY D 429 -29.43 23.35 -29.95
N SER D 430 -29.16 24.43 -30.71
CA SER D 430 -27.95 25.21 -30.53
C SER D 430 -28.25 26.54 -29.84
N PRO D 431 -27.26 27.18 -29.18
CA PRO D 431 -27.53 28.36 -28.34
C PRO D 431 -27.79 29.63 -29.16
N PHE D 432 -28.66 30.48 -28.62
CA PHE D 432 -29.03 31.74 -29.24
C PHE D 432 -29.34 32.76 -28.14
N GLY D 433 -28.88 34.01 -28.34
CA GLY D 433 -29.07 35.06 -27.36
C GLY D 433 -30.44 35.71 -27.47
N PRO D 434 -30.87 36.54 -26.48
CA PRO D 434 -32.15 37.21 -26.55
C PRO D 434 -32.29 38.03 -27.85
N VAL D 435 -33.50 38.02 -28.42
CA VAL D 435 -33.78 38.71 -29.67
C VAL D 435 -34.95 39.69 -29.47
N ARG D 441 -40.03 44.73 -27.34
CA ARG D 441 -40.37 43.29 -27.24
C ARG D 441 -39.11 42.44 -27.40
N VAL D 442 -38.73 41.75 -26.32
CA VAL D 442 -37.54 40.92 -26.30
C VAL D 442 -37.98 39.46 -26.14
N PHE D 443 -37.46 38.57 -26.99
CA PHE D 443 -37.73 37.15 -26.93
C PHE D 443 -36.47 36.40 -26.55
N THR D 444 -36.53 35.60 -25.47
CA THR D 444 -35.41 34.81 -24.98
C THR D 444 -35.65 33.33 -25.34
N PRO D 445 -35.13 32.84 -26.49
CA PRO D 445 -35.39 31.46 -26.91
C PRO D 445 -34.63 30.44 -26.06
N GLY D 446 -35.22 29.24 -25.93
CA GLY D 446 -34.67 28.18 -25.11
C GLY D 446 -33.97 27.13 -25.98
N GLN D 447 -32.96 26.47 -25.38
CA GLN D 447 -32.18 25.45 -26.05
C GLN D 447 -32.58 24.08 -25.49
N GLY D 448 -32.99 23.16 -26.37
CA GLY D 448 -33.46 21.85 -25.97
C GLY D 448 -32.30 20.88 -25.70
N ASN D 449 -31.57 21.11 -24.61
CA ASN D 449 -30.37 20.37 -24.28
C ASN D 449 -30.73 19.07 -23.56
N ASN D 450 -30.13 17.96 -23.98
CA ASN D 450 -30.38 16.66 -23.35
C ASN D 450 -30.00 16.64 -21.87
N VAL D 451 -29.11 17.55 -21.42
CA VAL D 451 -28.68 17.56 -20.03
C VAL D 451 -29.85 17.83 -19.08
N TYR D 452 -30.96 18.36 -19.61
CA TYR D 452 -32.15 18.60 -18.81
C TYR D 452 -32.76 17.30 -18.28
N ILE D 453 -32.54 16.18 -18.96
CA ILE D 453 -33.28 14.95 -18.69
C ILE D 453 -32.38 13.88 -18.04
N PHE D 454 -31.25 13.53 -18.66
CA PHE D 454 -30.55 12.30 -18.31
C PHE D 454 -30.07 12.32 -16.85
N PRO D 455 -29.49 13.42 -16.29
CA PRO D 455 -29.01 13.39 -14.91
C PRO D 455 -30.09 13.03 -13.88
N GLY D 456 -31.26 13.66 -14.00
CA GLY D 456 -32.35 13.47 -13.05
C GLY D 456 -32.96 12.07 -13.15
N VAL D 457 -33.15 11.58 -14.39
CA VAL D 457 -33.67 10.23 -14.61
C VAL D 457 -32.70 9.20 -14.02
N ALA D 458 -31.40 9.36 -14.30
CA ALA D 458 -30.41 8.40 -13.85
C ALA D 458 -30.37 8.35 -12.34
N LEU D 459 -30.43 9.51 -11.68
CA LEU D 459 -30.38 9.57 -10.23
C LEU D 459 -31.58 8.83 -9.64
N ALA D 460 -32.79 9.10 -10.14
CA ALA D 460 -34.00 8.50 -9.60
C ALA D 460 -33.96 6.98 -9.76
N VAL D 461 -33.52 6.51 -10.93
CA VAL D 461 -33.43 5.08 -11.21
C VAL D 461 -32.48 4.41 -10.23
N ILE D 462 -31.31 5.04 -10.00
CA ILE D 462 -30.29 4.50 -9.12
C ILE D 462 -30.78 4.45 -7.68
N LEU D 463 -31.34 5.56 -7.17
CA LEU D 463 -31.72 5.65 -5.76
C LEU D 463 -32.89 4.69 -5.47
N CYS D 464 -33.67 4.33 -6.50
CA CYS D 464 -34.85 3.50 -6.33
C CYS D 464 -34.53 2.01 -6.53
N ASN D 465 -33.28 1.70 -6.89
CA ASN D 465 -32.89 0.35 -7.27
C ASN D 465 -33.81 -0.19 -8.36
N THR D 466 -34.17 0.67 -9.33
CA THR D 466 -35.01 0.29 -10.45
C THR D 466 -34.21 -0.64 -11.38
N ARG D 467 -34.92 -1.56 -12.05
CA ARG D 467 -34.28 -2.61 -12.81
C ARG D 467 -34.56 -2.47 -14.31
N HIS D 468 -35.65 -1.81 -14.69
CA HIS D 468 -35.97 -1.57 -16.09
C HIS D 468 -36.61 -0.19 -16.22
N ILE D 469 -36.35 0.46 -17.37
CA ILE D 469 -36.76 1.83 -17.60
C ILE D 469 -37.76 1.86 -18.76
N SER D 470 -39.04 2.08 -18.42
CA SER D 470 -40.09 2.14 -19.42
C SER D 470 -40.04 3.48 -20.14
N ASP D 471 -40.68 3.57 -21.31
CA ASP D 471 -40.79 4.84 -22.01
C ASP D 471 -41.59 5.85 -21.19
N SER D 472 -42.51 5.37 -20.34
CA SER D 472 -43.32 6.23 -19.50
CA SER D 472 -43.32 6.24 -19.51
C SER D 472 -42.44 7.05 -18.54
N VAL D 473 -41.26 6.53 -18.19
CA VAL D 473 -40.35 7.28 -17.33
C VAL D 473 -39.94 8.57 -18.02
N PHE D 474 -39.68 8.50 -19.33
CA PHE D 474 -39.22 9.66 -20.10
C PHE D 474 -40.36 10.64 -20.33
N LEU D 475 -41.60 10.15 -20.44
CA LEU D 475 -42.79 11.00 -20.48
C LEU D 475 -42.93 11.77 -19.18
N GLU D 476 -42.71 11.08 -18.06
CA GLU D 476 -42.82 11.69 -16.74
C GLU D 476 -41.73 12.74 -16.55
N ALA D 477 -40.52 12.44 -17.01
CA ALA D 477 -39.41 13.38 -16.95
C ALA D 477 -39.72 14.65 -17.77
N ALA D 478 -40.30 14.47 -18.96
CA ALA D 478 -40.67 15.60 -19.81
C ALA D 478 -41.66 16.52 -19.09
N LYS D 479 -42.69 15.94 -18.50
CA LYS D 479 -43.69 16.73 -17.78
C LYS D 479 -43.04 17.42 -16.59
N ALA D 480 -42.11 16.76 -15.90
CA ALA D 480 -41.47 17.32 -14.72
C ALA D 480 -40.57 18.48 -15.08
N LEU D 481 -39.97 18.45 -16.28
CA LEU D 481 -39.15 19.54 -16.76
C LEU D 481 -40.02 20.77 -17.05
N THR D 482 -41.10 20.57 -17.81
CA THR D 482 -41.98 21.65 -18.23
C THR D 482 -42.61 22.33 -17.01
N SER D 483 -42.91 21.56 -15.96
CA SER D 483 -43.61 22.08 -14.80
C SER D 483 -42.75 23.05 -13.98
N GLN D 484 -41.45 23.17 -14.28
CA GLN D 484 -40.60 24.05 -13.51
C GLN D 484 -40.48 25.45 -14.14
N LEU D 485 -41.09 25.64 -15.32
CA LEU D 485 -41.19 26.97 -15.91
C LEU D 485 -42.16 27.81 -15.08
N THR D 486 -41.76 29.07 -14.81
CA THR D 486 -42.65 30.03 -14.17
C THR D 486 -43.54 30.66 -15.24
N ASP D 487 -44.61 31.32 -14.79
CA ASP D 487 -45.51 32.05 -15.67
C ASP D 487 -44.75 33.15 -16.40
N GLU D 488 -43.89 33.87 -15.65
CA GLU D 488 -43.07 34.94 -16.21
C GLU D 488 -42.25 34.40 -17.38
N GLU D 489 -41.58 33.26 -17.17
CA GLU D 489 -40.71 32.66 -18.18
C GLU D 489 -41.53 32.30 -19.42
N LEU D 490 -42.74 31.77 -19.21
CA LEU D 490 -43.60 31.38 -20.32
C LEU D 490 -44.02 32.61 -21.14
N ALA D 491 -44.20 33.75 -20.47
CA ALA D 491 -44.63 34.99 -21.12
C ALA D 491 -43.50 35.57 -21.98
N GLN D 492 -42.25 35.17 -21.69
CA GLN D 492 -41.10 35.61 -22.47
C GLN D 492 -40.82 34.66 -23.63
N GLY D 493 -41.61 33.60 -23.76
CA GLY D 493 -41.45 32.62 -24.83
C GLY D 493 -40.36 31.59 -24.52
N ARG D 494 -40.00 31.48 -23.24
CA ARG D 494 -38.96 30.55 -22.80
C ARG D 494 -39.61 29.18 -22.59
N LEU D 495 -39.13 28.16 -23.32
CA LEU D 495 -39.75 26.85 -23.31
C LEU D 495 -38.93 25.84 -22.50
N TYR D 496 -37.84 26.30 -21.89
CA TYR D 496 -36.95 25.48 -21.08
C TYR D 496 -36.44 26.30 -19.90
N PRO D 497 -36.28 25.70 -18.70
CA PRO D 497 -35.75 26.44 -17.55
C PRO D 497 -34.32 26.89 -17.84
N PRO D 498 -33.81 27.93 -17.15
CA PRO D 498 -32.43 28.38 -17.35
C PRO D 498 -31.41 27.28 -17.07
N LEU D 499 -30.42 27.15 -17.97
CA LEU D 499 -29.36 26.16 -17.84
C LEU D 499 -28.57 26.39 -16.56
N ALA D 500 -28.48 27.66 -16.13
CA ALA D 500 -27.76 27.99 -14.90
C ALA D 500 -28.34 27.25 -13.69
N ASN D 501 -29.62 26.85 -13.77
CA ASN D 501 -30.31 26.20 -12.66
C ASN D 501 -30.34 24.67 -12.82
N ILE D 502 -29.43 24.11 -13.62
CA ILE D 502 -29.52 22.70 -14.01
C ILE D 502 -29.51 21.78 -12.79
N GLN D 503 -28.75 22.14 -11.74
CA GLN D 503 -28.67 21.33 -10.54
C GLN D 503 -30.06 21.20 -9.91
N GLU D 504 -30.69 22.35 -9.63
CA GLU D 504 -32.02 22.38 -9.02
C GLU D 504 -33.03 21.65 -9.91
N VAL D 505 -32.96 21.89 -11.23
CA VAL D 505 -33.87 21.29 -12.18
C VAL D 505 -33.73 19.77 -12.15
N SER D 506 -32.48 19.29 -12.10
CA SER D 506 -32.18 17.86 -12.19
C SER D 506 -32.71 17.14 -10.95
N ILE D 507 -32.54 17.74 -9.77
CA ILE D 507 -33.00 17.17 -8.52
C ILE D 507 -34.53 17.10 -8.51
N ASN D 508 -35.18 18.16 -9.01
CA ASN D 508 -36.64 18.20 -9.05
C ASN D 508 -37.18 17.12 -9.98
N ILE D 509 -36.49 16.89 -11.11
CA ILE D 509 -36.89 15.84 -12.03
C ILE D 509 -36.73 14.49 -11.35
N ALA D 510 -35.60 14.30 -10.65
CA ALA D 510 -35.34 13.05 -9.95
C ALA D 510 -36.43 12.74 -8.92
N ILE D 511 -36.89 13.76 -8.20
CA ILE D 511 -37.91 13.57 -7.17
C ILE D 511 -39.20 13.09 -7.81
N LYS D 512 -39.62 13.76 -8.91
CA LYS D 512 -40.84 13.40 -9.61
C LYS D 512 -40.76 11.99 -10.20
N VAL D 513 -39.62 11.64 -10.79
CA VAL D 513 -39.44 10.30 -11.34
C VAL D 513 -39.44 9.28 -10.19
N THR D 514 -38.80 9.62 -9.07
CA THR D 514 -38.76 8.73 -7.91
C THR D 514 -40.18 8.41 -7.45
N GLU D 515 -41.01 9.45 -7.30
CA GLU D 515 -42.41 9.29 -6.92
C GLU D 515 -43.11 8.36 -7.91
N TYR D 516 -42.86 8.58 -9.21
CA TYR D 516 -43.47 7.77 -10.25
C TYR D 516 -43.06 6.30 -10.11
N LEU D 517 -41.77 6.05 -9.83
CA LEU D 517 -41.27 4.68 -9.82
C LEU D 517 -41.90 3.90 -8.67
N TYR D 518 -41.99 4.51 -7.48
CA TYR D 518 -42.59 3.86 -6.32
C TYR D 518 -44.08 3.59 -6.58
N ALA D 519 -44.77 4.55 -7.21
CA ALA D 519 -46.20 4.46 -7.39
C ALA D 519 -46.56 3.37 -8.40
N ASN D 520 -45.65 3.05 -9.32
CA ASN D 520 -45.94 2.09 -10.37
C ASN D 520 -45.18 0.77 -10.16
N LYS D 521 -44.68 0.55 -8.95
CA LYS D 521 -44.08 -0.73 -8.58
C LYS D 521 -42.87 -1.02 -9.47
N MET D 522 -42.06 0.01 -9.73
CA MET D 522 -40.83 -0.15 -10.48
C MET D 522 -39.60 0.11 -9.60
N ALA D 523 -39.83 0.45 -8.32
CA ALA D 523 -38.75 0.65 -7.36
C ALA D 523 -38.60 -0.60 -6.48
N PHE D 524 -37.36 -0.88 -6.06
CA PHE D 524 -37.06 -2.03 -5.22
C PHE D 524 -36.27 -1.63 -3.97
N ARG D 525 -36.08 -0.34 -3.72
CA ARG D 525 -35.45 0.12 -2.49
C ARG D 525 -36.52 0.27 -1.41
N TYR D 526 -36.45 -0.61 -0.41
CA TYR D 526 -37.38 -0.60 0.71
C TYR D 526 -36.59 -0.60 2.01
N PRO D 527 -37.08 0.04 3.11
CA PRO D 527 -38.38 0.69 3.11
C PRO D 527 -38.51 1.90 2.20
N GLU D 528 -39.75 2.15 1.76
CA GLU D 528 -40.08 3.25 0.88
C GLU D 528 -40.11 4.55 1.69
N PRO D 529 -39.41 5.62 1.27
CA PRO D 529 -39.46 6.89 1.99
C PRO D 529 -40.83 7.54 1.87
N GLU D 530 -41.32 8.12 2.97
CA GLU D 530 -42.56 8.86 2.96
C GLU D 530 -42.38 10.17 2.20
N ASP D 531 -41.22 10.81 2.39
CA ASP D 531 -40.90 12.09 1.78
C ASP D 531 -39.81 11.89 0.72
N LYS D 532 -40.22 11.84 -0.55
CA LYS D 532 -39.28 11.56 -1.64
C LYS D 532 -38.30 12.72 -1.82
N ALA D 533 -38.74 13.96 -1.57
CA ALA D 533 -37.88 15.12 -1.77
C ALA D 533 -36.66 15.04 -0.84
N LYS D 534 -36.93 14.74 0.44
CA LYS D 534 -35.90 14.58 1.44
C LYS D 534 -35.00 13.41 1.08
N TYR D 535 -35.61 12.28 0.67
CA TYR D 535 -34.89 11.08 0.31
C TYR D 535 -33.83 11.37 -0.76
N VAL D 536 -34.23 12.10 -1.80
CA VAL D 536 -33.33 12.38 -2.91
C VAL D 536 -32.26 13.37 -2.46
N LYS D 537 -32.67 14.44 -1.78
CA LYS D 537 -31.75 15.53 -1.43
C LYS D 537 -30.69 15.10 -0.43
N GLU D 538 -31.00 14.13 0.44
CA GLU D 538 -30.04 13.68 1.44
C GLU D 538 -29.01 12.73 0.83
N ARG D 539 -29.26 12.21 -0.39
CA ARG D 539 -28.39 11.21 -0.99
C ARG D 539 -27.49 11.78 -2.09
N THR D 540 -27.65 13.06 -2.47
CA THR D 540 -26.83 13.64 -3.52
C THR D 540 -25.41 13.83 -2.98
N TRP D 541 -24.41 13.54 -3.84
CA TRP D 541 -23.01 13.70 -3.50
C TRP D 541 -22.66 15.19 -3.37
N ARG D 542 -21.81 15.50 -2.38
CA ARG D 542 -21.44 16.87 -2.08
C ARG D 542 -19.95 17.07 -2.32
N SER D 543 -19.60 18.22 -2.91
CA SER D 543 -18.22 18.51 -3.31
C SER D 543 -17.48 19.29 -2.23
N GLU D 544 -18.15 19.59 -1.11
CA GLU D 544 -17.48 20.22 0.02
C GLU D 544 -16.45 19.26 0.60
N TYR D 545 -15.28 19.79 0.95
CA TYR D 545 -14.24 19.01 1.61
C TYR D 545 -14.73 18.55 2.98
N ASP D 546 -14.26 17.38 3.40
CA ASP D 546 -14.48 16.89 4.76
C ASP D 546 -13.22 17.15 5.58
N SER D 547 -13.39 17.10 6.90
CA SER D 547 -12.28 17.13 7.84
C SER D 547 -11.58 15.77 7.79
N LEU D 548 -10.24 15.80 7.72
CA LEU D 548 -9.45 14.57 7.75
C LEU D 548 -8.57 14.57 9.01
N LEU D 549 -8.94 15.41 9.99
CA LEU D 549 -8.17 15.57 11.21
C LEU D 549 -8.44 14.39 12.14
N PRO D 550 -7.40 13.60 12.54
CA PRO D 550 -7.58 12.57 13.56
C PRO D 550 -8.15 13.15 14.85
N ASP D 551 -8.91 12.33 15.59
CA ASP D 551 -9.60 12.76 16.79
C ASP D 551 -8.68 12.56 18.00
N VAL D 552 -8.17 13.68 18.53
CA VAL D 552 -7.21 13.67 19.62
C VAL D 552 -7.86 14.28 20.86
N TYR D 553 -7.73 13.60 22.00
CA TYR D 553 -8.40 13.99 23.23
C TYR D 553 -7.74 13.30 24.42
N GLU D 554 -7.86 13.93 25.60
CA GLU D 554 -7.31 13.39 26.83
C GLU D 554 -8.26 12.36 27.43
N TRP D 555 -7.68 11.32 28.04
CA TRP D 555 -8.42 10.36 28.85
C TRP D 555 -8.54 10.90 30.28
N PRO D 556 -9.58 10.51 31.04
CA PRO D 556 -9.62 10.77 32.48
C PRO D 556 -8.51 10.01 33.20
N GLU D 557 -7.95 10.64 34.25
CA GLU D 557 -6.84 10.05 35.00
C GLU D 557 -7.37 8.93 35.91
N PRO D 562 -2.40 1.99 38.68
CA PRO D 562 -1.54 1.18 37.82
C PRO D 562 -0.58 0.34 38.65
N PRO D 563 -0.91 -0.94 38.97
CA PRO D 563 -0.05 -1.78 39.79
C PRO D 563 1.24 -2.17 39.09
PA NAD E . -27.85 -9.54 -1.98
PA NAD E . -27.80 -9.58 -1.93
O1A NAD E . -28.89 -8.48 -2.10
O1A NAD E . -28.72 -8.43 -2.11
O2A NAD E . -28.11 -10.85 -2.66
O2A NAD E . -28.13 -10.84 -2.67
O5B NAD E . -27.53 -9.80 -0.43
O5B NAD E . -27.62 -9.91 -0.37
C5B NAD E . -28.56 -9.49 0.53
C5B NAD E . -28.63 -9.46 0.58
C4B NAD E . -27.94 -8.86 1.76
C4B NAD E . -27.95 -8.87 1.80
O4B NAD E . -27.15 -9.84 2.47
O4B NAD E . -27.12 -9.86 2.44
C3B NAD E . -26.99 -7.68 1.52
C3B NAD E . -27.03 -7.67 1.55
O3B NAD E . -27.11 -6.76 2.60
O3B NAD E . -27.18 -6.79 2.67
C2B NAD E . -25.62 -8.36 1.47
C2B NAD E . -25.64 -8.32 1.47
O2B NAD E . -24.58 -7.47 1.82
O2B NAD E . -24.61 -7.42 1.83
C1B NAD E . -25.80 -9.44 2.52
C1B NAD E . -25.79 -9.42 2.51
N9A NAD E . -25.01 -10.64 2.34
N9A NAD E . -24.97 -10.61 2.32
C8A NAD E . -25.06 -11.50 1.27
C8A NAD E . -25.05 -11.49 1.27
N7A NAD E . -24.28 -12.54 1.40
N7A NAD E . -24.28 -12.55 1.41
C5A NAD E . -23.68 -12.37 2.64
C5A NAD E . -23.69 -12.36 2.64
C6A NAD E . -22.75 -13.15 3.36
C6A NAD E . -22.77 -13.15 3.38
N6A NAD E . -22.28 -14.28 2.86
N6A NAD E . -22.32 -14.29 2.89
N1A NAD E . -22.35 -12.70 4.57
N1A NAD E . -22.35 -12.68 4.59
C2A NAD E . -22.86 -11.54 5.02
C2A NAD E . -22.86 -11.51 5.01
N3A NAD E . -23.75 -10.74 4.44
N3A NAD E . -23.72 -10.70 4.42
C4A NAD E . -24.12 -11.21 3.23
C4A NAD E . -24.11 -11.18 3.22
O3 NAD E . -26.45 -8.97 -2.49
O3 NAD E . -26.31 -9.13 -2.30
PN NAD E . -25.97 -7.47 -2.77
PN NAD E . -25.72 -7.71 -2.70
O1N NAD E . -24.53 -7.35 -2.41
O1N NAD E . -24.54 -7.41 -1.84
O2N NAD E . -26.94 -6.53 -2.15
O2N NAD E . -26.83 -6.72 -2.77
O5D NAD E . -26.11 -7.43 -4.37
O5D NAD E . -25.23 -8.07 -4.19
C5D NAD E . -26.28 -8.70 -5.06
C5D NAD E . -26.21 -8.44 -5.17
C4D NAD E . -25.55 -8.66 -6.38
C4D NAD E . -25.60 -8.30 -6.55
O4D NAD E . -24.18 -8.25 -6.17
O4D NAD E . -24.97 -7.01 -6.67
C3D NAD E . -25.39 -10.02 -7.09
C3D NAD E . -24.50 -9.31 -6.89
O3D NAD E . -26.54 -10.31 -7.88
O3D NAD E . -24.46 -9.59 -8.29
C2D NAD E . -24.15 -9.82 -7.97
C2D NAD E . -23.24 -8.60 -6.39
O2D NAD E . -24.46 -9.41 -9.29
O2D NAD E . -22.06 -9.07 -7.04
C1D NAD E . -23.38 -8.69 -7.26
C1D NAD E . -23.56 -7.16 -6.80
N1N NAD E . -22.07 -9.11 -6.73
N1N NAD E . -22.88 -6.12 -6.00
C2N NAD E . -21.25 -9.84 -7.52
C2N NAD E . -23.55 -5.42 -5.05
C3N NAD E . -20.00 -10.23 -7.03
C3N NAD E . -22.87 -4.45 -4.31
C7N NAD E . -19.11 -11.03 -7.91
C7N NAD E . -23.58 -3.66 -3.25
O7N NAD E . -17.96 -11.32 -7.52
O7N NAD E . -22.95 -2.83 -2.57
N7N NAD E . -19.58 -11.44 -9.08
N7N NAD E . -24.88 -3.85 -3.08
C4N NAD E . -19.64 -9.89 -5.74
C4N NAD E . -21.52 -4.22 -4.55
C5N NAD E . -20.50 -9.14 -4.95
C5N NAD E . -20.87 -4.94 -5.52
C6N NAD E . -21.72 -8.76 -5.45
C6N NAD E . -21.54 -5.89 -6.24
C1 EDO F . -18.33 -24.90 3.24
O1 EDO F . -18.02 -26.10 2.57
C2 EDO F . -17.44 -23.78 2.83
O2 EDO F . -17.45 -22.65 3.69
C1 EDO G . -43.80 -28.40 25.94
O1 EDO G . -44.65 -29.55 25.99
C2 EDO G . -43.50 -27.93 24.56
O2 EDO G . -44.50 -27.06 24.02
CL CL H . 1.21 -22.70 4.18
PA NAD I . -30.05 -16.61 37.69
O1A NAD I . -29.10 -16.19 38.75
O2A NAD I . -30.75 -15.55 36.90
O5B NAD I . -31.18 -17.57 38.32
C5B NAD I . -30.81 -18.68 39.18
C4B NAD I . -32.07 -19.25 39.76
O4B NAD I . -31.75 -20.48 40.46
C3B NAD I . -32.79 -18.36 40.81
O3B NAD I . -34.20 -18.43 40.65
C2B NAD I . -32.30 -18.95 42.12
O2B NAD I . -33.12 -18.71 43.24
C1B NAD I . -32.29 -20.43 41.76
N9A NAD I . -31.52 -21.27 42.66
C8A NAD I . -30.26 -21.04 43.14
N7A NAD I . -29.84 -21.98 43.96
C5A NAD I . -30.91 -22.85 44.04
C6A NAD I . -31.11 -24.04 44.78
N6A NAD I . -30.16 -24.52 45.57
N1A NAD I . -32.29 -24.69 44.63
C2A NAD I . -33.20 -24.16 43.80
N3A NAD I . -33.14 -23.04 43.08
C4A NAD I . -31.95 -22.43 43.25
O3 NAD I . -29.29 -17.60 36.69
PN NAD I . -29.55 -17.86 35.13
O1N NAD I . -31.00 -18.18 34.96
O2N NAD I . -28.97 -16.74 34.32
O5D NAD I . -28.66 -19.17 34.88
C5D NAD I . -29.01 -20.40 35.55
C4D NAD I . -28.10 -21.49 35.04
O4D NAD I . -28.40 -21.74 33.64
C3D NAD I . -26.60 -21.16 35.10
O3D NAD I . -25.85 -22.33 35.43
C2D NAD I . -26.29 -20.68 33.69
O2D NAD I . -24.94 -20.80 33.30
C1D NAD I . -27.18 -21.67 32.92
N1N NAD I . -27.46 -21.33 31.51
C2N NAD I . -27.04 -20.16 31.01
C3N NAD I . -27.24 -19.89 29.65
C7N NAD I . -26.78 -18.57 29.13
O7N NAD I . -26.55 -17.63 29.90
N7N NAD I . -26.52 -18.49 27.82
C4N NAD I . -27.90 -20.81 28.85
C5N NAD I . -28.32 -22.01 29.39
C6N NAD I . -28.09 -22.27 30.73
MG MG J . -16.87 -1.39 -0.61
O1 TLA K . -35.07 4.24 5.65
O11 TLA K . -34.10 2.29 5.30
C1 TLA K . -34.16 3.41 5.83
C2 TLA K . -33.03 3.82 6.78
O2 TLA K . -32.70 5.18 6.65
C3 TLA K . -31.78 2.94 6.54
O3 TLA K . -31.46 2.92 5.16
C4 TLA K . -30.60 3.46 7.38
O4 TLA K . -30.78 4.48 8.06
O41 TLA K . -29.53 2.81 7.30
CL CL L . 1.21 -6.04 22.54
PA NAD M . 34.23 -35.38 9.62
PA NAD M . 34.24 -35.37 9.62
O1A NAD M . 33.34 -36.48 9.15
O1A NAD M . 33.38 -36.51 9.16
O2A NAD M . 34.73 -34.39 8.62
O2A NAD M . 34.76 -34.40 8.61
O5B NAD M . 35.49 -36.01 10.36
O5B NAD M . 35.50 -35.95 10.42
C5B NAD M . 35.36 -36.99 11.42
C5B NAD M . 35.36 -37.01 11.41
C4B NAD M . 36.73 -37.54 11.72
C4B NAD M . 36.72 -37.55 11.72
O4B NAD M . 36.64 -38.45 12.86
O4B NAD M . 36.64 -38.45 12.86
C3B NAD M . 37.38 -38.36 10.60
C3B NAD M . 37.38 -38.37 10.59
O3B NAD M . 38.77 -38.12 10.50
O3B NAD M . 38.78 -38.13 10.49
C2B NAD M . 37.08 -39.80 11.03
C2B NAD M . 37.09 -39.81 11.03
O2B NAD M . 37.98 -40.76 10.49
O2B NAD M . 37.98 -40.76 10.49
C1B NAD M . 37.28 -39.66 12.53
C1B NAD M . 37.28 -39.66 12.53
N9A NAD M . 36.71 -40.75 13.30
N9A NAD M . 36.70 -40.75 13.30
C8A NAD M . 35.46 -41.32 13.17
C8A NAD M . 35.46 -41.32 13.17
N7A NAD M . 35.25 -42.31 14.00
N7A NAD M . 35.25 -42.31 14.00
C5A NAD M . 36.43 -42.41 14.71
C5A NAD M . 36.44 -42.42 14.70
C6A NAD M . 36.86 -43.29 15.73
C6A NAD M . 36.86 -43.29 15.73
N6A NAD M . 36.05 -44.23 16.20
N6A NAD M . 36.05 -44.23 16.20
N1A NAD M . 38.11 -43.13 16.23
N1A NAD M . 38.11 -43.13 16.23
C2A NAD M . 38.87 -42.16 15.72
C2A NAD M . 38.87 -42.16 15.72
N3A NAD M . 38.59 -41.28 14.75
N3A NAD M . 38.59 -41.28 14.75
C4A NAD M . 37.34 -41.46 14.29
C4A NAD M . 37.34 -41.46 14.29
O3 NAD M . 33.51 -34.59 10.81
O3 NAD M . 33.47 -34.57 10.77
PN NAD M . 33.57 -33.05 11.24
PN NAD M . 33.57 -33.03 11.23
O1N NAD M . 35.01 -32.67 11.41
O1N NAD M . 35.01 -32.69 11.41
O2N NAD M . 32.74 -32.24 10.30
O2N NAD M . 32.76 -32.19 10.29
O5D NAD M . 32.84 -33.08 12.67
O5D NAD M . 32.83 -33.08 12.65
C5D NAD M . 33.45 -33.80 13.75
C5D NAD M . 33.47 -33.72 13.77
C4D NAD M . 32.61 -33.64 14.99
C4D NAD M . 32.60 -33.58 14.99
O4D NAD M . 32.79 -32.30 15.52
O4D NAD M . 32.73 -32.24 15.53
C3D NAD M . 31.08 -33.80 14.79
C3D NAD M . 31.10 -33.79 14.74
O3D NAD M . 30.47 -34.40 15.92
O3D NAD M . 30.47 -34.42 15.84
C2D NAD M . 30.60 -32.36 14.60
C2D NAD M . 30.57 -32.36 14.56
O2D NAD M . 29.25 -32.16 14.95
O2D NAD M . 29.20 -32.20 14.88
C1D NAD M . 31.52 -31.66 15.61
C1D NAD M . 31.44 -31.65 15.61
N1N NAD M . 31.71 -30.21 15.34
N1N NAD M . 31.58 -30.19 15.39
C2N NAD M . 31.72 -29.36 16.39
C2N NAD M . 30.88 -29.60 14.41
C3N NAD M . 31.88 -28.00 16.15
C3N NAD M . 30.98 -28.22 14.24
C7N NAD M . 31.88 -27.05 17.31
C7N NAD M . 30.22 -27.56 13.13
O7N NAD M . 31.97 -25.83 17.10
O7N NAD M . 30.19 -26.33 13.07
N7N NAD M . 31.83 -27.56 18.53
N7N NAD M . 29.62 -28.33 12.23
C4N NAD M . 32.04 -27.54 14.85
C4N NAD M . 31.81 -27.49 15.06
C5N NAD M . 32.02 -28.44 13.80
C5N NAD M . 32.52 -28.11 16.07
C6N NAD M . 31.87 -29.78 14.05
C6N NAD M . 32.39 -29.48 16.23
O1 TLA N . 29.55 -3.82 -6.23
O11 TLA N . 30.62 -2.26 -5.06
C1 TLA N . 30.50 -3.03 -6.03
C2 TLA N . 31.63 -3.03 -7.07
O2 TLA N . 32.23 -4.30 -7.16
C3 TLA N . 32.68 -1.98 -6.72
O3 TLA N . 33.18 -2.20 -5.41
C4 TLA N . 33.81 -1.99 -7.77
O4 TLA N . 33.94 -0.98 -8.48
O41 TLA N . 34.53 -3.01 -7.83
C1 EDO O . 48.23 -23.66 21.05
O1 EDO O . 48.61 -24.70 21.95
C2 EDO O . 47.65 -22.47 21.72
O2 EDO O . 48.32 -22.08 22.90
PA NAD P . 28.10 4.01 7.53
O1A NAD P . 29.52 4.44 7.55
O2A NAD P . 27.19 4.55 8.57
O5B NAD P . 27.99 2.41 7.55
C5B NAD P . 29.08 1.56 7.12
C4B NAD P . 28.51 0.36 6.41
O4B NAD P . 27.85 -0.51 7.37
C3B NAD P . 27.46 0.64 5.33
O3B NAD P . 27.57 -0.32 4.29
C2B NAD P . 26.13 0.50 6.11
O2B NAD P . 25.09 0.08 5.26
C1B NAD P . 26.47 -0.62 7.08
N9A NAD P . 25.80 -0.62 8.37
C8A NAD P . 25.89 0.34 9.36
N7A NAD P . 25.26 0.01 10.47
C5A NAD P . 24.76 -1.26 10.20
C6A NAD P . 24.01 -2.16 10.97
N6A NAD P . 23.65 -1.85 12.22
N1A NAD P . 23.66 -3.34 10.42
C2A NAD P . 24.05 -3.59 9.16
N3A NAD P . 24.77 -2.82 8.33
C4A NAD P . 25.10 -1.66 8.92
O3 NAD P . 27.48 4.36 6.10
PN NAD P . 25.94 4.59 5.70
O1N NAD P . 25.13 4.59 6.96
O2N NAD P . 25.57 3.61 4.64
O5D NAD P . 25.95 6.07 5.07
C5D NAD P . 26.64 7.19 5.70
C4D NAD P . 25.66 8.26 6.11
O4D NAD P . 24.65 8.44 5.09
C3D NAD P . 24.90 7.97 7.42
O3D NAD P . 24.79 9.17 8.20
C2D NAD P . 23.53 7.47 6.93
O2D NAD P . 22.48 7.74 7.84
C1D NAD P . 23.36 8.27 5.65
N1N NAD P . 22.48 7.62 4.64
C2N NAD P . 23.02 6.77 3.73
C3N NAD P . 22.18 6.14 2.81
C7N NAD P . 22.77 5.21 1.79
O7N NAD P . 22.02 4.53 1.07
N7N NAD P . 24.09 5.20 1.64
C4N NAD P . 20.82 6.40 2.82
C5N NAD P . 20.30 7.26 3.76
C6N NAD P . 21.13 7.86 4.67
MG MG Q . 16.39 2.28 0.28
O1 TLA R . 29.12 9.91 5.97
O11 TLA R . 27.57 10.99 7.13
C1 TLA R . 28.72 10.55 6.96
C2 TLA R . 29.74 10.83 8.08
O2 TLA R . 30.03 12.21 8.15
C3 TLA R . 31.03 10.03 7.86
O3 TLA R . 31.56 10.27 6.58
C4 TLA R . 32.06 10.36 8.96
O4 TLA R . 33.18 9.83 8.86
O41 TLA R . 31.71 11.14 9.86
C1 EDO S . 41.92 34.26 -18.84
O1 EDO S . 42.13 32.97 -19.37
C2 EDO S . 42.90 35.26 -19.32
O2 EDO S . 43.02 35.30 -20.73
CL CL T . 0.51 7.21 -22.78
PA NAD U . 28.28 3.16 -6.44
O1A NAD U . 29.24 3.08 -5.29
O2A NAD U . 28.76 2.67 -7.76
O5B NAD U . 27.75 4.67 -6.59
C5B NAD U . 28.59 5.75 -6.11
C4B NAD U . 27.76 6.81 -5.45
O4B NAD U . 26.94 7.48 -6.45
C3B NAD U . 26.76 6.36 -4.38
O3B NAD U . 26.68 7.38 -3.39
C2B NAD U . 25.46 6.17 -5.19
O2B NAD U . 24.32 6.29 -4.38
C1B NAD U . 25.57 7.33 -6.17
N9A NAD U . 24.93 7.17 -7.47
C8A NAD U . 25.23 6.25 -8.44
N7A NAD U . 24.59 6.44 -9.56
C5A NAD U . 23.85 7.60 -9.34
C6A NAD U . 22.97 8.35 -10.14
N6A NAD U . 22.71 7.97 -11.39
N1A NAD U . 22.39 9.45 -9.61
C2A NAD U . 22.69 9.77 -8.35
N3A NAD U . 23.51 9.15 -7.50
C4A NAD U . 24.07 8.06 -8.06
O3 NAD U . 26.95 2.38 -6.01
PN NAD U . 26.37 2.24 -4.53
O1N NAD U . 27.29 2.93 -3.58
O2N NAD U . 24.93 2.64 -4.54
O5D NAD U . 26.47 0.66 -4.27
C5D NAD U . 27.59 -0.14 -4.73
C4D NAD U . 27.08 -1.49 -5.15
O4D NAD U . 26.12 -1.96 -4.17
C3D NAD U . 26.33 -1.53 -6.51
O3D NAD U . 26.58 -2.75 -7.18
C2D NAD U . 24.86 -1.37 -6.09
O2D NAD U . 23.95 -1.96 -7.00
C1D NAD U . 24.85 -2.15 -4.78
N1N NAD U . 23.79 -1.69 -3.84
C2N NAD U . 24.06 -0.75 -2.91
C3N NAD U . 23.05 -0.33 -2.05
C7N NAD U . 23.35 0.72 -1.01
O7N NAD U . 22.44 1.15 -0.30
N7N NAD U . 24.60 1.13 -0.88
C4N NAD U . 21.78 -0.86 -2.15
C5N NAD U . 21.52 -1.82 -3.13
C6N NAD U . 22.53 -2.23 -3.96
PA NAD V . 25.13 42.16 -9.66
O1A NAD V . 23.94 42.98 -9.26
O2A NAD V . 25.71 41.22 -8.67
O5B NAD V . 26.28 43.13 -10.21
C5B NAD V . 25.96 44.25 -11.06
C4B NAD V . 27.18 45.12 -11.22
O4B NAD V . 26.99 45.99 -12.36
C3B NAD V . 27.51 46.04 -10.04
O3B NAD V . 28.92 46.09 -9.83
C2B NAD V . 27.01 47.41 -10.52
O2B NAD V . 27.69 48.49 -9.90
C1B NAD V . 27.37 47.30 -12.00
N9A NAD V . 26.66 48.24 -12.87
C8A NAD V . 25.31 48.48 -12.94
N7A NAD V . 24.99 49.38 -13.84
C5A NAD V . 26.20 49.77 -14.38
C6A NAD V . 26.54 50.70 -15.39
N6A NAD V . 25.60 51.42 -15.99
N1A NAD V . 27.85 50.85 -15.70
C2A NAD V . 28.75 50.10 -15.06
N3A NAD V . 28.55 49.19 -14.10
C4A NAD V . 27.24 49.07 -13.80
O3 NAD V . 24.72 41.28 -10.93
PN NAD V . 25.33 39.86 -11.37
O1N NAD V . 26.81 40.03 -11.37
O2N NAD V . 24.73 38.76 -10.55
O5D NAD V . 24.77 39.74 -12.87
C5D NAD V . 25.11 40.73 -13.85
C4D NAD V . 24.63 40.24 -15.20
O4D NAD V . 25.34 39.03 -15.54
C3D NAD V . 23.12 39.91 -15.29
O3D NAD V . 22.54 40.39 -16.49
C2D NAD V . 23.09 38.37 -15.25
O2D NAD V . 22.01 37.79 -15.97
C1D NAD V . 24.40 38.06 -15.98
N1N NAD V . 24.93 36.70 -15.74
C2N NAD V . 25.13 35.89 -16.79
C3N NAD V . 25.62 34.59 -16.56
C7N NAD V . 25.85 33.68 -17.73
O7N NAD V . 26.28 32.52 -17.54
N7N NAD V . 25.60 34.13 -18.96
C4N NAD V . 25.87 34.16 -15.26
C5N NAD V . 25.64 35.02 -14.20
C6N NAD V . 25.17 36.29 -14.44
O1 TLA W . -33.65 -10.48 -7.78
O11 TLA W . -32.00 -11.94 -8.06
C1 TLA W . -32.44 -10.78 -7.85
C2 TLA W . -31.41 -9.66 -7.66
O2 TLA W . -32.02 -8.38 -7.78
C3 TLA W . -30.27 -9.80 -8.67
O3 TLA W . -30.78 -9.87 -9.98
C4 TLA W . -29.28 -8.65 -8.51
O4 TLA W . -28.20 -8.72 -9.14
O41 TLA W . -29.62 -7.70 -7.77
CL CL X . -3.98 23.17 -4.37
PA NAD Y . -30.55 10.90 -38.57
O1A NAD Y . -29.40 10.62 -39.48
O2A NAD Y . -30.98 9.86 -37.60
O5B NAD Y . -31.81 11.36 -39.44
C5B NAD Y . -31.66 12.38 -40.48
C4B NAD Y . -32.94 12.49 -41.25
O4B NAD Y . -32.94 13.73 -42.01
C3B NAD Y . -33.22 11.38 -42.28
O3B NAD Y . -34.59 10.99 -42.29
C2B NAD Y . -32.83 12.04 -43.61
O2B NAD Y . -33.51 11.48 -44.72
C1B NAD Y . -33.29 13.47 -43.35
N9A NAD Y . -32.66 14.47 -44.21
C8A NAD Y . -31.32 14.68 -44.38
N7A NAD Y . -31.04 15.65 -45.20
C5A NAD Y . -32.28 16.11 -45.61
C6A NAD Y . -32.67 17.14 -46.50
N6A NAD Y . -31.76 17.88 -47.13
N1A NAD Y . -34.00 17.35 -46.69
C2A NAD Y . -34.87 16.57 -46.02
N3A NAD Y . -34.61 15.59 -45.17
C4A NAD Y . -33.29 15.39 -45.01
O3 NAD Y . -30.20 12.20 -37.71
PN NAD Y . -30.60 12.43 -36.18
O1N NAD Y . -29.81 11.50 -35.31
O2N NAD Y . -32.09 12.35 -36.11
O5D NAD Y . -30.10 13.93 -35.92
C5D NAD Y . -30.63 15.00 -36.74
C4D NAD Y . -30.29 16.32 -36.09
O4D NAD Y . -30.89 16.36 -34.77
C3D NAD Y . -28.79 16.60 -35.89
O3D NAD Y . -28.41 17.86 -36.42
C2D NAD Y . -28.58 16.56 -34.36
O2D NAD Y . -27.64 17.53 -33.88
C1D NAD Y . -29.97 16.95 -33.87
N1N NAD Y . -30.27 16.49 -32.49
C2N NAD Y . -30.55 17.40 -31.54
C3N NAD Y . -30.82 16.98 -30.25
C7N NAD Y . -31.13 18.00 -29.19
O7N NAD Y . -31.46 17.64 -28.05
N7N NAD Y . -31.04 19.29 -29.52
C4N NAD Y . -30.80 15.62 -29.95
C5N NAD Y . -30.51 14.70 -30.93
C6N NAD Y . -30.24 15.14 -32.22
C1 EDO Z . -47.56 20.49 -30.16
C1 EDO Z . -48.10 18.71 -29.09
O1 EDO Z . -46.40 20.78 -30.90
O1 EDO Z . -48.78 17.82 -29.95
C2 EDO Z . -47.58 21.14 -28.83
C2 EDO Z . -47.85 18.13 -27.74
O2 EDO Z . -47.09 22.47 -28.85
O2 EDO Z . -47.91 19.12 -26.74
PA NAD AA . -29.55 4.09 0.09
O1A NAD AA . -30.98 4.30 0.42
O2A NAD AA . -28.54 4.89 0.84
O5B NAD AA . -29.33 4.32 -1.49
C5B NAD AA . -30.20 3.67 -2.44
C4B NAD AA . -29.40 3.19 -3.63
O4B NAD AA . -28.78 4.33 -4.29
C3B NAD AA . -28.25 2.22 -3.35
O3B NAD AA . -28.15 1.31 -4.43
C2B NAD AA . -27.02 3.14 -3.25
O2B NAD AA . -25.84 2.47 -3.65
C1B NAD AA . -27.37 4.20 -4.29
N9A NAD AA . -26.87 5.55 -4.06
C8A NAD AA . -27.21 6.40 -3.03
N7A NAD AA . -26.70 7.60 -3.16
C5A NAD AA . -26.01 7.56 -4.36
C6A NAD AA . -25.26 8.52 -5.06
N6A NAD AA . -25.11 9.75 -4.58
N1A NAD AA . -24.69 8.15 -6.24
C2A NAD AA . -24.88 6.89 -6.66
N3A NAD AA . -25.57 5.90 -6.09
C4A NAD AA . -26.12 6.30 -4.93
O3 NAD AA . -29.19 2.54 0.22
PN NAD AA . -27.90 1.74 0.73
O1N NAD AA . -26.69 2.26 0.00
O2N NAD AA . -28.22 0.29 0.66
O5D NAD AA . -27.82 2.24 2.25
C5D NAD AA . -28.25 1.38 3.34
C4D NAD AA . -27.65 1.89 4.63
O4D NAD AA . -26.46 1.12 4.95
C3D NAD AA . -27.20 3.36 4.66
O3D NAD AA . -27.39 3.94 5.94
C2D NAD AA . -25.73 3.28 4.27
O2D NAD AA . -24.95 4.36 4.77
C1D NAD AA . -25.32 1.98 4.98
N1N NAD AA . -24.18 1.27 4.36
C2N NAD AA . -24.41 0.42 3.34
C3N NAD AA . -23.31 -0.23 2.76
C7N NAD AA . -23.56 -1.19 1.64
O7N NAD AA . -22.59 -1.70 1.03
N7N NAD AA . -24.81 -1.49 1.32
C4N NAD AA . -22.03 -0.01 3.24
C5N NAD AA . -21.84 0.86 4.29
C6N NAD AA . -22.92 1.51 4.85
#